data_8UZO
#
_entry.id   8UZO
#
_cell.length_a   83.801
_cell.length_b   100.578
_cell.length_c   123.753
_cell.angle_alpha   90.00
_cell.angle_beta   95.90
_cell.angle_gamma   90.00
#
_symmetry.space_group_name_H-M   'P 1 21 1'
#
loop_
_entity.id
_entity.type
_entity.pdbx_description
1 polymer 'Betaine aldehyde dehydrogenase'
2 non-polymer "ADENOSINE-5'-DIPHOSPHATE"
3 non-polymer 'SODIUM ION'
4 water water
#
_entity_poly.entity_id   1
_entity_poly.type   'polypeptide(L)'
_entity_poly.pdbx_seq_one_letter_code
;MAHHHHHHHMSRMAEQQLYIHGKFVAATSGKTFETINPATGEVLATVQAAGREDVDRAVKSAQQGQKVWAAMSAMARSRI
LRKAVDILRERNDELARLETLDTGKPLSETAAVDIVTGADVLEYYAGLIPALEGSQIPLRDSSFVYTRREPLGVVAGIGA
WNYPIQIALWKSAPALAAGNAMIFKPSEVTPLTALKLAEIYREAGLPDGVFNVLPGIGAETGQYLTEHPDIAKISFTGGV
ASGKKVMANSAASSLKEVTMELGGKSPLIIAEDANLDLAADIAMMANFYSSGQVCTNGTRVFVPAKFKAEFEHKILERVG
RIRAGDLFADDTNFGPLVSFPHRQNVLRYIESGKSEGARLLCGGDVLKGEGFDNGAWVAPTVFTDCTDDMTIVREEIFGP
VMSILSYDDEAEVIRRANATEYGLAAGVVTPDLNRAHRIIHQLEAGICWINSWGESPAEMPVGGYKHSGIGRENGVMTLQ
SYTQVKSIQVEMGPFQSIF
;
_entity_poly.pdbx_strand_id   A,B,C,D
#
loop_
_chem_comp.id
_chem_comp.type
_chem_comp.name
_chem_comp.formula
ADP non-polymer ADENOSINE-5'-DIPHOSPHATE 'C10 H15 N5 O10 P2'
NA non-polymer 'SODIUM ION' 'Na 1'
#
# COMPACT_ATOMS: atom_id res chain seq x y z
N ARG A 12 -22.86 40.52 22.86
CA ARG A 12 -21.85 39.86 23.66
C ARG A 12 -22.38 38.50 24.10
N MET A 13 -21.48 37.53 24.20
CA MET A 13 -21.82 36.16 24.55
C MET A 13 -21.59 35.92 26.04
N ALA A 14 -22.17 34.83 26.53
CA ALA A 14 -21.89 34.37 27.88
C ALA A 14 -20.43 33.93 28.01
N GLU A 15 -19.94 33.97 29.25
CA GLU A 15 -18.57 33.53 29.53
C GLU A 15 -18.38 32.10 29.05
N GLN A 16 -17.24 31.86 28.40
CA GLN A 16 -16.93 30.56 27.80
C GLN A 16 -16.03 29.77 28.76
N GLN A 17 -16.38 28.52 28.99
CA GLN A 17 -15.67 27.69 29.95
C GLN A 17 -14.80 26.68 29.22
N LEU A 18 -14.07 25.87 29.99
CA LEU A 18 -13.33 24.75 29.42
C LEU A 18 -14.31 23.64 29.08
N TYR A 19 -13.90 22.79 28.12
CA TYR A 19 -14.68 21.61 27.77
C TYR A 19 -13.84 20.38 28.07
N ILE A 20 -14.16 19.72 29.19
CA ILE A 20 -13.45 18.52 29.64
C ILE A 20 -14.47 17.43 29.92
N HIS A 21 -14.28 16.29 29.26
CA HIS A 21 -15.05 15.08 29.54
C HIS A 21 -16.55 15.28 29.28
N GLY A 22 -16.87 15.85 28.13
CA GLY A 22 -18.24 15.86 27.70
C GLY A 22 -19.11 16.94 28.30
N LYS A 23 -18.53 17.91 29.00
CA LYS A 23 -19.30 18.98 29.59
C LYS A 23 -18.41 20.21 29.72
N PHE A 24 -19.03 21.38 29.66
CA PHE A 24 -18.33 22.59 30.01
C PHE A 24 -18.05 22.60 31.50
N VAL A 25 -16.88 23.11 31.88
CA VAL A 25 -16.46 23.08 33.27
C VAL A 25 -15.59 24.30 33.53
N ALA A 26 -15.75 24.86 34.73
CA ALA A 26 -14.97 26.03 35.13
C ALA A 26 -13.50 25.67 35.24
N ALA A 27 -12.65 26.60 34.82
CA ALA A 27 -11.22 26.47 35.03
C ALA A 27 -10.89 26.69 36.51
N THR A 28 -9.87 25.98 36.97
CA THR A 28 -9.40 26.14 38.34
C THR A 28 -8.19 27.05 38.41
N SER A 29 -7.81 27.67 37.28
CA SER A 29 -6.71 28.61 37.28
C SER A 29 -7.09 29.97 37.85
N GLY A 30 -8.38 30.29 37.87
CA GLY A 30 -8.83 31.61 38.25
C GLY A 30 -8.64 32.67 37.21
N LYS A 31 -8.00 32.36 36.09
CA LYS A 31 -7.65 33.33 35.07
C LYS A 31 -8.61 33.30 33.90
N THR A 32 -8.72 34.44 33.22
CA THR A 32 -9.57 34.57 32.05
C THR A 32 -8.87 35.47 31.04
N PHE A 33 -9.38 35.47 29.82
CA PHE A 33 -8.95 36.39 28.79
C PHE A 33 -10.18 36.72 27.93
N GLU A 34 -10.03 37.73 27.07
CA GLU A 34 -11.10 38.18 26.19
C GLU A 34 -10.72 37.95 24.72
N THR A 35 -11.70 37.57 23.92
CA THR A 35 -11.56 37.57 22.47
C THR A 35 -12.41 38.68 21.86
N ILE A 36 -11.81 39.40 20.92
CA ILE A 36 -12.38 40.59 20.32
C ILE A 36 -12.94 40.25 18.94
N ASN A 37 -13.90 41.06 18.51
CA ASN A 37 -14.31 41.08 17.12
C ASN A 37 -13.39 42.02 16.38
N PRO A 38 -12.50 41.55 15.50
CA PRO A 38 -11.52 42.46 14.89
C PRO A 38 -12.14 43.48 13.94
N ALA A 39 -13.41 43.32 13.56
CA ALA A 39 -14.07 44.33 12.75
C ALA A 39 -14.52 45.53 13.58
N THR A 40 -14.80 45.34 14.86
CA THR A 40 -15.40 46.40 15.68
C THR A 40 -14.61 46.70 16.94
N GLY A 41 -13.70 45.83 17.36
CA GLY A 41 -12.98 46.01 18.61
C GLY A 41 -13.77 45.63 19.84
N GLU A 42 -15.02 45.25 19.69
CA GLU A 42 -15.86 44.91 20.82
C GLU A 42 -15.50 43.55 21.39
N VAL A 43 -15.68 43.40 22.70
CA VAL A 43 -15.41 42.11 23.34
C VAL A 43 -16.50 41.15 22.90
N LEU A 44 -16.08 40.05 22.28
CA LEU A 44 -17.01 39.02 21.86
C LEU A 44 -17.43 38.16 23.03
N ALA A 45 -16.48 37.80 23.89
CA ALA A 45 -16.76 36.97 25.05
C ALA A 45 -15.55 36.99 25.96
N THR A 46 -15.80 36.82 27.25
CA THR A 46 -14.76 36.50 28.22
C THR A 46 -14.57 34.99 28.24
N VAL A 47 -13.31 34.56 28.26
CA VAL A 47 -12.97 33.15 28.11
C VAL A 47 -12.07 32.71 29.24
N GLN A 48 -12.40 31.58 29.85
CA GLN A 48 -11.59 31.02 30.93
C GLN A 48 -10.33 30.37 30.37
N ALA A 49 -9.24 30.52 31.10
CA ALA A 49 -7.94 29.98 30.70
C ALA A 49 -7.62 28.75 31.53
N ALA A 50 -7.13 27.71 30.86
CA ALA A 50 -6.86 26.44 31.52
C ALA A 50 -5.51 26.49 32.21
N GLY A 51 -5.49 26.15 33.50
CA GLY A 51 -4.26 26.10 34.24
C GLY A 51 -3.59 24.74 34.17
N ARG A 52 -2.48 24.62 34.90
CA ARG A 52 -1.72 23.38 34.86
C ARG A 52 -2.53 22.21 35.40
N GLU A 53 -3.29 22.42 36.47
CA GLU A 53 -4.13 21.35 36.99
C GLU A 53 -5.28 21.02 36.04
N ASP A 54 -5.78 22.02 35.30
CA ASP A 54 -6.84 21.75 34.33
C ASP A 54 -6.32 20.84 33.22
N VAL A 55 -5.08 21.06 32.79
CA VAL A 55 -4.48 20.20 31.77
C VAL A 55 -4.37 18.78 32.28
N ASP A 56 -3.95 18.61 33.54
CA ASP A 56 -3.85 17.27 34.09
C ASP A 56 -5.22 16.60 34.13
N ARG A 57 -6.25 17.36 34.49
CA ARG A 57 -7.60 16.81 34.49
C ARG A 57 -8.00 16.40 33.08
N ALA A 58 -7.68 17.23 32.09
CA ALA A 58 -8.05 16.93 30.72
C ALA A 58 -7.33 15.68 30.23
N VAL A 59 -6.06 15.52 30.60
CA VAL A 59 -5.31 14.34 30.20
C VAL A 59 -5.89 13.09 30.84
N LYS A 60 -6.26 13.21 32.11
CA LYS A 60 -6.84 12.06 32.80
C LYS A 60 -8.21 11.72 32.22
N SER A 61 -8.99 12.73 31.84
CA SER A 61 -10.23 12.53 31.11
C SER A 61 -9.96 11.88 29.76
N ALA A 62 -8.98 12.41 29.02
CA ALA A 62 -8.66 11.89 27.70
C ALA A 62 -8.22 10.44 27.76
N GLN A 63 -7.41 10.09 28.76
CA GLN A 63 -6.94 8.70 28.88
C GLN A 63 -8.12 7.76 29.06
N GLN A 64 -9.08 8.13 29.92
CA GLN A 64 -10.24 7.28 30.13
C GLN A 64 -11.11 7.18 28.89
N GLY A 65 -11.37 8.31 28.22
CA GLY A 65 -12.17 8.27 27.01
C GLY A 65 -11.50 7.47 25.90
N GLN A 66 -10.18 7.60 25.77
CA GLN A 66 -9.48 6.94 24.68
C GLN A 66 -9.66 5.43 24.74
N LYS A 67 -9.66 4.86 25.94
CA LYS A 67 -9.81 3.42 26.07
C LYS A 67 -11.18 2.97 25.57
N VAL A 68 -12.24 3.70 25.93
CA VAL A 68 -13.56 3.41 25.41
C VAL A 68 -13.59 3.53 23.89
N TRP A 69 -13.04 4.63 23.37
CA TRP A 69 -13.03 4.87 21.93
C TRP A 69 -12.30 3.77 21.18
N ALA A 70 -11.11 3.40 21.66
CA ALA A 70 -10.31 2.41 20.94
C ALA A 70 -10.94 1.03 21.02
N ALA A 71 -11.70 0.74 22.08
CA ALA A 71 -12.31 -0.58 22.21
C ALA A 71 -13.53 -0.76 21.32
N MET A 72 -14.12 0.32 20.82
CA MET A 72 -15.21 0.21 19.88
C MET A 72 -14.72 -0.35 18.56
N SER A 73 -15.67 -0.87 17.77
CA SER A 73 -15.36 -1.33 16.44
C SER A 73 -14.99 -0.14 15.53
N ALA A 74 -14.24 -0.46 14.46
CA ALA A 74 -13.85 0.58 13.52
C ALA A 74 -15.07 1.29 12.93
N MET A 75 -16.09 0.52 12.56
CA MET A 75 -17.27 1.13 11.96
C MET A 75 -18.09 1.90 12.98
N ALA A 76 -18.07 1.47 14.24
CA ALA A 76 -18.71 2.26 15.29
C ALA A 76 -18.06 3.63 15.41
N ARG A 77 -16.73 3.69 15.32
CA ARG A 77 -16.04 4.98 15.31
C ARG A 77 -16.41 5.77 14.05
N SER A 78 -16.45 5.09 12.90
CA SER A 78 -16.77 5.76 11.65
CA SER A 78 -16.78 5.77 11.65
C SER A 78 -18.16 6.40 11.71
N ARG A 79 -19.14 5.69 12.27
CA ARG A 79 -20.50 6.21 12.29
C ARG A 79 -20.60 7.46 13.17
N ILE A 80 -19.87 7.49 14.29
CA ILE A 80 -19.91 8.66 15.15
C ILE A 80 -19.32 9.87 14.45
N LEU A 81 -18.19 9.70 13.77
CA LEU A 81 -17.58 10.85 13.11
C LEU A 81 -18.45 11.35 11.95
N ARG A 82 -19.13 10.45 11.24
CA ARG A 82 -20.02 10.88 10.17
C ARG A 82 -21.24 11.62 10.72
N LYS A 83 -21.71 11.25 11.91
CA LYS A 83 -22.77 12.03 12.53
C LYS A 83 -22.30 13.44 12.84
N ALA A 84 -21.05 13.59 13.29
CA ALA A 84 -20.50 14.93 13.48
C ALA A 84 -20.44 15.68 12.15
N VAL A 85 -20.05 14.99 11.07
CA VAL A 85 -20.04 15.63 9.76
C VAL A 85 -21.42 16.18 9.43
N ASP A 86 -22.46 15.36 9.62
CA ASP A 86 -23.82 15.78 9.30
C ASP A 86 -24.21 17.02 10.08
N ILE A 87 -23.84 17.08 11.37
CA ILE A 87 -24.12 18.27 12.16
C ILE A 87 -23.37 19.48 11.59
N LEU A 88 -22.12 19.29 11.19
CA LEU A 88 -21.34 20.40 10.65
C LEU A 88 -21.93 20.91 9.36
N ARG A 89 -22.44 20.02 8.50
CA ARG A 89 -23.10 20.45 7.28
C ARG A 89 -24.34 21.29 7.58
N GLU A 90 -25.13 20.87 8.58
CA GLU A 90 -26.36 21.58 8.90
C GLU A 90 -26.08 22.97 9.46
N ARG A 91 -25.07 23.11 10.32
CA ARG A 91 -24.80 24.37 10.98
C ARG A 91 -23.73 25.19 10.25
N ASN A 92 -23.47 24.87 8.98
CA ASN A 92 -22.37 25.51 8.27
C ASN A 92 -22.44 27.03 8.38
N ASP A 93 -23.62 27.61 8.15
CA ASP A 93 -23.74 29.06 8.09
C ASP A 93 -23.61 29.70 9.48
N GLU A 94 -24.21 29.09 10.49
CA GLU A 94 -24.09 29.61 11.86
C GLU A 94 -22.63 29.55 12.33
N LEU A 95 -21.96 28.43 12.08
CA LEU A 95 -20.56 28.32 12.48
C LEU A 95 -19.71 29.31 11.70
N ALA A 96 -20.00 29.50 10.41
CA ALA A 96 -19.24 30.46 9.63
C ALA A 96 -19.41 31.87 10.18
N ARG A 97 -20.63 32.23 10.59
CA ARG A 97 -20.85 33.56 11.15
C ARG A 97 -20.07 33.76 12.43
N LEU A 98 -20.04 32.77 13.30
CA LEU A 98 -19.22 32.87 14.52
C LEU A 98 -17.75 33.02 14.16
N GLU A 99 -17.30 32.24 13.17
CA GLU A 99 -15.92 32.35 12.72
C GLU A 99 -15.61 33.74 12.19
N THR A 100 -16.54 34.31 11.42
CA THR A 100 -16.36 35.67 10.91
C THR A 100 -16.27 36.67 12.05
N LEU A 101 -17.12 36.52 13.07
CA LEU A 101 -17.07 37.43 14.22
C LEU A 101 -15.72 37.35 14.92
N ASP A 102 -15.20 36.12 15.10
CA ASP A 102 -14.00 35.91 15.89
C ASP A 102 -12.73 36.24 15.12
N THR A 103 -12.73 36.05 13.79
CA THR A 103 -11.52 36.21 12.99
C THR A 103 -11.47 37.47 12.14
N GLY A 104 -12.63 38.02 11.79
CA GLY A 104 -12.67 39.11 10.82
C GLY A 104 -12.61 38.67 9.37
N LYS A 105 -12.72 37.40 9.09
CA LYS A 105 -12.72 36.96 7.70
C LYS A 105 -14.13 37.12 7.13
N PRO A 106 -14.25 37.51 5.86
CA PRO A 106 -15.60 37.70 5.30
C PRO A 106 -16.41 36.42 5.34
N LEU A 107 -17.73 36.59 5.56
CA LEU A 107 -18.63 35.44 5.54
C LEU A 107 -18.62 34.74 4.19
N SER A 108 -18.36 35.49 3.11
CA SER A 108 -18.24 34.87 1.80
C SER A 108 -17.12 33.81 1.78
N GLU A 109 -16.11 33.97 2.64
CA GLU A 109 -15.09 32.94 2.79
C GLU A 109 -15.52 31.86 3.78
N THR A 110 -15.89 32.25 5.00
CA THR A 110 -16.08 31.27 6.07
C THR A 110 -17.20 30.31 5.75
N ALA A 111 -18.25 30.78 5.07
CA ALA A 111 -19.37 29.91 4.77
C ALA A 111 -19.11 28.99 3.60
N ALA A 112 -18.07 29.25 2.81
CA ALA A 112 -17.75 28.40 1.66
C ALA A 112 -16.52 27.53 1.84
N VAL A 113 -15.64 27.85 2.77
CA VAL A 113 -14.37 27.13 2.89
C VAL A 113 -14.21 26.50 4.26
N ASP A 114 -14.30 27.30 5.31
CA ASP A 114 -13.76 26.90 6.61
C ASP A 114 -14.41 25.60 7.10
N ILE A 115 -15.73 25.61 7.29
CA ILE A 115 -16.38 24.40 7.77
C ILE A 115 -16.51 23.36 6.66
N VAL A 116 -16.74 23.80 5.42
CA VAL A 116 -16.90 22.86 4.31
C VAL A 116 -15.68 21.97 4.19
N THR A 117 -14.49 22.57 4.14
CA THR A 117 -13.28 21.79 3.98
C THR A 117 -12.83 21.13 5.27
N GLY A 118 -13.25 21.66 6.43
CA GLY A 118 -12.98 20.96 7.67
C GLY A 118 -13.81 19.70 7.79
N ALA A 119 -15.11 19.80 7.48
CA ALA A 119 -15.97 18.62 7.51
C ALA A 119 -15.56 17.62 6.43
N ASP A 120 -15.11 18.11 5.27
CA ASP A 120 -14.63 17.22 4.22
C ASP A 120 -13.54 16.28 4.73
N VAL A 121 -12.59 16.81 5.50
CA VAL A 121 -11.50 15.99 6.00
C VAL A 121 -12.00 15.01 7.05
N LEU A 122 -12.89 15.45 7.94
CA LEU A 122 -13.50 14.54 8.91
C LEU A 122 -14.27 13.44 8.20
N GLU A 123 -15.07 13.81 7.20
CA GLU A 123 -15.80 12.82 6.42
C GLU A 123 -14.85 11.84 5.76
N TYR A 124 -13.77 12.36 5.16
CA TYR A 124 -12.78 11.51 4.51
C TYR A 124 -12.21 10.48 5.49
N TYR A 125 -11.74 10.92 6.66
CA TYR A 125 -11.10 9.98 7.57
C TYR A 125 -12.10 9.01 8.20
N ALA A 126 -13.33 9.46 8.43
CA ALA A 126 -14.36 8.57 8.97
C ALA A 126 -14.49 7.31 8.16
N GLY A 127 -14.41 7.43 6.83
CA GLY A 127 -14.56 6.28 5.98
C GLY A 127 -13.33 5.41 5.88
N LEU A 128 -12.15 5.96 6.20
CA LEU A 128 -10.91 5.18 6.14
C LEU A 128 -10.61 4.37 7.40
N ILE A 129 -11.31 4.62 8.50
CA ILE A 129 -11.01 3.88 9.74
C ILE A 129 -10.97 2.38 9.50
N PRO A 130 -11.94 1.76 8.82
CA PRO A 130 -11.90 0.30 8.65
C PRO A 130 -10.74 -0.18 7.80
N ALA A 131 -10.10 0.69 7.02
CA ALA A 131 -8.98 0.31 6.17
C ALA A 131 -7.62 0.42 6.86
N LEU A 132 -7.57 0.91 8.09
CA LEU A 132 -6.31 1.00 8.82
C LEU A 132 -5.88 -0.41 9.19
N GLU A 133 -4.78 -0.86 8.59
CA GLU A 133 -4.37 -2.25 8.67
C GLU A 133 -2.89 -2.32 9.00
N GLY A 134 -2.51 -3.37 9.72
CA GLY A 134 -1.12 -3.75 9.86
C GLY A 134 -0.71 -4.67 8.72
N SER A 135 0.45 -5.30 8.91
CA SER A 135 1.03 -6.16 7.90
CA SER A 135 1.03 -6.16 7.90
C SER A 135 1.41 -7.50 8.52
N GLN A 136 1.65 -8.49 7.65
CA GLN A 136 2.12 -9.80 8.06
C GLN A 136 3.29 -10.16 7.16
N ILE A 137 4.34 -10.71 7.77
CA ILE A 137 5.60 -10.90 7.06
C ILE A 137 6.07 -12.32 7.38
N PRO A 138 6.03 -13.25 6.43
CA PRO A 138 6.58 -14.59 6.71
C PRO A 138 8.10 -14.55 6.74
N LEU A 139 8.68 -15.12 7.79
CA LEU A 139 10.12 -15.27 7.89
C LEU A 139 10.58 -16.65 7.46
N ARG A 140 9.86 -17.69 7.87
CA ARG A 140 10.18 -19.09 7.59
C ARG A 140 8.94 -19.87 8.00
N ASP A 141 8.95 -21.17 7.72
CA ASP A 141 7.80 -21.99 8.05
C ASP A 141 7.49 -21.91 9.54
N SER A 142 8.52 -21.75 10.37
CA SER A 142 8.35 -21.83 11.81
C SER A 142 8.24 -20.47 12.49
N SER A 143 8.21 -19.37 11.73
CA SER A 143 8.13 -18.06 12.36
C SER A 143 7.56 -17.04 11.39
N PHE A 144 6.80 -16.10 11.93
CA PHE A 144 6.27 -15.00 11.13
C PHE A 144 6.10 -13.78 12.01
N VAL A 145 5.99 -12.63 11.36
CA VAL A 145 5.83 -11.34 12.02
C VAL A 145 4.50 -10.76 11.58
N TYR A 146 3.78 -10.13 12.52
CA TYR A 146 2.67 -9.27 12.14
C TYR A 146 2.77 -7.96 12.90
N THR A 147 2.21 -6.90 12.32
CA THR A 147 2.29 -5.58 12.92
C THR A 147 0.89 -5.07 13.26
N ARG A 148 0.84 -4.27 14.32
CA ARG A 148 -0.37 -3.55 14.69
C ARG A 148 -0.12 -2.05 14.55
N ARG A 149 -1.12 -1.34 14.06
CA ARG A 149 -1.12 0.12 14.05
C ARG A 149 -1.95 0.56 15.25
N GLU A 150 -1.28 0.82 16.36
CA GLU A 150 -1.95 1.11 17.61
C GLU A 150 -2.10 2.61 17.81
N PRO A 151 -3.14 3.04 18.52
CA PRO A 151 -3.25 4.47 18.86
C PRO A 151 -2.02 4.93 19.65
N LEU A 152 -1.68 6.20 19.48
CA LEU A 152 -0.65 6.81 20.31
C LEU A 152 -1.14 6.99 21.75
N GLY A 153 -2.45 7.16 21.92
CA GLY A 153 -3.00 7.41 23.23
C GLY A 153 -3.67 8.76 23.30
N VAL A 154 -3.07 9.69 24.04
CA VAL A 154 -3.55 11.06 24.14
C VAL A 154 -2.61 11.95 23.34
N VAL A 155 -3.17 12.73 22.42
CA VAL A 155 -2.38 13.65 21.62
C VAL A 155 -2.93 15.04 21.87
N ALA A 156 -2.11 16.05 21.58
CA ALA A 156 -2.49 17.44 21.74
C ALA A 156 -2.34 18.16 20.42
N GLY A 157 -3.31 19.00 20.11
CA GLY A 157 -3.24 19.88 18.95
C GLY A 157 -3.27 21.32 19.43
N ILE A 158 -2.40 22.14 18.85
CA ILE A 158 -2.28 23.56 19.16
C ILE A 158 -2.62 24.31 17.89
N GLY A 159 -3.73 25.04 17.90
CA GLY A 159 -4.25 25.66 16.70
C GLY A 159 -3.76 27.08 16.50
N ALA A 160 -4.01 27.58 15.29
CA ALA A 160 -3.69 28.95 14.91
C ALA A 160 -5.00 29.70 14.67
N TRP A 161 -4.89 31.01 14.47
CA TRP A 161 -6.06 31.87 14.47
C TRP A 161 -6.62 32.18 13.09
N ASN A 162 -5.92 31.83 12.02
CA ASN A 162 -6.40 32.25 10.71
C ASN A 162 -7.52 31.36 10.19
N TYR A 163 -7.46 30.05 10.47
CA TYR A 163 -8.52 29.11 10.10
C TYR A 163 -8.88 28.26 11.31
N PRO A 164 -9.56 28.84 12.30
CA PRO A 164 -9.69 28.17 13.60
C PRO A 164 -10.39 26.82 13.54
N ILE A 165 -11.61 26.77 12.99
CA ILE A 165 -12.31 25.50 13.05
C ILE A 165 -11.75 24.51 12.00
N GLN A 166 -11.26 25.00 10.87
CA GLN A 166 -10.65 24.10 9.89
C GLN A 166 -9.42 23.40 10.48
N ILE A 167 -8.58 24.15 11.20
CA ILE A 167 -7.42 23.55 11.84
C ILE A 167 -7.85 22.55 12.90
N ALA A 168 -8.84 22.91 13.71
CA ALA A 168 -9.31 21.97 14.73
C ALA A 168 -9.80 20.67 14.10
N LEU A 169 -10.46 20.75 12.95
CA LEU A 169 -10.96 19.53 12.27
C LEU A 169 -9.82 18.77 11.60
N TRP A 170 -8.89 19.50 10.97
CA TRP A 170 -7.80 18.81 10.28
C TRP A 170 -6.87 18.11 11.26
N LYS A 171 -6.78 18.59 12.50
CA LYS A 171 -5.99 17.89 13.50
C LYS A 171 -6.80 16.81 14.21
N SER A 172 -8.03 17.11 14.60
CA SER A 172 -8.78 16.13 15.38
C SER A 172 -9.28 14.97 14.53
N ALA A 173 -9.59 15.21 13.26
CA ALA A 173 -10.15 14.14 12.45
C ALA A 173 -9.22 12.94 12.31
N PRO A 174 -7.96 13.11 11.90
CA PRO A 174 -7.10 11.91 11.81
C PRO A 174 -6.74 11.35 13.17
N ALA A 175 -6.57 12.20 14.19
CA ALA A 175 -6.27 11.72 15.53
C ALA A 175 -7.37 10.82 16.06
N LEU A 176 -8.62 11.28 15.99
CA LEU A 176 -9.74 10.46 16.45
C LEU A 176 -9.95 9.25 15.56
N ALA A 177 -9.81 9.43 14.24
CA ALA A 177 -9.97 8.28 13.34
C ALA A 177 -8.94 7.21 13.64
N ALA A 178 -7.75 7.61 14.09
CA ALA A 178 -6.70 6.67 14.42
C ALA A 178 -6.89 6.03 15.80
N GLY A 179 -7.93 6.39 16.53
CA GLY A 179 -8.20 5.80 17.83
C GLY A 179 -7.68 6.57 19.02
N ASN A 180 -7.19 7.79 18.81
CA ASN A 180 -6.67 8.60 19.90
C ASN A 180 -7.76 9.51 20.46
N ALA A 181 -7.48 10.04 21.64
CA ALA A 181 -8.14 11.22 22.19
C ALA A 181 -7.23 12.41 21.94
N MET A 182 -7.84 13.56 21.62
CA MET A 182 -7.08 14.79 21.40
C MET A 182 -7.52 15.85 22.40
N ILE A 183 -6.54 16.53 22.98
CA ILE A 183 -6.76 17.76 23.73
C ILE A 183 -6.35 18.89 22.80
N PHE A 184 -7.27 19.80 22.52
CA PHE A 184 -7.04 20.86 21.56
C PHE A 184 -6.98 22.20 22.29
N LYS A 185 -5.93 22.97 22.00
CA LYS A 185 -5.79 24.31 22.56
C LYS A 185 -5.92 25.29 21.41
N PRO A 186 -7.06 25.96 21.24
CA PRO A 186 -7.20 26.94 20.16
C PRO A 186 -6.37 28.17 20.47
N SER A 187 -6.15 28.97 19.43
CA SER A 187 -5.47 30.24 19.64
C SER A 187 -6.32 31.13 20.53
N GLU A 188 -5.68 31.90 21.40
CA GLU A 188 -6.40 32.80 22.29
C GLU A 188 -7.11 33.90 21.50
N VAL A 189 -6.67 34.15 20.27
CA VAL A 189 -7.32 35.12 19.41
C VAL A 189 -8.68 34.61 18.93
N THR A 190 -8.86 33.30 18.84
CA THR A 190 -10.00 32.73 18.12
C THR A 190 -10.43 31.42 18.77
N PRO A 191 -10.91 31.45 20.02
CA PRO A 191 -11.25 30.19 20.71
C PRO A 191 -12.67 29.71 20.54
N LEU A 192 -13.55 30.49 19.93
CA LEU A 192 -14.99 30.24 20.10
C LEU A 192 -15.45 29.02 19.29
N THR A 193 -14.94 28.85 18.06
CA THR A 193 -15.47 27.77 17.24
C THR A 193 -14.98 26.41 17.71
N ALA A 194 -13.81 26.35 18.34
CA ALA A 194 -13.32 25.07 18.86
C ALA A 194 -14.24 24.55 19.95
N LEU A 195 -14.78 25.45 20.78
CA LEU A 195 -15.71 25.03 21.82
C LEU A 195 -17.00 24.52 21.21
N LYS A 196 -17.49 25.18 20.16
CA LYS A 196 -18.67 24.67 19.48
C LYS A 196 -18.40 23.27 18.91
N LEU A 197 -17.21 23.04 18.35
CA LEU A 197 -16.92 21.74 17.78
C LEU A 197 -16.96 20.64 18.83
N ALA A 198 -16.42 20.92 20.02
CA ALA A 198 -16.45 19.93 21.10
C ALA A 198 -17.88 19.54 21.44
N GLU A 199 -18.79 20.52 21.45
CA GLU A 199 -20.20 20.23 21.69
C GLU A 199 -20.77 19.34 20.58
N ILE A 200 -20.38 19.63 19.34
CA ILE A 200 -20.89 18.86 18.21
C ILE A 200 -20.43 17.40 18.31
N TYR A 201 -19.15 17.18 18.64
CA TYR A 201 -18.66 15.82 18.76
C TYR A 201 -19.46 15.02 19.79
N ARG A 202 -19.73 15.60 20.96
CA ARG A 202 -20.52 14.88 21.97
C ARG A 202 -21.92 14.59 21.46
N GLU A 203 -22.54 15.57 20.81
CA GLU A 203 -23.87 15.35 20.25
C GLU A 203 -23.86 14.21 19.23
N ALA A 204 -22.73 14.02 18.55
CA ALA A 204 -22.62 12.93 17.59
C ALA A 204 -22.35 11.58 18.25
N GLY A 205 -22.08 11.55 19.56
CA GLY A 205 -21.84 10.31 20.25
C GLY A 205 -20.38 10.05 20.61
N LEU A 206 -19.50 11.00 20.41
CA LEU A 206 -18.10 10.81 20.79
C LEU A 206 -18.02 10.56 22.30
N PRO A 207 -17.30 9.53 22.74
CA PRO A 207 -17.21 9.28 24.17
C PRO A 207 -16.60 10.46 24.91
N ASP A 208 -17.10 10.69 26.13
CA ASP A 208 -16.59 11.77 26.97
C ASP A 208 -15.08 11.66 27.14
N GLY A 209 -14.40 12.79 26.99
CA GLY A 209 -12.97 12.84 27.13
C GLY A 209 -12.19 12.67 25.83
N VAL A 210 -12.82 12.21 24.76
CA VAL A 210 -12.06 11.91 23.54
C VAL A 210 -11.64 13.19 22.84
N PHE A 211 -12.42 14.25 22.98
CA PHE A 211 -12.03 15.56 22.44
C PHE A 211 -12.34 16.60 23.51
N ASN A 212 -11.29 17.08 24.16
CA ASN A 212 -11.35 18.13 25.15
C ASN A 212 -10.70 19.39 24.59
N VAL A 213 -11.25 20.54 24.97
CA VAL A 213 -10.78 21.84 24.48
C VAL A 213 -10.40 22.70 25.67
N LEU A 214 -9.18 23.22 25.65
CA LEU A 214 -8.61 24.01 26.74
C LEU A 214 -8.19 25.36 26.17
N PRO A 215 -9.08 26.35 26.16
CA PRO A 215 -8.65 27.70 25.79
C PRO A 215 -7.59 28.19 26.77
N GLY A 216 -6.73 29.07 26.29
CA GLY A 216 -5.71 29.66 27.14
C GLY A 216 -4.70 30.42 26.32
N ILE A 217 -3.73 31.00 27.03
CA ILE A 217 -2.59 31.66 26.41
C ILE A 217 -1.53 30.61 26.09
N GLY A 218 -0.76 30.87 25.04
CA GLY A 218 0.31 29.95 24.67
C GLY A 218 1.38 29.83 25.74
N ALA A 219 1.74 30.94 26.36
CA ALA A 219 2.82 30.91 27.35
C ALA A 219 2.48 29.99 28.51
N GLU A 220 1.18 29.79 28.80
CA GLU A 220 0.78 29.00 29.94
C GLU A 220 0.07 27.72 29.52
N THR A 221 -1.13 27.80 28.94
CA THR A 221 -1.87 26.58 28.65
C THR A 221 -1.13 25.75 27.60
N GLY A 222 -0.64 26.41 26.55
CA GLY A 222 0.11 25.68 25.55
C GLY A 222 1.34 25.00 26.13
N GLN A 223 2.05 25.70 27.01
CA GLN A 223 3.26 25.13 27.58
C GLN A 223 2.95 23.95 28.50
N TYR A 224 1.85 24.03 29.25
CA TYR A 224 1.49 22.92 30.11
C TYR A 224 1.16 21.67 29.31
N LEU A 225 0.59 21.83 28.12
CA LEU A 225 0.32 20.67 27.26
C LEU A 225 1.61 20.08 26.71
N THR A 226 2.52 20.92 26.22
CA THR A 226 3.76 20.41 25.65
C THR A 226 4.62 19.74 26.71
N GLU A 227 4.49 20.13 27.98
CA GLU A 227 5.32 19.59 29.04
C GLU A 227 4.72 18.33 29.68
N HIS A 228 3.43 18.07 29.48
CA HIS A 228 2.79 17.00 30.23
C HIS A 228 3.36 15.64 29.83
N PRO A 229 3.70 14.79 30.79
CA PRO A 229 4.41 13.55 30.44
C PRO A 229 3.55 12.48 29.79
N ASP A 230 2.22 12.57 29.88
CA ASP A 230 1.33 11.53 29.36
C ASP A 230 0.74 11.86 28.00
N ILE A 231 1.23 12.91 27.34
CA ILE A 231 0.81 13.26 25.98
C ILE A 231 1.85 12.71 25.03
N ALA A 232 1.40 11.93 24.04
CA ALA A 232 2.31 11.19 23.18
C ALA A 232 2.68 11.92 21.91
N LYS A 233 1.93 12.95 21.51
CA LYS A 233 2.20 13.63 20.26
C LYS A 233 1.65 15.05 20.33
N ILE A 234 2.37 16.00 19.73
CA ILE A 234 1.93 17.38 19.59
C ILE A 234 1.82 17.69 18.10
N SER A 235 0.70 18.27 17.68
CA SER A 235 0.54 18.77 16.32
C SER A 235 0.27 20.26 16.40
N PHE A 236 1.13 21.05 15.77
CA PHE A 236 1.13 22.50 15.94
C PHE A 236 1.03 23.19 14.59
N THR A 237 0.13 24.17 14.50
CA THR A 237 0.06 25.08 13.37
C THR A 237 0.17 26.50 13.90
N GLY A 238 1.06 27.29 13.33
CA GLY A 238 1.25 28.64 13.84
C GLY A 238 2.50 29.27 13.28
N GLY A 239 2.98 30.29 14.01
CA GLY A 239 4.17 30.99 13.61
C GLY A 239 5.43 30.25 14.00
N VAL A 240 6.51 30.58 13.29
CA VAL A 240 7.79 29.89 13.50
C VAL A 240 8.28 30.05 14.94
N ALA A 241 8.12 31.25 15.51
CA ALA A 241 8.63 31.47 16.85
C ALA A 241 7.90 30.59 17.87
N SER A 242 6.57 30.62 17.85
CA SER A 242 5.82 29.77 18.77
C SER A 242 6.13 28.29 18.56
N GLY A 243 6.45 27.92 17.32
CA GLY A 243 6.80 26.55 17.05
C GLY A 243 8.10 26.12 17.72
N LYS A 244 9.14 26.96 17.61
CA LYS A 244 10.44 26.60 18.22
C LYS A 244 10.38 26.38 19.73
N LYS A 245 9.57 27.15 20.45
CA LYS A 245 9.42 26.98 21.87
C LYS A 245 8.70 25.67 22.18
N VAL A 246 7.67 25.40 21.41
CA VAL A 246 6.91 24.18 21.60
C VAL A 246 7.85 23.02 21.45
N MET A 247 8.68 23.07 20.41
CA MET A 247 9.63 21.98 20.15
C MET A 247 10.65 21.88 21.31
N ALA A 248 11.01 23.00 21.94
CA ALA A 248 12.02 22.97 23.00
C ALA A 248 11.46 22.37 24.28
N ASN A 249 10.27 22.82 24.69
CA ASN A 249 9.64 22.30 25.90
C ASN A 249 9.14 20.88 25.63
N SER A 250 8.89 20.56 24.37
CA SER A 250 8.48 19.21 24.05
C SER A 250 9.68 18.27 24.00
N ALA A 251 10.84 18.79 23.52
CA ALA A 251 12.10 18.07 23.65
C ALA A 251 12.51 17.94 25.12
N ALA A 252 12.43 19.03 25.90
CA ALA A 252 12.90 19.00 27.29
C ALA A 252 12.09 18.02 28.11
N SER A 253 10.79 17.98 27.86
CA SER A 253 9.88 17.12 28.59
C SER A 253 9.86 15.74 27.93
N SER A 254 8.85 14.94 28.27
CA SER A 254 8.68 13.61 27.69
C SER A 254 8.81 13.64 26.17
N LEU A 255 9.38 12.57 25.62
CA LEU A 255 9.78 12.50 24.22
C LEU A 255 8.53 12.33 23.38
N LYS A 256 8.12 13.39 22.72
CA LYS A 256 6.88 13.45 21.98
C LYS A 256 7.17 13.47 20.48
N GLU A 257 6.28 12.84 19.73
CA GLU A 257 6.25 13.09 18.30
C GLU A 257 5.62 14.46 18.08
N VAL A 258 6.28 15.31 17.28
CA VAL A 258 5.79 16.65 17.01
C VAL A 258 5.51 16.74 15.51
N THR A 259 4.41 17.39 15.15
CA THR A 259 4.10 17.73 13.76
C THR A 259 3.87 19.23 13.69
N MET A 260 4.50 19.88 12.70
CA MET A 260 4.47 21.33 12.60
C MET A 260 4.09 21.77 11.20
N GLU A 261 3.13 22.69 11.13
N GLU A 261 3.12 22.67 11.12
CA GLU A 261 2.75 23.37 9.91
CA GLU A 261 2.76 23.35 9.87
C GLU A 261 3.00 24.85 10.14
C GLU A 261 2.98 24.83 10.10
N LEU A 262 4.00 25.40 9.48
CA LEU A 262 4.41 26.77 9.69
C LEU A 262 4.17 27.55 8.39
N GLY A 263 4.74 28.76 8.32
CA GLY A 263 4.51 29.62 7.18
C GLY A 263 5.45 29.32 6.02
N GLY A 264 5.39 30.19 5.03
CA GLY A 264 6.26 30.06 3.88
C GLY A 264 6.41 31.39 3.20
N LYS A 265 7.25 31.40 2.16
CA LYS A 265 7.35 32.51 1.21
C LYS A 265 7.27 31.83 -0.15
N SER A 266 6.07 31.42 -0.53
CA SER A 266 5.94 30.45 -1.61
C SER A 266 6.02 31.16 -2.95
N PRO A 267 6.75 30.59 -3.92
CA PRO A 267 6.86 31.22 -5.24
C PRO A 267 5.74 30.81 -6.19
N LEU A 268 5.25 31.79 -6.95
CA LEU A 268 4.34 31.56 -8.06
C LEU A 268 5.06 31.95 -9.35
N ILE A 269 5.30 30.97 -10.23
CA ILE A 269 6.11 31.18 -11.42
C ILE A 269 5.19 31.29 -12.63
N ILE A 270 5.21 32.45 -13.28
N ILE A 270 5.21 32.46 -13.27
CA ILE A 270 4.44 32.68 -14.49
CA ILE A 270 4.45 32.69 -14.49
C ILE A 270 5.35 32.43 -15.69
C ILE A 270 5.36 32.42 -15.68
N ALA A 271 4.99 31.44 -16.51
CA ALA A 271 5.81 31.09 -17.66
C ALA A 271 5.60 32.11 -18.79
N GLU A 272 6.51 32.06 -19.78
CA GLU A 272 6.44 33.01 -20.87
C GLU A 272 5.29 32.73 -21.84
N ASP A 273 4.73 31.52 -21.82
CA ASP A 273 3.61 31.16 -22.68
C ASP A 273 2.27 31.26 -21.97
N ALA A 274 2.26 31.76 -20.74
CA ALA A 274 1.06 31.79 -19.94
C ALA A 274 0.12 32.92 -20.35
N ASN A 275 -1.18 32.64 -20.32
CA ASN A 275 -2.19 33.68 -20.41
C ASN A 275 -2.12 34.55 -19.16
N LEU A 276 -1.94 35.87 -19.36
CA LEU A 276 -1.69 36.76 -18.24
C LEU A 276 -2.96 37.09 -17.46
N ASP A 277 -4.14 36.95 -18.08
CA ASP A 277 -5.37 37.06 -17.32
C ASP A 277 -5.49 35.92 -16.31
N LEU A 278 -5.18 34.70 -16.74
CA LEU A 278 -5.16 33.58 -15.82
C LEU A 278 -4.09 33.78 -14.75
N ALA A 279 -2.89 34.21 -15.16
CA ALA A 279 -1.80 34.41 -14.22
C ALA A 279 -2.16 35.47 -13.17
N ALA A 280 -2.77 36.56 -13.62
CA ALA A 280 -3.19 37.61 -12.68
C ALA A 280 -4.26 37.11 -11.74
N ASP A 281 -5.25 36.36 -12.25
CA ASP A 281 -6.28 35.79 -11.40
C ASP A 281 -5.67 34.85 -10.34
N ILE A 282 -4.74 33.99 -10.76
CA ILE A 282 -4.08 33.09 -9.80
C ILE A 282 -3.30 33.91 -8.77
N ALA A 283 -2.56 34.92 -9.23
CA ALA A 283 -1.78 35.73 -8.31
C ALA A 283 -2.67 36.44 -7.30
N MET A 284 -3.81 36.95 -7.75
CA MET A 284 -4.76 37.58 -6.83
C MET A 284 -5.22 36.60 -5.77
N MET A 285 -5.65 35.41 -6.19
CA MET A 285 -6.13 34.41 -5.24
C MET A 285 -5.03 33.87 -4.35
N ALA A 286 -3.78 33.94 -4.80
CA ALA A 286 -2.66 33.44 -4.02
C ALA A 286 -2.12 34.47 -3.03
N ASN A 287 -2.67 35.69 -3.01
CA ASN A 287 -2.12 36.72 -2.14
C ASN A 287 -3.14 37.44 -1.25
N PHE A 288 -4.39 37.56 -1.69
CA PHE A 288 -5.34 38.44 -1.03
C PHE A 288 -6.56 37.72 -0.45
N TYR A 289 -6.63 36.41 -0.55
CA TYR A 289 -7.66 35.67 0.17
C TYR A 289 -7.38 35.70 1.67
N SER A 290 -8.45 35.75 2.45
CA SER A 290 -8.32 35.91 3.90
C SER A 290 -7.42 37.09 4.24
N SER A 291 -7.47 38.11 3.41
CA SER A 291 -6.65 39.32 3.58
C SER A 291 -5.16 39.00 3.71
N GLY A 292 -4.70 38.01 2.95
CA GLY A 292 -3.30 37.65 2.91
C GLY A 292 -2.81 36.84 4.08
N GLN A 293 -3.69 36.48 5.01
CA GLN A 293 -3.32 35.74 6.21
C GLN A 293 -3.44 34.23 6.00
N VAL A 294 -2.59 33.70 5.12
CA VAL A 294 -2.64 32.30 4.73
C VAL A 294 -1.23 31.81 4.50
N CYS A 295 -0.86 30.71 5.15
CA CYS A 295 0.52 30.23 5.13
C CYS A 295 0.98 29.84 3.73
N THR A 296 0.08 29.31 2.90
CA THR A 296 0.42 28.83 1.56
C THR A 296 0.43 29.94 0.50
N ASN A 297 0.25 31.20 0.87
CA ASN A 297 0.12 32.24 -0.15
C ASN A 297 1.37 32.36 -1.02
N GLY A 298 1.14 32.62 -2.30
CA GLY A 298 2.21 32.77 -3.28
C GLY A 298 2.68 34.21 -3.33
N THR A 299 3.45 34.61 -2.33
CA THR A 299 3.80 36.00 -2.12
C THR A 299 5.01 36.47 -2.91
N ARG A 300 5.76 35.57 -3.52
CA ARG A 300 6.79 35.93 -4.49
C ARG A 300 6.25 35.52 -5.86
N VAL A 301 5.84 36.51 -6.64
CA VAL A 301 5.29 36.28 -7.97
C VAL A 301 6.38 36.58 -8.99
N PHE A 302 6.86 35.54 -9.66
CA PHE A 302 7.91 35.68 -10.67
C PHE A 302 7.27 35.79 -12.04
N VAL A 303 7.54 36.89 -12.73
CA VAL A 303 6.92 37.15 -14.03
C VAL A 303 8.02 37.42 -15.06
N PRO A 304 7.91 36.90 -16.27
CA PRO A 304 8.91 37.20 -17.29
C PRO A 304 9.04 38.69 -17.56
N ALA A 305 10.27 39.15 -17.74
CA ALA A 305 10.51 40.58 -17.97
C ALA A 305 9.65 41.10 -19.11
N LYS A 306 9.51 40.32 -20.19
CA LYS A 306 8.80 40.79 -21.37
C LYS A 306 7.32 41.04 -21.11
N PHE A 307 6.78 40.50 -20.02
CA PHE A 307 5.36 40.61 -19.71
C PHE A 307 5.15 41.34 -18.39
N LYS A 308 6.22 41.82 -17.78
CA LYS A 308 6.11 42.43 -16.42
C LYS A 308 5.16 43.62 -16.43
N ALA A 309 5.31 44.53 -17.39
CA ALA A 309 4.47 45.74 -17.39
C ALA A 309 3.00 45.40 -17.58
N GLU A 310 2.70 44.51 -18.53
CA GLU A 310 1.31 44.14 -18.76
C GLU A 310 0.73 43.44 -17.54
N PHE A 311 1.51 42.57 -16.89
CA PHE A 311 1.00 41.89 -15.70
C PHE A 311 0.72 42.88 -14.58
N GLU A 312 1.57 43.90 -14.43
CA GLU A 312 1.33 44.89 -13.38
C GLU A 312 0.01 45.60 -13.59
N HIS A 313 -0.31 45.96 -14.84
N HIS A 313 -0.31 45.96 -14.84
CA HIS A 313 -1.59 46.59 -15.12
CA HIS A 313 -1.59 46.59 -15.11
C HIS A 313 -2.75 45.67 -14.79
C HIS A 313 -2.76 45.66 -14.78
N LYS A 314 -2.63 44.38 -15.13
CA LYS A 314 -3.71 43.43 -14.85
C LYS A 314 -3.92 43.26 -13.34
N ILE A 315 -2.84 43.30 -12.56
CA ILE A 315 -2.98 43.24 -11.11
C ILE A 315 -3.69 44.50 -10.60
N LEU A 316 -3.26 45.67 -11.08
CA LEU A 316 -3.88 46.92 -10.67
C LEU A 316 -5.38 46.91 -10.96
N GLU A 317 -5.78 46.41 -12.13
CA GLU A 317 -7.20 46.32 -12.45
C GLU A 317 -7.94 45.43 -11.47
N ARG A 318 -7.34 44.30 -11.10
CA ARG A 318 -8.00 43.36 -10.20
C ARG A 318 -8.00 43.86 -8.77
N VAL A 319 -6.94 44.53 -8.35
CA VAL A 319 -6.88 45.05 -6.98
C VAL A 319 -7.96 46.09 -6.77
N GLY A 320 -8.26 46.89 -7.80
CA GLY A 320 -9.35 47.83 -7.71
C GLY A 320 -10.71 47.18 -7.47
N ARG A 321 -10.84 45.90 -7.77
CA ARG A 321 -12.10 45.19 -7.57
C ARG A 321 -12.27 44.68 -6.14
N ILE A 322 -11.24 44.75 -5.30
CA ILE A 322 -11.34 44.21 -3.95
C ILE A 322 -12.34 45.05 -3.15
N ARG A 323 -13.27 44.38 -2.47
CA ARG A 323 -14.40 45.05 -1.83
C ARG A 323 -14.32 44.82 -0.32
N ALA A 324 -13.73 45.78 0.39
CA ALA A 324 -13.78 45.80 1.84
C ALA A 324 -15.12 46.36 2.29
N GLY A 325 -15.61 45.86 3.42
CA GLY A 325 -16.86 46.38 3.97
C GLY A 325 -17.46 45.42 4.99
N ASP A 326 -18.78 45.53 5.14
CA ASP A 326 -19.53 44.67 6.05
C ASP A 326 -19.18 43.22 5.82
N LEU A 327 -18.63 42.56 6.84
CA LEU A 327 -18.13 41.20 6.69
C LEU A 327 -19.24 40.18 6.43
N PHE A 328 -20.49 40.51 6.75
CA PHE A 328 -21.61 39.61 6.48
C PHE A 328 -22.32 39.93 5.16
N ALA A 329 -21.93 40.99 4.46
CA ALA A 329 -22.49 41.30 3.16
C ALA A 329 -21.94 40.35 2.09
N ASP A 330 -22.80 39.97 1.16
CA ASP A 330 -22.43 38.94 0.18
C ASP A 330 -21.26 39.38 -0.70
N ASP A 331 -21.18 40.66 -1.04
CA ASP A 331 -20.15 41.12 -1.96
C ASP A 331 -18.85 41.54 -1.28
N THR A 332 -18.80 41.56 0.04
CA THR A 332 -17.52 41.77 0.73
C THR A 332 -16.60 40.57 0.48
N ASN A 333 -15.40 40.84 -0.05
CA ASN A 333 -14.41 39.79 -0.26
C ASN A 333 -13.06 40.09 0.39
N PHE A 334 -12.99 41.08 1.28
CA PHE A 334 -11.75 41.49 1.92
C PHE A 334 -12.06 41.95 3.33
N GLY A 335 -11.32 41.44 4.31
CA GLY A 335 -11.58 41.76 5.69
C GLY A 335 -10.41 42.46 6.38
N PRO A 336 -10.60 42.87 7.62
CA PRO A 336 -9.48 43.42 8.38
C PRO A 336 -8.54 42.30 8.79
N LEU A 337 -7.32 42.68 9.16
CA LEU A 337 -6.44 41.72 9.78
C LEU A 337 -6.97 41.37 11.17
N VAL A 338 -6.47 40.27 11.71
CA VAL A 338 -7.08 39.69 12.91
C VAL A 338 -6.90 40.56 14.15
N SER A 339 -5.92 41.46 14.16
CA SER A 339 -5.63 42.25 15.35
C SER A 339 -4.76 43.45 14.98
N PHE A 340 -4.75 44.46 15.87
CA PHE A 340 -3.96 45.66 15.62
C PHE A 340 -2.47 45.38 15.71
N PRO A 341 -2.01 44.55 16.64
CA PRO A 341 -0.58 44.18 16.62
C PRO A 341 -0.15 43.46 15.35
N HIS A 342 -0.99 42.58 14.80
CA HIS A 342 -0.60 41.93 13.57
C HIS A 342 -0.48 42.93 12.43
N ARG A 343 -1.42 43.88 12.34
CA ARG A 343 -1.32 44.90 11.30
C ARG A 343 -0.07 45.73 11.46
N GLN A 344 0.35 46.02 12.69
CA GLN A 344 1.55 46.81 12.90
C GLN A 344 2.75 46.12 12.28
N ASN A 345 2.84 44.81 12.42
CA ASN A 345 3.94 44.08 11.80
C ASN A 345 3.85 44.14 10.28
N VAL A 346 2.64 44.02 9.71
CA VAL A 346 2.49 44.13 8.26
C VAL A 346 2.89 45.53 7.80
N LEU A 347 2.50 46.55 8.56
CA LEU A 347 2.85 47.92 8.19
C LEU A 347 4.35 48.14 8.25
N ARG A 348 5.04 47.50 9.19
CA ARG A 348 6.49 47.60 9.24
C ARG A 348 7.15 46.98 8.01
N TYR A 349 6.62 45.84 7.54
CA TYR A 349 7.16 45.27 6.32
C TYR A 349 6.93 46.18 5.12
N ILE A 350 5.74 46.77 5.03
CA ILE A 350 5.46 47.69 3.93
C ILE A 350 6.44 48.85 3.91
N GLU A 351 6.71 49.43 5.09
CA GLU A 351 7.65 50.55 5.15
C GLU A 351 9.05 50.12 4.77
N SER A 352 9.45 48.89 5.15
CA SER A 352 10.75 48.39 4.72
C SER A 352 10.82 48.21 3.20
N GLY A 353 9.70 47.84 2.58
CA GLY A 353 9.67 47.78 1.13
C GLY A 353 9.93 49.13 0.48
N LYS A 354 9.27 50.17 0.99
CA LYS A 354 9.49 51.52 0.47
C LYS A 354 10.92 51.97 0.69
N SER A 355 11.47 51.71 1.87
CA SER A 355 12.81 52.19 2.19
C SER A 355 13.89 51.43 1.42
N GLU A 356 13.65 50.17 1.08
CA GLU A 356 14.62 49.36 0.38
C GLU A 356 14.57 49.52 -1.13
N GLY A 357 13.70 50.40 -1.63
CA GLY A 357 13.67 50.75 -3.03
C GLY A 357 12.69 49.98 -3.89
N ALA A 358 11.84 49.15 -3.29
CA ALA A 358 10.76 48.54 -4.04
C ALA A 358 9.76 49.62 -4.48
N ARG A 359 9.14 49.38 -5.63
CA ARG A 359 8.18 50.31 -6.19
C ARG A 359 6.79 49.94 -5.69
N LEU A 360 6.14 50.83 -4.96
CA LEU A 360 4.78 50.59 -4.50
C LEU A 360 3.83 50.76 -5.68
N LEU A 361 3.16 49.68 -6.08
CA LEU A 361 2.24 49.72 -7.20
C LEU A 361 0.84 50.14 -6.75
N CYS A 362 0.43 49.72 -5.55
CA CYS A 362 -0.84 50.16 -4.99
C CYS A 362 -0.87 49.83 -3.50
N GLY A 363 -1.81 50.46 -2.81
CA GLY A 363 -1.99 50.21 -1.40
C GLY A 363 -0.90 50.84 -0.54
N GLY A 364 -0.58 50.17 0.56
CA GLY A 364 0.50 50.57 1.43
C GLY A 364 0.11 51.33 2.67
N ASP A 365 -1.19 51.53 2.92
CA ASP A 365 -1.61 52.33 4.06
C ASP A 365 -2.79 51.66 4.75
N VAL A 366 -3.00 52.03 6.02
CA VAL A 366 -4.22 51.63 6.72
C VAL A 366 -5.43 52.22 5.99
N LEU A 367 -6.57 51.57 6.20
CA LEU A 367 -7.84 52.11 5.73
C LEU A 367 -8.48 52.96 6.81
N LYS A 368 -9.15 54.05 6.39
CA LYS A 368 -9.75 55.00 7.31
C LYS A 368 -11.20 55.27 6.89
N GLY A 369 -12.00 55.74 7.85
CA GLY A 369 -13.39 56.08 7.60
C GLY A 369 -14.33 55.23 8.44
N GLU A 370 -15.60 55.61 8.38
CA GLU A 370 -16.61 54.87 9.14
C GLU A 370 -16.62 53.41 8.72
N GLY A 371 -16.55 52.52 9.71
CA GLY A 371 -16.49 51.10 9.47
C GLY A 371 -15.10 50.53 9.42
N PHE A 372 -14.07 51.37 9.26
CA PHE A 372 -12.69 50.91 9.25
C PHE A 372 -11.86 51.40 10.43
N ASP A 373 -12.25 52.52 11.05
CA ASP A 373 -11.43 53.11 12.11
C ASP A 373 -11.36 52.22 13.34
N ASN A 374 -12.27 51.26 13.47
CA ASN A 374 -12.31 50.40 14.65
C ASN A 374 -11.69 49.04 14.40
N GLY A 375 -11.36 48.71 13.16
CA GLY A 375 -10.73 47.45 12.82
C GLY A 375 -9.33 47.68 12.27
N ALA A 376 -8.58 46.58 12.19
CA ALA A 376 -7.18 46.64 11.80
C ALA A 376 -7.06 46.36 10.30
N TRP A 377 -7.59 47.30 9.52
CA TRP A 377 -7.61 47.16 8.07
C TRP A 377 -6.31 47.65 7.47
N VAL A 378 -5.82 46.91 6.47
CA VAL A 378 -4.73 47.34 5.61
C VAL A 378 -5.20 47.23 4.17
N ALA A 379 -4.90 48.24 3.38
CA ALA A 379 -5.24 48.22 1.97
C ALA A 379 -4.47 47.08 1.28
N PRO A 380 -5.07 46.39 0.32
CA PRO A 380 -4.31 45.40 -0.46
C PRO A 380 -3.12 46.08 -1.12
N THR A 381 -1.93 45.49 -0.95
CA THR A 381 -0.69 46.15 -1.30
C THR A 381 0.10 45.29 -2.27
N VAL A 382 0.68 45.92 -3.27
CA VAL A 382 1.52 45.26 -4.27
C VAL A 382 2.81 46.04 -4.44
N PHE A 383 3.93 45.35 -4.30
CA PHE A 383 5.24 45.90 -4.62
C PHE A 383 5.73 45.26 -5.92
N THR A 384 6.44 46.04 -6.72
CA THR A 384 7.10 45.52 -7.89
C THR A 384 8.51 46.07 -7.93
N ASP A 385 9.27 45.70 -8.97
CA ASP A 385 10.69 46.02 -9.05
C ASP A 385 11.43 45.48 -7.82
N CYS A 386 11.00 44.33 -7.33
CA CYS A 386 11.54 43.75 -6.13
C CYS A 386 12.78 42.92 -6.45
N THR A 387 13.67 42.81 -5.47
CA THR A 387 14.90 42.05 -5.62
C THR A 387 15.01 41.04 -4.48
N ASP A 388 15.76 39.98 -4.73
CA ASP A 388 15.79 38.82 -3.84
C ASP A 388 16.31 39.15 -2.46
N ASP A 389 17.06 40.25 -2.31
CA ASP A 389 17.64 40.63 -1.02
C ASP A 389 16.72 41.49 -0.19
N MET A 390 15.58 41.94 -0.72
CA MET A 390 14.70 42.79 0.03
C MET A 390 13.99 42.03 1.15
N THR A 391 13.75 42.72 2.25
CA THR A 391 13.08 42.10 3.40
C THR A 391 11.70 41.57 3.04
N ILE A 392 10.94 42.34 2.25
CA ILE A 392 9.60 41.91 1.91
C ILE A 392 9.59 40.67 1.03
N VAL A 393 10.69 40.41 0.32
CA VAL A 393 10.79 39.21 -0.50
C VAL A 393 11.27 38.01 0.30
N ARG A 394 12.08 38.23 1.32
CA ARG A 394 12.72 37.14 2.04
C ARG A 394 11.91 36.61 3.20
N GLU A 395 11.02 37.41 3.77
CA GLU A 395 10.35 37.04 5.02
C GLU A 395 8.84 36.97 4.83
N GLU A 396 8.21 36.04 5.54
CA GLU A 396 6.76 35.92 5.50
C GLU A 396 6.12 37.10 6.22
N ILE A 397 5.19 37.76 5.54
CA ILE A 397 4.52 38.93 6.07
C ILE A 397 3.18 38.56 6.70
N PHE A 398 2.47 37.61 6.11
CA PHE A 398 1.17 37.18 6.62
C PHE A 398 0.15 38.32 6.57
N GLY A 399 0.21 39.09 5.49
CA GLY A 399 -0.69 40.18 5.23
C GLY A 399 -0.86 40.36 3.74
N PRO A 400 -1.69 41.31 3.33
CA PRO A 400 -2.01 41.45 1.89
C PRO A 400 -0.96 42.24 1.14
N VAL A 401 0.20 41.61 0.92
CA VAL A 401 1.37 42.27 0.32
C VAL A 401 1.97 41.31 -0.70
N MET A 402 1.80 41.62 -1.99
CA MET A 402 2.37 40.86 -3.09
C MET A 402 3.67 41.50 -3.52
N SER A 403 4.68 40.66 -3.78
CA SER A 403 5.96 41.08 -4.34
C SER A 403 6.10 40.52 -5.75
N ILE A 404 6.26 41.40 -6.74
CA ILE A 404 6.41 41.00 -8.14
C ILE A 404 7.89 41.07 -8.48
N LEU A 405 8.45 39.96 -8.95
CA LEU A 405 9.85 39.87 -9.32
C LEU A 405 10.00 39.47 -10.78
N SER A 406 10.97 40.06 -11.46
CA SER A 406 11.23 39.77 -12.87
CA SER A 406 11.23 39.76 -12.86
C SER A 406 12.31 38.70 -13.00
N TYR A 407 12.21 37.91 -14.07
CA TYR A 407 13.20 36.88 -14.36
C TYR A 407 13.35 36.77 -15.88
N ASP A 408 14.45 36.14 -16.29
CA ASP A 408 14.80 36.03 -17.70
C ASP A 408 14.72 34.62 -18.26
N ASP A 409 15.11 33.60 -17.49
CA ASP A 409 15.14 32.24 -18.01
C ASP A 409 14.74 31.24 -16.94
N GLU A 410 14.40 30.03 -17.40
CA GLU A 410 13.79 29.03 -16.53
C GLU A 410 14.75 28.55 -15.46
N ALA A 411 16.01 28.33 -15.80
CA ALA A 411 16.97 27.89 -14.78
C ALA A 411 17.11 28.95 -13.69
N GLU A 412 17.13 30.22 -14.07
CA GLU A 412 17.23 31.30 -13.08
C GLU A 412 16.04 31.29 -12.12
N VAL A 413 14.82 31.18 -12.65
CA VAL A 413 13.65 31.30 -11.78
C VAL A 413 13.55 30.11 -10.85
N ILE A 414 13.94 28.92 -11.30
CA ILE A 414 13.96 27.74 -10.43
C ILE A 414 14.96 27.95 -9.30
N ARG A 415 16.15 28.46 -9.63
N ARG A 415 16.15 28.46 -9.62
CA ARG A 415 17.16 28.72 -8.61
CA ARG A 415 17.15 28.71 -8.59
C ARG A 415 16.65 29.72 -7.58
C ARG A 415 16.65 29.72 -7.56
N ARG A 416 16.03 30.81 -8.03
CA ARG A 416 15.57 31.85 -7.12
C ARG A 416 14.33 31.42 -6.34
N ALA A 417 13.45 30.64 -6.97
CA ALA A 417 12.30 30.13 -6.25
C ALA A 417 12.73 29.22 -5.10
N ASN A 418 13.78 28.44 -5.30
CA ASN A 418 14.27 27.52 -4.30
C ASN A 418 15.23 28.16 -3.30
N ALA A 419 15.69 29.41 -3.54
CA ALA A 419 16.74 30.01 -2.71
C ALA A 419 16.11 30.66 -1.48
N THR A 420 15.73 29.80 -0.55
CA THR A 420 14.96 30.20 0.62
C THR A 420 14.94 29.04 1.58
N GLU A 421 14.86 29.34 2.87
CA GLU A 421 14.70 28.31 3.88
C GLU A 421 13.25 27.86 4.02
N TYR A 422 12.31 28.64 3.51
CA TYR A 422 10.92 28.22 3.49
C TYR A 422 10.71 27.17 2.40
N GLY A 423 9.65 26.38 2.55
CA GLY A 423 9.38 25.28 1.64
C GLY A 423 7.94 24.83 1.54
N LEU A 424 6.97 25.71 1.81
CA LEU A 424 5.61 25.21 2.00
C LEU A 424 4.94 24.89 0.66
N ALA A 425 4.74 25.90 -0.19
CA ALA A 425 3.96 25.75 -1.42
C ALA A 425 4.70 26.36 -2.60
N ALA A 426 4.21 26.06 -3.80
CA ALA A 426 4.74 26.62 -5.04
C ALA A 426 3.70 26.41 -6.14
N GLY A 427 3.87 27.15 -7.24
CA GLY A 427 2.98 27.00 -8.37
C GLY A 427 3.60 27.51 -9.65
N VAL A 428 3.08 27.01 -10.76
CA VAL A 428 3.51 27.46 -12.08
C VAL A 428 2.28 27.65 -12.95
N VAL A 429 2.30 28.69 -13.78
CA VAL A 429 1.26 28.95 -14.75
C VAL A 429 1.87 28.78 -16.13
N THR A 430 1.37 27.81 -16.88
CA THR A 430 1.84 27.51 -18.23
C THR A 430 0.89 26.52 -18.89
N PRO A 431 0.59 26.70 -20.18
CA PRO A 431 -0.19 25.68 -20.89
C PRO A 431 0.65 24.53 -21.44
N ASP A 432 1.96 24.56 -21.25
CA ASP A 432 2.85 23.61 -21.88
C ASP A 432 3.05 22.38 -21.00
N LEU A 433 2.83 21.21 -21.58
CA LEU A 433 2.94 19.95 -20.83
C LEU A 433 4.32 19.79 -20.21
N ASN A 434 5.37 19.90 -21.04
CA ASN A 434 6.71 19.64 -20.53
C ASN A 434 7.12 20.69 -19.51
N ARG A 435 6.84 21.96 -19.79
CA ARG A 435 7.27 23.02 -18.88
C ARG A 435 6.64 22.84 -17.50
N ALA A 436 5.34 22.53 -17.46
CA ALA A 436 4.65 22.44 -16.17
C ALA A 436 5.26 21.37 -15.28
N HIS A 437 5.41 20.15 -15.79
CA HIS A 437 5.94 19.07 -14.97
C HIS A 437 7.43 19.25 -14.71
N ARG A 438 8.18 19.67 -15.73
CA ARG A 438 9.62 19.86 -15.59
C ARG A 438 9.94 20.85 -14.48
N ILE A 439 9.28 22.01 -14.47
CA ILE A 439 9.55 23.03 -13.46
C ILE A 439 9.12 22.56 -12.08
N ILE A 440 7.90 22.01 -12.00
CA ILE A 440 7.35 21.64 -10.69
C ILE A 440 8.22 20.59 -10.03
N HIS A 441 8.74 19.64 -10.81
CA HIS A 441 9.56 18.59 -10.24
C HIS A 441 10.85 19.13 -9.62
N GLN A 442 11.27 20.34 -9.97
CA GLN A 442 12.52 20.89 -9.47
C GLN A 442 12.31 21.86 -8.30
N LEU A 443 11.07 22.14 -7.93
CA LEU A 443 10.82 23.09 -6.85
C LEU A 443 10.83 22.38 -5.50
N GLU A 444 11.42 23.05 -4.50
CA GLU A 444 11.57 22.48 -3.18
C GLU A 444 10.40 22.94 -2.32
N ALA A 445 9.24 22.31 -2.54
CA ALA A 445 8.03 22.64 -1.82
C ALA A 445 7.11 21.44 -1.76
N GLY A 446 6.35 21.35 -0.66
CA GLY A 446 5.50 20.19 -0.44
C GLY A 446 4.15 20.25 -1.14
N ILE A 447 3.69 21.44 -1.51
CA ILE A 447 2.37 21.66 -2.10
C ILE A 447 2.56 22.44 -3.38
N CYS A 448 2.24 21.82 -4.51
CA CYS A 448 2.50 22.41 -5.82
C CYS A 448 1.24 22.45 -6.66
N TRP A 449 0.91 23.63 -7.17
CA TRP A 449 -0.28 23.86 -7.98
C TRP A 449 0.11 24.24 -9.40
N ILE A 450 -0.49 23.57 -10.38
CA ILE A 450 -0.29 23.89 -11.79
C ILE A 450 -1.56 24.57 -12.30
N ASN A 451 -1.43 25.83 -12.69
CA ASN A 451 -2.53 26.59 -13.29
C ASN A 451 -3.70 26.76 -12.33
N SER A 452 -3.39 26.88 -11.05
CA SER A 452 -4.39 27.07 -10.00
CA SER A 452 -4.39 27.08 -10.00
C SER A 452 -3.67 27.50 -8.73
N TRP A 453 -4.42 27.65 -7.64
CA TRP A 453 -3.83 27.93 -6.34
C TRP A 453 -4.86 27.67 -5.26
N GLY A 454 -4.41 27.09 -4.16
CA GLY A 454 -5.13 27.12 -2.90
C GLY A 454 -5.98 25.91 -2.60
N GLU A 455 -6.29 25.08 -3.59
CA GLU A 455 -7.17 23.95 -3.35
C GLU A 455 -6.41 22.86 -2.61
N SER A 456 -7.01 22.31 -1.55
CA SER A 456 -6.33 21.40 -0.63
C SER A 456 -7.24 20.21 -0.32
N PRO A 457 -7.40 19.30 -1.29
CA PRO A 457 -8.34 18.18 -1.10
C PRO A 457 -7.96 17.31 0.08
N ALA A 458 -8.97 16.72 0.72
CA ALA A 458 -8.72 15.83 1.86
C ALA A 458 -7.76 14.70 1.50
N GLU A 459 -7.78 14.27 0.24
CA GLU A 459 -6.94 13.15 -0.17
C GLU A 459 -5.46 13.53 -0.27
N MET A 460 -5.16 14.82 -0.33
CA MET A 460 -3.85 15.31 -0.74
C MET A 460 -2.99 15.63 0.47
N PRO A 461 -1.92 14.88 0.73
CA PRO A 461 -1.03 15.27 1.84
C PRO A 461 -0.43 16.64 1.59
N VAL A 462 -0.44 17.48 2.63
CA VAL A 462 0.06 18.85 2.55
C VAL A 462 0.96 19.14 3.75
N GLY A 463 2.05 19.85 3.48
CA GLY A 463 3.00 20.20 4.51
C GLY A 463 4.25 20.73 3.85
N GLY A 464 5.19 21.14 4.69
CA GLY A 464 6.30 21.95 4.22
C GLY A 464 7.60 21.18 4.07
N TYR A 465 8.39 21.62 3.09
CA TYR A 465 9.79 21.31 3.03
C TYR A 465 10.59 22.23 3.95
N LYS A 466 11.80 21.79 4.27
CA LYS A 466 12.77 22.60 5.02
C LYS A 466 12.17 23.22 6.27
N HIS A 467 12.24 24.56 6.39
CA HIS A 467 11.84 25.22 7.62
C HIS A 467 10.34 25.49 7.70
N SER A 468 9.56 25.09 6.70
CA SER A 468 8.13 25.37 6.67
C SER A 468 7.31 24.30 7.38
N GLY A 469 7.91 23.19 7.78
CA GLY A 469 7.18 22.29 8.65
C GLY A 469 7.89 20.95 8.89
N ILE A 470 7.21 20.13 9.69
N ILE A 470 7.22 20.13 9.69
CA ILE A 470 7.61 18.77 9.97
CA ILE A 470 7.61 18.76 9.95
C ILE A 470 6.37 17.89 9.80
C ILE A 470 6.37 17.91 9.76
N GLY A 471 6.48 16.84 8.99
CA GLY A 471 5.35 15.98 8.76
C GLY A 471 4.31 16.56 7.81
N ARG A 472 3.14 15.93 7.83
CA ARG A 472 2.11 16.26 6.86
C ARG A 472 0.73 16.19 7.51
N GLU A 473 -0.23 16.85 6.87
CA GLU A 473 -1.64 16.71 7.18
C GLU A 473 -2.40 16.24 5.94
N ASN A 474 -3.56 15.64 6.19
CA ASN A 474 -4.45 15.08 5.16
C ASN A 474 -3.85 13.91 4.41
N GLY A 475 -4.65 13.25 3.57
CA GLY A 475 -4.22 12.04 2.91
C GLY A 475 -4.23 10.85 3.86
N VAL A 476 -4.05 9.68 3.27
CA VAL A 476 -4.02 8.45 4.06
CA VAL A 476 -4.03 8.46 4.07
C VAL A 476 -2.82 8.44 5.00
N MET A 477 -1.70 8.99 4.56
CA MET A 477 -0.49 8.93 5.38
C MET A 477 -0.69 9.63 6.71
N THR A 478 -1.55 10.65 6.77
CA THR A 478 -1.72 11.34 8.05
C THR A 478 -2.54 10.50 9.03
N LEU A 479 -3.47 9.69 8.53
CA LEU A 479 -4.13 8.74 9.42
C LEU A 479 -3.12 7.79 10.05
N GLN A 480 -2.20 7.27 9.25
CA GLN A 480 -1.18 6.36 9.75
C GLN A 480 -0.23 7.04 10.74
N SER A 481 0.08 8.32 10.51
CA SER A 481 1.00 9.04 11.38
C SER A 481 0.44 9.30 12.77
N TYR A 482 -0.86 9.13 12.96
CA TYR A 482 -1.46 9.19 14.29
C TYR A 482 -1.60 7.80 14.92
N THR A 483 -0.91 6.82 14.36
CA THR A 483 -0.73 5.52 14.98
C THR A 483 0.76 5.27 15.18
N GLN A 484 1.07 4.28 16.00
CA GLN A 484 2.43 3.81 16.17
C GLN A 484 2.47 2.32 15.86
N VAL A 485 3.57 1.88 15.26
CA VAL A 485 3.70 0.50 14.82
C VAL A 485 4.25 -0.34 15.96
N LYS A 486 3.60 -1.47 16.22
CA LYS A 486 4.12 -2.51 17.09
C LYS A 486 4.39 -3.74 16.21
N SER A 487 5.63 -4.21 16.21
CA SER A 487 6.02 -5.42 15.49
C SER A 487 6.04 -6.59 16.47
N ILE A 488 5.41 -7.70 16.08
CA ILE A 488 5.24 -8.87 16.93
C ILE A 488 5.78 -10.06 16.15
N GLN A 489 6.79 -10.73 16.69
CA GLN A 489 7.32 -11.96 16.10
C GLN A 489 6.76 -13.16 16.85
N VAL A 490 6.13 -14.06 16.11
CA VAL A 490 5.68 -15.35 16.62
C VAL A 490 6.72 -16.39 16.22
N GLU A 491 7.48 -16.88 17.20
CA GLU A 491 8.47 -17.93 16.97
C GLU A 491 7.85 -19.27 17.37
N MET A 492 7.56 -20.10 16.38
CA MET A 492 6.95 -21.41 16.62
C MET A 492 7.98 -22.52 16.68
N GLY A 493 9.21 -22.26 16.26
CA GLY A 493 10.28 -23.22 16.38
C GLY A 493 10.91 -23.21 17.75
N PRO A 494 11.77 -24.18 18.00
CA PRO A 494 12.49 -24.23 19.29
C PRO A 494 13.55 -23.14 19.36
N PHE A 495 13.46 -22.31 20.40
CA PHE A 495 14.44 -21.25 20.61
C PHE A 495 15.78 -21.82 21.03
N GLN A 496 16.84 -21.28 20.45
CA GLN A 496 18.22 -21.72 20.72
C GLN A 496 18.99 -20.62 21.42
N SER A 497 19.56 -20.94 22.58
CA SER A 497 20.45 -20.03 23.30
C SER A 497 21.89 -20.47 23.13
N ILE A 498 22.79 -19.48 22.98
CA ILE A 498 24.23 -19.78 22.90
C ILE A 498 24.90 -19.83 24.25
N PHE A 499 24.17 -19.63 25.34
CA PHE A 499 24.73 -19.72 26.69
C PHE A 499 24.39 -21.07 27.30
N ARG B 12 24.25 -25.91 -38.45
CA ARG B 12 23.06 -26.63 -38.01
C ARG B 12 23.20 -27.04 -36.54
N MET B 13 22.15 -26.79 -35.78
CA MET B 13 22.15 -27.08 -34.35
CA MET B 13 22.15 -27.07 -34.35
C MET B 13 21.74 -28.53 -34.10
N ALA B 14 22.14 -29.03 -32.94
CA ALA B 14 21.71 -30.36 -32.54
C ALA B 14 20.23 -30.34 -32.20
N GLU B 15 19.60 -31.51 -32.30
CA GLU B 15 18.19 -31.63 -31.96
C GLU B 15 17.95 -31.19 -30.51
N GLN B 16 16.95 -30.34 -30.31
CA GLN B 16 16.66 -29.77 -29.01
C GLN B 16 15.66 -30.66 -28.28
N GLN B 17 15.94 -30.91 -27.01
CA GLN B 17 15.15 -31.82 -26.20
C GLN B 17 14.23 -30.99 -25.30
N LEU B 18 13.37 -31.66 -24.54
CA LEU B 18 12.61 -31.00 -23.50
C LEU B 18 13.54 -30.70 -22.33
N TYR B 19 13.20 -29.70 -21.54
CA TYR B 19 13.97 -29.39 -20.33
C TYR B 19 13.06 -29.59 -19.13
N ILE B 20 13.25 -30.70 -18.42
CA ILE B 20 12.44 -31.06 -17.28
C ILE B 20 13.34 -31.42 -16.12
N HIS B 21 13.12 -30.81 -14.97
CA HIS B 21 13.86 -31.10 -13.74
C HIS B 21 15.37 -30.94 -13.93
N GLY B 22 15.77 -29.78 -14.44
CA GLY B 22 17.18 -29.45 -14.47
C GLY B 22 18.04 -30.17 -15.49
N LYS B 23 17.45 -30.81 -16.49
CA LYS B 23 18.26 -31.47 -17.51
C LYS B 23 17.46 -31.57 -18.79
N PHE B 24 18.17 -31.66 -19.92
CA PHE B 24 17.51 -31.95 -21.17
C PHE B 24 17.14 -33.42 -21.21
N VAL B 25 15.95 -33.69 -21.74
CA VAL B 25 15.43 -35.04 -21.75
C VAL B 25 14.60 -35.25 -23.01
N ALA B 26 14.65 -36.46 -23.54
CA ALA B 26 13.94 -36.79 -24.76
C ALA B 26 12.43 -36.85 -24.51
N ALA B 27 11.68 -36.28 -25.45
CA ALA B 27 10.23 -36.44 -25.45
C ALA B 27 9.86 -37.90 -25.68
N THR B 28 8.70 -38.30 -25.16
CA THR B 28 8.11 -39.61 -25.40
C THR B 28 6.96 -39.57 -26.39
N SER B 29 6.72 -38.41 -27.01
CA SER B 29 5.64 -38.29 -27.98
C SER B 29 5.90 -39.03 -29.28
N GLY B 30 7.16 -39.22 -29.64
CA GLY B 30 7.52 -39.69 -30.96
C GLY B 30 7.38 -38.66 -32.02
N LYS B 31 7.14 -37.39 -31.64
CA LYS B 31 6.93 -36.32 -32.59
C LYS B 31 7.97 -35.21 -32.41
N THR B 32 8.30 -34.58 -33.54
CA THR B 32 9.24 -33.49 -33.61
C THR B 32 8.67 -32.42 -34.54
N PHE B 33 9.32 -31.26 -34.52
CA PHE B 33 9.02 -30.18 -35.45
C PHE B 33 10.31 -29.43 -35.73
N GLU B 34 10.27 -28.62 -36.78
CA GLU B 34 11.42 -27.85 -37.21
C GLU B 34 11.14 -26.37 -37.00
N THR B 35 12.17 -25.61 -36.62
CA THR B 35 12.12 -24.16 -36.61
C THR B 35 13.00 -23.63 -37.74
N ILE B 36 12.49 -22.62 -38.43
CA ILE B 36 13.10 -22.09 -39.65
C ILE B 36 13.78 -20.76 -39.33
N ASN B 37 14.92 -20.51 -40.00
CA ASN B 37 15.52 -19.19 -40.02
C ASN B 37 14.73 -18.38 -41.03
N PRO B 38 13.98 -17.36 -40.62
CA PRO B 38 13.07 -16.68 -41.57
C PRO B 38 13.80 -15.84 -42.59
N ALA B 39 15.09 -15.59 -42.41
CA ALA B 39 15.87 -14.84 -43.38
C ALA B 39 16.35 -15.71 -44.53
N THR B 40 16.38 -17.03 -44.37
CA THR B 40 16.94 -17.93 -45.39
C THR B 40 16.01 -19.08 -45.78
N GLY B 41 15.06 -19.46 -44.95
CA GLY B 41 14.23 -20.63 -45.21
C GLY B 41 14.81 -21.93 -44.70
N GLU B 42 16.05 -21.93 -44.25
CA GLU B 42 16.72 -23.14 -43.81
C GLU B 42 16.20 -23.59 -42.44
N VAL B 43 16.32 -24.89 -42.18
CA VAL B 43 15.92 -25.44 -40.90
C VAL B 43 17.00 -25.08 -39.87
N LEU B 44 16.60 -24.34 -38.84
CA LEU B 44 17.53 -23.96 -37.78
C LEU B 44 17.86 -25.15 -36.90
N ALA B 45 16.84 -25.93 -36.52
CA ALA B 45 17.00 -27.07 -35.65
C ALA B 45 15.72 -27.89 -35.71
N THR B 46 15.85 -29.17 -35.39
CA THR B 46 14.71 -30.01 -35.12
C THR B 46 14.46 -30.04 -33.62
N VAL B 47 13.20 -29.93 -33.22
CA VAL B 47 12.82 -29.75 -31.82
C VAL B 47 11.79 -30.81 -31.45
N GLN B 48 12.04 -31.51 -30.36
CA GLN B 48 11.10 -32.52 -29.87
C GLN B 48 9.86 -31.86 -29.28
N ALA B 49 8.71 -32.51 -29.47
CA ALA B 49 7.42 -32.01 -29.02
C ALA B 49 6.96 -32.83 -27.80
N ALA B 50 6.48 -32.13 -26.78
CA ALA B 50 6.05 -32.77 -25.55
C ALA B 50 4.64 -33.33 -25.68
N GLY B 51 4.47 -34.61 -25.36
CA GLY B 51 3.16 -35.24 -25.35
C GLY B 51 2.54 -35.15 -23.96
N ARG B 52 1.36 -35.80 -23.83
CA ARG B 52 0.64 -35.72 -22.56
C ARG B 52 1.46 -36.23 -21.40
N GLU B 53 2.18 -37.35 -21.61
CA GLU B 53 2.96 -37.91 -20.53
C GLU B 53 4.14 -37.01 -20.20
N ASP B 54 4.68 -36.33 -21.21
CA ASP B 54 5.75 -35.36 -20.95
C ASP B 54 5.21 -34.21 -20.09
N VAL B 55 4.00 -33.74 -20.38
CA VAL B 55 3.40 -32.69 -19.59
C VAL B 55 3.17 -33.18 -18.17
N ASP B 56 2.70 -34.42 -18.03
CA ASP B 56 2.50 -35.00 -16.70
C ASP B 56 3.81 -35.04 -15.95
N ARG B 57 4.87 -35.50 -16.63
CA ARG B 57 6.19 -35.55 -16.03
C ARG B 57 6.67 -34.17 -15.61
N ALA B 58 6.43 -33.15 -16.45
CA ALA B 58 6.80 -31.78 -16.10
C ALA B 58 6.08 -31.29 -14.85
N VAL B 59 4.80 -31.65 -14.71
CA VAL B 59 4.03 -31.18 -13.55
C VAL B 59 4.55 -31.83 -12.28
N LYS B 60 4.86 -33.12 -12.33
CA LYS B 60 5.37 -33.83 -11.14
C LYS B 60 6.71 -33.21 -10.75
N SER B 61 7.58 -32.95 -11.73
CA SER B 61 8.84 -32.26 -11.47
C SER B 61 8.57 -30.88 -10.85
N ALA B 62 7.63 -30.14 -11.44
CA ALA B 62 7.34 -28.78 -10.96
C ALA B 62 6.82 -28.81 -9.52
N GLN B 63 5.95 -29.77 -9.21
CA GLN B 63 5.40 -29.85 -7.85
C GLN B 63 6.50 -30.07 -6.82
N GLN B 64 7.46 -30.93 -7.13
CA GLN B 64 8.57 -31.16 -6.20
C GLN B 64 9.44 -29.91 -6.06
N GLY B 65 9.84 -29.31 -7.18
CA GLY B 65 10.70 -28.14 -7.11
C GLY B 65 10.06 -26.95 -6.42
N GLN B 66 8.76 -26.75 -6.63
CA GLN B 66 8.11 -25.61 -6.03
C GLN B 66 8.23 -25.64 -4.50
N LYS B 67 8.10 -26.83 -3.90
CA LYS B 67 8.19 -26.93 -2.44
C LYS B 67 9.59 -26.55 -1.96
N VAL B 68 10.64 -26.98 -2.66
CA VAL B 68 11.98 -26.58 -2.28
C VAL B 68 12.13 -25.07 -2.40
N TRP B 69 11.69 -24.52 -3.53
CA TRP B 69 11.84 -23.10 -3.82
C TRP B 69 11.12 -22.26 -2.79
N ALA B 70 9.89 -22.63 -2.44
CA ALA B 70 9.11 -21.85 -1.50
C ALA B 70 9.60 -21.98 -0.07
N ALA B 71 10.23 -23.11 0.28
CA ALA B 71 10.77 -23.28 1.63
C ALA B 71 12.01 -22.41 1.87
N MET B 72 12.67 -21.96 0.82
CA MET B 72 13.80 -21.06 0.94
C MET B 72 13.32 -19.71 1.49
N SER B 73 14.27 -18.96 2.05
CA SER B 73 13.98 -17.60 2.50
C SER B 73 13.70 -16.69 1.30
N ALA B 74 13.00 -15.58 1.57
CA ALA B 74 12.74 -14.61 0.51
C ALA B 74 14.04 -14.10 -0.09
N MET B 75 15.04 -13.78 0.74
CA MET B 75 16.28 -13.25 0.20
C MET B 75 17.08 -14.33 -0.53
N ALA B 76 16.97 -15.60 -0.12
CA ALA B 76 17.64 -16.67 -0.85
C ALA B 76 17.09 -16.77 -2.28
N ARG B 77 15.77 -16.65 -2.44
CA ARG B 77 15.19 -16.61 -3.78
C ARG B 77 15.67 -15.37 -4.53
N SER B 78 15.71 -14.23 -3.85
CA SER B 78 16.14 -12.99 -4.51
CA SER B 78 16.13 -12.99 -4.51
C SER B 78 17.54 -13.13 -5.07
N ARG B 79 18.47 -13.73 -4.30
CA ARG B 79 19.85 -13.82 -4.75
C ARG B 79 19.98 -14.75 -5.96
N ILE B 80 19.19 -15.82 -5.99
CA ILE B 80 19.27 -16.75 -7.12
C ILE B 80 18.80 -16.07 -8.40
N LEU B 81 17.70 -15.32 -8.32
CA LEU B 81 17.22 -14.62 -9.51
C LEU B 81 18.20 -13.53 -9.96
N ARG B 82 18.86 -12.85 -9.02
CA ARG B 82 19.85 -11.85 -9.44
C ARG B 82 21.07 -12.49 -10.08
N LYS B 83 21.44 -13.70 -9.66
CA LYS B 83 22.52 -14.42 -10.34
C LYS B 83 22.12 -14.74 -11.77
N ALA B 84 20.86 -15.09 -11.99
CA ALA B 84 20.37 -15.31 -13.34
C ALA B 84 20.43 -14.02 -14.15
N VAL B 85 20.10 -12.90 -13.53
CA VAL B 85 20.21 -11.60 -14.19
C VAL B 85 21.64 -11.37 -14.65
N ASP B 86 22.62 -11.63 -13.78
CA ASP B 86 24.02 -11.40 -14.12
C ASP B 86 24.44 -12.23 -15.32
N ILE B 87 23.99 -13.49 -15.39
CA ILE B 87 24.34 -14.32 -16.53
C ILE B 87 23.69 -13.78 -17.80
N LEU B 88 22.44 -13.32 -17.70
CA LEU B 88 21.75 -12.77 -18.87
C LEU B 88 22.45 -11.53 -19.40
N ARG B 89 22.94 -10.67 -18.51
CA ARG B 89 23.70 -9.50 -18.97
C ARG B 89 24.97 -9.92 -19.69
N GLU B 90 25.67 -10.92 -19.15
CA GLU B 90 26.91 -11.38 -19.77
C GLU B 90 26.66 -12.02 -21.13
N ARG B 91 25.56 -12.77 -21.28
N ARG B 91 25.56 -12.77 -21.27
CA ARG B 91 25.27 -13.49 -22.50
CA ARG B 91 25.25 -13.50 -22.48
C ARG B 91 24.29 -12.74 -23.41
C ARG B 91 24.28 -12.74 -23.40
N ASN B 92 24.12 -11.43 -23.18
CA ASN B 92 23.15 -10.67 -23.95
C ASN B 92 23.35 -10.82 -25.45
N ASP B 93 24.59 -10.61 -25.94
CA ASP B 93 24.85 -10.65 -27.37
C ASP B 93 24.62 -12.05 -27.94
N GLU B 94 25.11 -13.08 -27.24
CA GLU B 94 24.93 -14.45 -27.72
C GLU B 94 23.45 -14.80 -27.79
N LEU B 95 22.68 -14.46 -26.75
CA LEU B 95 21.25 -14.74 -26.75
C LEU B 95 20.54 -13.95 -27.85
N ALA B 96 20.93 -12.69 -28.05
CA ALA B 96 20.30 -11.86 -29.07
C ALA B 96 20.53 -12.43 -30.47
N ARG B 97 21.75 -12.91 -30.73
CA ARG B 97 22.02 -13.50 -32.04
C ARG B 97 21.17 -14.73 -32.29
N LEU B 98 21.00 -15.57 -31.27
CA LEU B 98 20.10 -16.71 -31.41
C LEU B 98 18.67 -16.27 -31.66
N GLU B 99 18.22 -15.24 -30.94
CA GLU B 99 16.87 -14.72 -31.15
C GLU B 99 16.70 -14.17 -32.57
N THR B 100 17.73 -13.48 -33.07
CA THR B 100 17.66 -12.97 -34.44
C THR B 100 17.55 -14.11 -35.44
N LEU B 101 18.28 -15.20 -35.21
CA LEU B 101 18.22 -16.34 -36.13
C LEU B 101 16.83 -16.98 -36.13
N ASP B 102 16.21 -17.08 -34.95
CA ASP B 102 14.95 -17.78 -34.79
C ASP B 102 13.76 -16.92 -35.20
N THR B 103 13.85 -15.61 -35.00
CA THR B 103 12.71 -14.73 -35.23
C THR B 103 12.83 -13.86 -36.47
N GLY B 104 14.06 -13.62 -36.94
CA GLY B 104 14.25 -12.68 -38.02
C GLY B 104 14.31 -11.23 -37.61
N LYS B 105 14.29 -10.93 -36.33
CA LYS B 105 14.38 -9.53 -35.95
C LYS B 105 15.85 -9.08 -36.01
N PRO B 106 16.10 -7.85 -36.45
CA PRO B 106 17.50 -7.39 -36.55
C PRO B 106 18.22 -7.43 -35.21
N LEU B 107 19.51 -7.78 -35.26
CA LEU B 107 20.34 -7.73 -34.06
C LEU B 107 20.35 -6.35 -33.44
N SER B 108 20.20 -5.31 -34.25
CA SER B 108 20.11 -3.96 -33.70
C SER B 108 18.92 -3.83 -32.74
N GLU B 109 17.90 -4.67 -32.88
CA GLU B 109 16.81 -4.73 -31.91
C GLU B 109 17.13 -5.72 -30.79
N THR B 110 17.42 -6.98 -31.16
CA THR B 110 17.46 -8.05 -30.17
C THR B 110 18.54 -7.81 -29.11
N ALA B 111 19.69 -7.26 -29.53
CA ALA B 111 20.78 -7.03 -28.59
C ALA B 111 20.54 -5.81 -27.71
N ALA B 112 19.58 -4.95 -28.07
CA ALA B 112 19.32 -3.72 -27.32
C ALA B 112 18.03 -3.77 -26.52
N VAL B 113 17.11 -4.67 -26.85
CA VAL B 113 15.79 -4.66 -26.24
C VAL B 113 15.45 -5.99 -25.61
N ASP B 114 15.51 -7.07 -26.40
CA ASP B 114 14.83 -8.31 -26.02
C ASP B 114 15.33 -8.83 -24.66
N ILE B 115 16.64 -9.07 -24.55
CA ILE B 115 17.16 -9.59 -23.29
C ILE B 115 17.35 -8.48 -22.27
N VAL B 116 17.68 -7.26 -22.72
CA VAL B 116 17.88 -6.14 -21.82
C VAL B 116 16.62 -5.91 -20.99
N THR B 117 15.46 -5.80 -21.66
CA THR B 117 14.22 -5.54 -20.93
C THR B 117 13.62 -6.79 -20.30
N GLY B 118 13.95 -7.97 -20.81
CA GLY B 118 13.58 -9.19 -20.10
C GLY B 118 14.29 -9.29 -18.77
N ALA B 119 15.62 -9.09 -18.78
CA ALA B 119 16.39 -9.12 -17.56
C ALA B 119 16.02 -7.97 -16.62
N ASP B 120 15.59 -6.83 -17.17
CA ASP B 120 15.16 -5.72 -16.32
C ASP B 120 14.00 -6.14 -15.43
N VAL B 121 13.06 -6.91 -15.98
CA VAL B 121 11.88 -7.33 -15.23
C VAL B 121 12.25 -8.38 -14.20
N LEU B 122 13.10 -9.33 -14.57
CA LEU B 122 13.58 -10.31 -13.61
C LEU B 122 14.34 -9.65 -12.47
N GLU B 123 15.20 -8.69 -12.80
CA GLU B 123 15.97 -7.94 -11.79
C GLU B 123 15.02 -7.18 -10.87
N TYR B 124 13.99 -6.57 -11.45
CA TYR B 124 13.01 -5.82 -10.69
C TYR B 124 12.30 -6.71 -9.69
N TYR B 125 11.77 -7.85 -10.15
CA TYR B 125 11.04 -8.72 -9.23
C TYR B 125 11.95 -9.39 -8.21
N ALA B 126 13.20 -9.68 -8.55
CA ALA B 126 14.10 -10.29 -7.58
C ALA B 126 14.21 -9.43 -6.32
N GLY B 127 14.29 -8.12 -6.48
CA GLY B 127 14.40 -7.23 -5.33
C GLY B 127 13.11 -7.05 -4.56
N LEU B 128 11.96 -7.32 -5.18
CA LEU B 128 10.68 -7.12 -4.52
C LEU B 128 10.22 -8.30 -3.69
N ILE B 129 10.86 -9.46 -3.81
CA ILE B 129 10.39 -10.65 -3.10
C ILE B 129 10.25 -10.38 -1.61
N PRO B 130 11.21 -9.70 -0.96
CA PRO B 130 11.09 -9.49 0.50
C PRO B 130 9.99 -8.53 0.90
N ALA B 131 9.47 -7.74 -0.03
CA ALA B 131 8.36 -6.84 0.27
C ALA B 131 6.99 -7.45 0.04
N LEU B 132 6.93 -8.70 -0.43
CA LEU B 132 5.64 -9.40 -0.57
C LEU B 132 5.08 -9.69 0.83
N GLU B 133 4.03 -8.99 1.20
CA GLU B 133 3.52 -8.99 2.56
C GLU B 133 2.02 -9.22 2.59
N GLY B 134 1.57 -9.92 3.63
CA GLY B 134 0.16 -9.97 3.96
C GLY B 134 -0.25 -8.78 4.80
N SER B 135 -1.43 -8.90 5.40
CA SER B 135 -2.01 -7.81 6.18
CA SER B 135 -2.01 -7.81 6.17
C SER B 135 -2.49 -8.33 7.53
N GLN B 136 -2.79 -7.40 8.43
CA GLN B 136 -3.36 -7.71 9.74
C GLN B 136 -4.46 -6.71 10.02
N ILE B 137 -5.61 -7.21 10.47
CA ILE B 137 -6.81 -6.38 10.68
C ILE B 137 -7.35 -6.64 12.08
N PRO B 138 -7.32 -5.66 12.98
CA PRO B 138 -7.92 -5.88 14.32
C PRO B 138 -9.43 -5.73 14.25
N LEU B 139 -10.14 -6.77 14.64
CA LEU B 139 -11.60 -6.74 14.70
C LEU B 139 -12.08 -6.18 16.03
N ARG B 140 -11.48 -6.61 17.12
CA ARG B 140 -11.86 -6.24 18.47
C ARG B 140 -10.72 -6.71 19.37
N ASP B 141 -10.82 -6.35 20.65
CA ASP B 141 -9.77 -6.73 21.59
C ASP B 141 -9.52 -8.23 21.56
N SER B 142 -10.58 -9.02 21.36
CA SER B 142 -10.50 -10.47 21.51
C SER B 142 -10.37 -11.21 20.18
N SER B 143 -10.22 -10.52 19.07
CA SER B 143 -10.13 -11.21 17.79
C SER B 143 -9.43 -10.32 16.77
N PHE B 144 -8.62 -10.95 15.93
CA PHE B 144 -7.99 -10.24 14.83
C PHE B 144 -7.84 -11.19 13.65
N VAL B 145 -7.58 -10.61 12.49
CA VAL B 145 -7.37 -11.34 11.25
C VAL B 145 -5.98 -11.00 10.73
N TYR B 146 -5.29 -12.00 10.18
CA TYR B 146 -4.11 -11.73 9.37
C TYR B 146 -4.20 -12.55 8.10
N THR B 147 -3.53 -12.08 7.06
CA THR B 147 -3.54 -12.73 5.75
C THR B 147 -2.15 -13.15 5.33
N ARG B 148 -2.08 -14.26 4.61
CA ARG B 148 -0.86 -14.72 3.97
C ARG B 148 -1.02 -14.67 2.45
N ARG B 149 0.05 -14.25 1.77
CA ARG B 149 0.12 -14.31 0.32
C ARG B 149 0.92 -15.54 -0.05
N GLU B 150 0.21 -16.67 -0.33
CA GLU B 150 0.84 -17.96 -0.56
C GLU B 150 1.04 -18.19 -2.06
N PRO B 151 2.04 -19.00 -2.42
CA PRO B 151 2.19 -19.40 -3.83
C PRO B 151 0.97 -20.15 -4.34
N LEU B 152 0.66 -19.96 -5.62
CA LEU B 152 -0.36 -20.78 -6.26
C LEU B 152 0.08 -22.23 -6.42
N GLY B 153 1.39 -22.47 -6.59
CA GLY B 153 1.90 -23.81 -6.85
C GLY B 153 2.60 -23.95 -8.19
N VAL B 154 1.98 -24.66 -9.12
CA VAL B 154 2.49 -24.82 -10.47
C VAL B 154 1.63 -23.99 -11.41
N VAL B 155 2.28 -23.08 -12.16
CA VAL B 155 1.62 -22.23 -13.13
C VAL B 155 2.22 -22.51 -14.50
N ALA B 156 1.47 -22.18 -15.54
CA ALA B 156 1.94 -22.40 -16.90
C ALA B 156 1.98 -21.09 -17.69
N GLY B 157 3.04 -20.92 -18.45
CA GLY B 157 3.16 -19.80 -19.35
C GLY B 157 3.22 -20.29 -20.79
N ILE B 158 2.45 -19.64 -21.66
CA ILE B 158 2.44 -19.96 -23.09
C ILE B 158 2.90 -18.72 -23.83
N GLY B 159 4.07 -18.80 -24.46
CA GLY B 159 4.67 -17.66 -25.11
C GLY B 159 4.25 -17.47 -26.56
N ALA B 160 4.50 -16.27 -27.06
CA ALA B 160 4.33 -15.93 -28.46
C ALA B 160 5.68 -15.84 -29.14
N TRP B 161 5.66 -15.69 -30.46
CA TRP B 161 6.87 -15.82 -31.24
C TRP B 161 7.56 -14.50 -31.53
N ASN B 162 6.95 -13.36 -31.21
CA ASN B 162 7.55 -12.11 -31.64
C ASN B 162 8.63 -11.62 -30.67
N TYR B 163 8.48 -11.88 -29.37
CA TYR B 163 9.50 -11.55 -28.38
C TYR B 163 9.74 -12.76 -27.48
N PRO B 164 10.37 -13.81 -28.02
CA PRO B 164 10.36 -15.11 -27.32
C PRO B 164 10.99 -15.09 -25.94
N ILE B 165 12.22 -14.60 -25.82
CA ILE B 165 12.87 -14.66 -24.51
C ILE B 165 12.34 -13.57 -23.57
N GLN B 166 11.95 -12.41 -24.12
CA GLN B 166 11.35 -11.37 -23.27
C GLN B 166 10.06 -11.87 -22.63
N ILE B 167 9.20 -12.53 -23.41
CA ILE B 167 7.95 -13.05 -22.88
C ILE B 167 8.22 -14.10 -21.83
N ALA B 168 9.18 -15.00 -22.10
CA ALA B 168 9.52 -16.02 -21.12
C ALA B 168 9.99 -15.39 -19.80
N LEU B 169 10.76 -14.31 -19.87
CA LEU B 169 11.20 -13.63 -18.65
C LEU B 169 10.06 -12.85 -17.99
N TRP B 170 9.24 -12.15 -18.77
CA TRP B 170 8.15 -11.39 -18.17
C TRP B 170 7.14 -12.31 -17.49
N LYS B 171 6.98 -13.54 -17.98
CA LYS B 171 6.08 -14.48 -17.31
C LYS B 171 6.76 -15.21 -16.15
N SER B 172 7.99 -15.69 -16.37
CA SER B 172 8.62 -16.51 -15.36
C SER B 172 9.11 -15.68 -14.17
N ALA B 173 9.49 -14.42 -14.39
CA ALA B 173 10.04 -13.64 -13.29
C ALA B 173 9.04 -13.41 -12.16
N PRO B 174 7.83 -12.92 -12.41
CA PRO B 174 6.89 -12.77 -11.29
C PRO B 174 6.41 -14.09 -10.73
N ALA B 175 6.26 -15.11 -11.58
CA ALA B 175 5.82 -16.41 -11.09
C ALA B 175 6.83 -17.01 -10.13
N LEU B 176 8.11 -17.02 -10.54
CA LEU B 176 9.15 -17.56 -9.66
C LEU B 176 9.35 -16.68 -8.43
N ALA B 177 9.33 -15.36 -8.61
CA ALA B 177 9.55 -14.46 -7.48
C ALA B 177 8.46 -14.63 -6.42
N ALA B 178 7.24 -14.98 -6.83
CA ALA B 178 6.14 -15.23 -5.91
C ALA B 178 6.20 -16.61 -5.26
N GLY B 179 7.20 -17.42 -5.59
CA GLY B 179 7.35 -18.72 -5.00
C GLY B 179 6.74 -19.87 -5.77
N ASN B 180 6.32 -19.65 -7.01
CA ASN B 180 5.77 -20.73 -7.80
C ASN B 180 6.85 -21.40 -8.65
N ALA B 181 6.49 -22.55 -9.22
CA ALA B 181 7.21 -23.13 -10.35
C ALA B 181 6.40 -22.85 -11.62
N MET B 182 7.09 -22.60 -12.74
CA MET B 182 6.43 -22.37 -14.02
C MET B 182 6.85 -23.42 -15.04
N ILE B 183 5.86 -24.00 -15.73
CA ILE B 183 6.10 -24.74 -16.97
C ILE B 183 5.82 -23.80 -18.13
N PHE B 184 6.83 -23.59 -18.97
CA PHE B 184 6.72 -22.64 -20.06
C PHE B 184 6.68 -23.40 -21.38
N LYS B 185 5.72 -23.05 -22.23
CA LYS B 185 5.61 -23.64 -23.57
C LYS B 185 5.88 -22.54 -24.58
N PRO B 186 7.07 -22.51 -25.19
CA PRO B 186 7.35 -21.51 -26.21
C PRO B 186 6.57 -21.80 -27.49
N SER B 187 6.45 -20.75 -28.32
CA SER B 187 5.84 -20.91 -29.64
C SER B 187 6.67 -21.83 -30.52
N GLU B 188 5.99 -22.69 -31.29
CA GLU B 188 6.68 -23.59 -32.20
C GLU B 188 7.56 -22.83 -33.19
N VAL B 189 7.23 -21.56 -33.47
CA VAL B 189 8.04 -20.77 -34.38
C VAL B 189 9.38 -20.42 -33.79
N THR B 190 9.46 -20.25 -32.46
CA THR B 190 10.64 -19.66 -31.80
C THR B 190 10.92 -20.34 -30.48
N PRO B 191 11.29 -21.63 -30.49
CA PRO B 191 11.49 -22.37 -29.23
C PRO B 191 12.88 -22.28 -28.64
N LEU B 192 13.86 -21.72 -29.35
CA LEU B 192 15.24 -21.97 -28.99
C LEU B 192 15.69 -21.17 -27.77
N THR B 193 15.32 -19.90 -27.66
CA THR B 193 15.86 -19.12 -26.54
C THR B 193 15.26 -19.53 -25.21
N ALA B 194 14.02 -20.04 -25.19
CA ALA B 194 13.44 -20.51 -23.94
C ALA B 194 14.23 -21.66 -23.34
N LEU B 195 14.77 -22.55 -24.18
CA LEU B 195 15.57 -23.65 -23.66
C LEU B 195 16.88 -23.14 -23.09
N LYS B 196 17.46 -22.10 -23.70
CA LYS B 196 18.66 -21.47 -23.15
C LYS B 196 18.36 -20.83 -21.81
N LEU B 197 17.20 -20.19 -21.68
CA LEU B 197 16.86 -19.55 -20.40
C LEU B 197 16.78 -20.59 -19.29
N ALA B 198 16.23 -21.77 -19.59
CA ALA B 198 16.17 -22.84 -18.60
C ALA B 198 17.55 -23.24 -18.10
N GLU B 199 18.53 -23.32 -19.01
CA GLU B 199 19.89 -23.64 -18.60
C GLU B 199 20.46 -22.55 -17.70
N ILE B 200 20.15 -21.29 -18.01
CA ILE B 200 20.67 -20.17 -17.24
C ILE B 200 20.11 -20.19 -15.81
N TYR B 201 18.81 -20.46 -15.66
CA TYR B 201 18.23 -20.53 -14.33
C TYR B 201 18.92 -21.61 -13.50
N ARG B 202 19.18 -22.79 -14.10
CA ARG B 202 19.83 -23.86 -13.34
C ARG B 202 21.21 -23.41 -12.88
N GLU B 203 21.97 -22.80 -13.79
CA GLU B 203 23.30 -22.32 -13.47
C GLU B 203 23.28 -21.26 -12.39
N ALA B 204 22.19 -20.49 -12.30
CA ALA B 204 22.06 -19.51 -11.23
C ALA B 204 21.69 -20.13 -9.89
N GLY B 205 21.26 -21.38 -9.87
CA GLY B 205 20.86 -22.03 -8.64
C GLY B 205 19.37 -22.29 -8.48
N LEU B 206 18.57 -22.07 -9.50
CA LEU B 206 17.16 -22.36 -9.39
C LEU B 206 16.98 -23.85 -9.11
N PRO B 207 16.18 -24.23 -8.11
CA PRO B 207 15.97 -25.66 -7.86
C PRO B 207 15.38 -26.38 -9.07
N ASP B 208 15.77 -27.63 -9.23
CA ASP B 208 15.29 -28.43 -10.35
C ASP B 208 13.77 -28.55 -10.31
N GLY B 209 13.16 -28.38 -11.48
CA GLY B 209 11.72 -28.42 -11.61
C GLY B 209 11.01 -27.09 -11.49
N VAL B 210 11.69 -26.03 -11.05
CA VAL B 210 11.01 -24.76 -10.83
C VAL B 210 10.74 -24.04 -12.16
N PHE B 211 11.58 -24.23 -13.17
CA PHE B 211 11.32 -23.70 -14.51
C PHE B 211 11.58 -24.80 -15.52
N ASN B 212 10.50 -25.38 -16.04
CA ASN B 212 10.56 -26.43 -17.05
C ASN B 212 10.05 -25.87 -18.37
N VAL B 213 10.64 -26.33 -19.49
CA VAL B 213 10.31 -25.84 -20.82
C VAL B 213 9.92 -27.02 -21.69
N LEU B 214 8.74 -26.92 -22.30
CA LEU B 214 8.17 -27.99 -23.12
C LEU B 214 7.85 -27.42 -24.50
N PRO B 215 8.79 -27.48 -25.44
CA PRO B 215 8.44 -27.14 -26.81
C PRO B 215 7.36 -28.07 -27.33
N GLY B 216 6.57 -27.56 -28.26
CA GLY B 216 5.51 -28.36 -28.86
C GLY B 216 4.55 -27.47 -29.62
N ILE B 217 3.47 -28.07 -30.08
CA ILE B 217 2.45 -27.37 -30.84
C ILE B 217 1.31 -27.00 -29.91
N GLY B 218 0.60 -25.92 -30.25
CA GLY B 218 -0.48 -25.45 -29.39
C GLY B 218 -1.60 -26.45 -29.25
N ALA B 219 -1.99 -27.09 -30.35
CA ALA B 219 -3.11 -28.02 -30.33
C ALA B 219 -2.82 -29.24 -29.48
N GLU B 220 -1.55 -29.55 -29.23
CA GLU B 220 -1.20 -30.71 -28.42
C GLU B 220 -0.54 -30.28 -27.12
N THR B 221 0.69 -29.75 -27.16
CA THR B 221 1.39 -29.43 -25.92
C THR B 221 0.67 -28.33 -25.17
N GLY B 222 0.26 -27.28 -25.88
CA GLY B 222 -0.46 -26.20 -25.23
C GLY B 222 -1.75 -26.67 -24.59
N GLN B 223 -2.52 -27.48 -25.31
CA GLN B 223 -3.79 -27.94 -24.78
C GLN B 223 -3.60 -28.82 -23.55
N TYR B 224 -2.58 -29.68 -23.57
CA TYR B 224 -2.35 -30.55 -22.42
C TYR B 224 -2.06 -29.75 -21.16
N LEU B 225 -1.31 -28.65 -21.29
CA LEU B 225 -1.05 -27.81 -20.12
C LEU B 225 -2.32 -27.11 -19.64
N THR B 226 -3.09 -26.55 -20.56
CA THR B 226 -4.29 -25.83 -20.17
C THR B 226 -5.33 -26.78 -19.57
N GLU B 227 -5.23 -28.08 -19.84
CA GLU B 227 -6.18 -29.06 -19.35
C GLU B 227 -5.74 -29.75 -18.07
N HIS B 228 -4.46 -29.66 -17.70
CA HIS B 228 -3.92 -30.43 -16.59
C HIS B 228 -4.59 -30.03 -15.28
N PRO B 229 -5.07 -30.99 -14.49
CA PRO B 229 -5.78 -30.64 -13.25
C PRO B 229 -4.92 -29.97 -12.19
N ASP B 230 -3.59 -30.14 -12.22
CA ASP B 230 -2.71 -29.65 -11.16
C ASP B 230 -1.99 -28.36 -11.52
N ILE B 231 -2.44 -27.65 -12.56
CA ILE B 231 -1.91 -26.33 -12.89
C ILE B 231 -2.91 -25.31 -12.38
N ALA B 232 -2.41 -24.32 -11.61
CA ALA B 232 -3.26 -23.39 -10.88
C ALA B 232 -3.53 -22.11 -11.64
N LYS B 233 -2.70 -21.77 -12.62
CA LYS B 233 -2.85 -20.50 -13.34
C LYS B 233 -2.22 -20.67 -14.70
N ILE B 234 -2.82 -20.02 -15.70
CA ILE B 234 -2.30 -19.99 -17.06
C ILE B 234 -2.03 -18.53 -17.42
N SER B 235 -0.86 -18.27 -17.99
CA SER B 235 -0.53 -16.95 -18.54
C SER B 235 -0.24 -17.09 -20.03
N PHE B 236 -1.00 -16.39 -20.86
CA PHE B 236 -0.96 -16.59 -22.30
C PHE B 236 -0.72 -15.28 -23.01
N THR B 237 0.20 -15.29 -23.98
CA THR B 237 0.41 -14.18 -24.89
C THR B 237 0.28 -14.73 -26.30
N GLY B 238 -0.54 -14.09 -27.12
CA GLY B 238 -0.77 -14.63 -28.45
C GLY B 238 -1.95 -13.95 -29.12
N GLY B 239 -2.43 -14.61 -30.16
CA GLY B 239 -3.56 -14.11 -30.91
C GLY B 239 -4.88 -14.43 -30.24
N VAL B 240 -5.89 -13.65 -30.62
CA VAL B 240 -7.20 -13.79 -30.02
C VAL B 240 -7.77 -15.19 -30.21
N ALA B 241 -7.60 -15.77 -31.40
CA ALA B 241 -8.19 -17.08 -31.64
C ALA B 241 -7.58 -18.12 -30.72
N SER B 242 -6.25 -18.15 -30.62
CA SER B 242 -5.60 -19.10 -29.72
C SER B 242 -5.97 -18.84 -28.26
N GLY B 243 -6.11 -17.57 -27.86
CA GLY B 243 -6.48 -17.29 -26.48
C GLY B 243 -7.80 -17.92 -26.09
N LYS B 244 -8.80 -17.79 -26.96
CA LYS B 244 -10.12 -18.35 -26.70
C LYS B 244 -10.04 -19.87 -26.53
N LYS B 245 -9.20 -20.52 -27.34
CA LYS B 245 -9.01 -21.95 -27.18
C LYS B 245 -8.43 -22.23 -25.80
N VAL B 246 -7.45 -21.42 -25.38
CA VAL B 246 -6.85 -21.60 -24.06
C VAL B 246 -7.93 -21.41 -23.00
N MET B 247 -8.73 -20.36 -23.15
CA MET B 247 -9.77 -20.06 -22.16
C MET B 247 -10.82 -21.16 -22.14
N ALA B 248 -11.11 -21.77 -23.29
CA ALA B 248 -12.14 -22.80 -23.33
C ALA B 248 -11.65 -24.08 -22.65
N ASN B 249 -10.44 -24.51 -22.98
CA ASN B 249 -9.91 -25.73 -22.40
C ASN B 249 -9.68 -25.57 -20.90
N SER B 250 -9.33 -24.35 -20.46
CA SER B 250 -9.11 -24.10 -19.05
C SER B 250 -10.42 -24.14 -18.26
N ALA B 251 -11.50 -23.59 -18.83
CA ALA B 251 -12.80 -23.68 -18.18
C ALA B 251 -13.32 -25.11 -18.15
N ALA B 252 -13.23 -25.84 -19.26
CA ALA B 252 -13.76 -27.20 -19.25
C ALA B 252 -13.02 -28.07 -18.23
N SER B 253 -11.77 -27.73 -17.95
CA SER B 253 -10.90 -28.44 -17.03
C SER B 253 -10.88 -27.76 -15.65
N SER B 254 -9.91 -28.16 -14.83
CA SER B 254 -9.73 -27.63 -13.48
C SER B 254 -9.72 -26.10 -13.50
N LEU B 255 -10.23 -25.51 -12.42
CA LEU B 255 -10.63 -24.10 -12.40
C LEU B 255 -9.41 -23.21 -12.23
N LYS B 256 -8.78 -22.92 -13.37
CA LYS B 256 -7.54 -22.16 -13.42
C LYS B 256 -7.88 -20.67 -13.50
N GLU B 257 -6.99 -19.83 -12.98
CA GLU B 257 -7.01 -18.41 -13.29
C GLU B 257 -6.22 -18.21 -14.58
N VAL B 258 -6.80 -17.45 -15.52
CA VAL B 258 -6.17 -17.18 -16.80
C VAL B 258 -5.77 -15.70 -16.86
N THR B 259 -4.59 -15.44 -17.42
CA THR B 259 -4.15 -14.11 -17.81
C THR B 259 -3.76 -14.10 -19.27
N MET B 260 -4.20 -13.08 -20.00
CA MET B 260 -4.00 -13.02 -21.45
C MET B 260 -3.51 -11.64 -21.86
N GLU B 261 -2.48 -11.61 -22.70
CA GLU B 261 -2.01 -10.41 -23.39
C GLU B 261 -2.23 -10.70 -24.87
N LEU B 262 -3.30 -10.19 -25.44
CA LEU B 262 -3.61 -10.41 -26.84
C LEU B 262 -3.25 -9.19 -27.65
N GLY B 263 -3.66 -9.18 -28.91
CA GLY B 263 -3.32 -8.12 -29.83
C GLY B 263 -4.12 -6.87 -29.58
N GLY B 264 -3.87 -5.87 -30.43
CA GLY B 264 -4.62 -4.63 -30.41
C GLY B 264 -4.71 -4.02 -31.79
N LYS B 265 -5.48 -2.92 -31.88
CA LYS B 265 -5.42 -2.04 -33.04
C LYS B 265 -5.33 -0.64 -32.43
N SER B 266 -4.13 -0.28 -31.95
CA SER B 266 -4.01 0.83 -31.03
C SER B 266 -3.94 2.15 -31.79
N PRO B 267 -4.62 3.19 -31.29
CA PRO B 267 -4.61 4.48 -31.99
C PRO B 267 -3.47 5.39 -31.51
N LEU B 268 -2.88 6.07 -32.48
CA LEU B 268 -1.96 7.18 -32.25
C LEU B 268 -2.65 8.46 -32.72
N ILE B 269 -2.93 9.36 -31.79
CA ILE B 269 -3.69 10.58 -32.09
C ILE B 269 -2.72 11.74 -32.18
N ILE B 270 -2.62 12.32 -33.37
N ILE B 270 -2.61 12.32 -33.37
CA ILE B 270 -1.77 13.49 -33.58
CA ILE B 270 -1.77 13.48 -33.60
C ILE B 270 -2.63 14.73 -33.44
C ILE B 270 -2.63 14.72 -33.43
N ALA B 271 -2.29 15.57 -32.46
CA ALA B 271 -3.08 16.76 -32.20
C ALA B 271 -2.76 17.87 -33.19
N GLU B 272 -3.67 18.86 -33.24
CA GLU B 272 -3.49 19.96 -34.19
C GLU B 272 -2.29 20.83 -33.85
N ASP B 273 -1.81 20.80 -32.62
CA ASP B 273 -0.66 21.61 -32.24
C ASP B 273 0.64 20.79 -32.18
N ALA B 274 0.62 19.56 -32.68
CA ALA B 274 1.80 18.72 -32.60
C ALA B 274 2.82 19.12 -33.66
N ASN B 275 4.11 19.05 -33.30
CA ASN B 275 5.18 19.10 -34.28
C ASN B 275 5.14 17.84 -35.15
N LEU B 276 5.07 18.03 -36.47
CA LEU B 276 4.82 16.89 -37.35
C LEU B 276 6.05 16.01 -37.55
N ASP B 277 7.25 16.55 -37.34
CA ASP B 277 8.44 15.68 -37.37
C ASP B 277 8.44 14.73 -36.18
N LEU B 278 8.09 15.23 -34.99
CA LEU B 278 7.94 14.35 -33.83
C LEU B 278 6.82 13.35 -34.06
N ALA B 279 5.67 13.83 -34.54
CA ALA B 279 4.56 12.93 -34.83
C ALA B 279 4.98 11.84 -35.80
N ALA B 280 5.71 12.21 -36.86
CA ALA B 280 6.15 11.21 -37.84
C ALA B 280 7.11 10.22 -37.23
N ASP B 281 8.05 10.68 -36.39
CA ASP B 281 9.00 9.77 -35.77
C ASP B 281 8.29 8.78 -34.85
N ILE B 282 7.32 9.27 -34.07
CA ILE B 282 6.55 8.39 -33.21
C ILE B 282 5.75 7.39 -34.04
N ALA B 283 5.11 7.85 -35.11
CA ALA B 283 4.32 6.94 -35.94
C ALA B 283 5.21 5.86 -36.57
N MET B 284 6.42 6.24 -37.00
CA MET B 284 7.34 5.25 -37.53
C MET B 284 7.68 4.19 -36.50
N MET B 285 8.04 4.62 -35.28
CA MET B 285 8.42 3.68 -34.24
C MET B 285 7.23 2.86 -33.77
N ALA B 286 6.03 3.41 -33.90
CA ALA B 286 4.82 2.72 -33.50
C ALA B 286 4.33 1.72 -34.54
N ASN B 287 4.98 1.65 -35.71
CA ASN B 287 4.46 0.80 -36.78
C ASN B 287 5.46 -0.19 -37.35
N PHE B 288 6.73 0.20 -37.44
CA PHE B 288 7.71 -0.57 -38.19
C PHE B 288 8.84 -1.18 -37.37
N TYR B 289 8.83 -1.03 -36.06
CA TYR B 289 9.75 -1.77 -35.21
C TYR B 289 9.42 -3.26 -35.25
N SER B 290 10.46 -4.09 -35.22
CA SER B 290 10.28 -5.55 -35.30
C SER B 290 9.43 -5.92 -36.51
N SER B 291 9.55 -5.13 -37.58
CA SER B 291 8.82 -5.35 -38.82
C SER B 291 7.31 -5.32 -38.60
N GLY B 292 6.84 -4.49 -37.65
CA GLY B 292 5.42 -4.38 -37.39
C GLY B 292 4.83 -5.50 -36.56
N GLN B 293 5.65 -6.40 -36.04
CA GLN B 293 5.17 -7.57 -35.32
C GLN B 293 5.16 -7.32 -33.82
N VAL B 294 4.36 -6.32 -33.40
CA VAL B 294 4.29 -5.90 -32.00
C VAL B 294 2.83 -5.67 -31.63
N CYS B 295 2.40 -6.24 -30.51
CA CYS B 295 0.99 -6.15 -30.14
C CYS B 295 0.56 -4.72 -29.87
N THR B 296 1.46 -3.88 -29.38
CA THR B 296 1.14 -2.51 -28.97
C THR B 296 1.25 -1.50 -30.10
N ASN B 297 1.49 -1.93 -31.33
CA ASN B 297 1.77 -0.97 -32.39
C ASN B 297 0.60 -0.03 -32.63
N GLY B 298 0.93 1.22 -32.95
CA GLY B 298 -0.05 2.25 -33.23
C GLY B 298 -0.44 2.26 -34.69
N THR B 299 -1.20 1.25 -35.10
CA THR B 299 -1.47 1.00 -36.51
C THR B 299 -2.61 1.84 -37.07
N ARG B 300 -3.37 2.53 -36.23
CA ARG B 300 -4.34 3.53 -36.68
C ARG B 300 -3.77 4.88 -36.27
N VAL B 301 -3.22 5.61 -37.24
CA VAL B 301 -2.62 6.91 -37.00
C VAL B 301 -3.64 7.97 -37.40
N PHE B 302 -4.17 8.69 -36.41
CA PHE B 302 -5.17 9.73 -36.64
C PHE B 302 -4.49 11.08 -36.79
N VAL B 303 -4.70 11.73 -37.93
CA VAL B 303 -4.03 13.00 -38.23
C VAL B 303 -5.07 14.05 -38.57
N PRO B 304 -4.92 15.29 -38.13
CA PRO B 304 -5.89 16.32 -38.53
C PRO B 304 -5.90 16.49 -40.04
N ALA B 305 -7.09 16.69 -40.59
CA ALA B 305 -7.23 16.82 -42.04
C ALA B 305 -6.31 17.90 -42.60
N LYS B 306 -6.18 19.03 -41.91
CA LYS B 306 -5.41 20.14 -42.45
C LYS B 306 -3.92 19.85 -42.50
N PHE B 307 -3.45 18.84 -41.77
CA PHE B 307 -2.04 18.49 -41.73
C PHE B 307 -1.73 17.17 -42.44
N LYS B 308 -2.74 16.46 -42.93
CA LYS B 308 -2.53 15.09 -43.39
C LYS B 308 -1.50 15.05 -44.53
N ALA B 309 -1.65 15.93 -45.52
CA ALA B 309 -0.75 15.87 -46.67
C ALA B 309 0.70 16.07 -46.24
N GLU B 310 0.95 17.02 -45.34
CA GLU B 310 2.31 17.24 -44.88
C GLU B 310 2.81 16.05 -44.06
N PHE B 311 1.93 15.46 -43.24
CA PHE B 311 2.32 14.29 -42.48
C PHE B 311 2.67 13.12 -43.40
N GLU B 312 1.87 12.91 -44.45
CA GLU B 312 2.19 11.83 -45.38
C GLU B 312 3.58 12.01 -45.97
N HIS B 313 3.93 13.24 -46.34
CA HIS B 313 5.25 13.52 -46.89
C HIS B 313 6.34 13.14 -45.90
N LYS B 314 6.18 13.51 -44.64
CA LYS B 314 7.20 13.19 -43.65
C LYS B 314 7.33 11.69 -43.42
N ILE B 315 6.21 10.96 -43.45
CA ILE B 315 6.25 9.50 -43.31
C ILE B 315 7.01 8.89 -44.47
N LEU B 316 6.73 9.35 -45.69
CA LEU B 316 7.38 8.80 -46.87
C LEU B 316 8.88 9.08 -46.85
N GLU B 317 9.27 10.24 -46.35
CA GLU B 317 10.72 10.52 -46.25
C GLU B 317 11.37 9.59 -45.21
N ARG B 318 10.66 9.29 -44.13
CA ARG B 318 11.23 8.36 -43.14
C ARG B 318 11.21 6.90 -43.61
N VAL B 319 10.12 6.49 -44.28
CA VAL B 319 10.07 5.12 -44.79
C VAL B 319 11.20 4.83 -45.74
N GLY B 320 11.60 5.84 -46.53
CA GLY B 320 12.70 5.64 -47.47
C GLY B 320 14.06 5.46 -46.81
N ARG B 321 14.20 5.86 -45.56
CA ARG B 321 15.43 5.66 -44.78
C ARG B 321 15.52 4.26 -44.18
N ILE B 322 14.43 3.49 -44.20
CA ILE B 322 14.42 2.18 -43.58
C ILE B 322 15.41 1.27 -44.29
N ARG B 323 16.23 0.56 -43.51
CA ARG B 323 17.34 -0.23 -44.05
C ARG B 323 17.10 -1.71 -43.76
N ALA B 324 16.56 -2.42 -44.75
CA ALA B 324 16.52 -3.87 -44.71
C ALA B 324 17.83 -4.45 -45.22
N GLY B 325 18.19 -5.64 -44.72
CA GLY B 325 19.40 -6.29 -45.16
C GLY B 325 19.84 -7.35 -44.16
N ASP B 326 21.14 -7.65 -44.19
CA ASP B 326 21.72 -8.62 -43.27
C ASP B 326 21.33 -8.29 -41.83
N LEU B 327 20.68 -9.25 -41.17
CA LEU B 327 20.13 -9.00 -39.84
C LEU B 327 21.22 -8.83 -38.78
N PHE B 328 22.46 -9.18 -39.09
CA PHE B 328 23.57 -8.99 -38.16
C PHE B 328 24.36 -7.72 -38.45
N ALA B 329 24.04 -7.00 -39.53
CA ALA B 329 24.71 -5.74 -39.83
C ALA B 329 24.22 -4.63 -38.91
N ASP B 330 25.14 -3.79 -38.46
CA ASP B 330 24.82 -2.76 -37.47
C ASP B 330 23.73 -1.81 -37.96
N ASP B 331 23.69 -1.51 -39.25
CA ASP B 331 22.77 -0.51 -39.77
C ASP B 331 21.45 -1.09 -40.25
N THR B 332 21.29 -2.41 -40.23
CA THR B 332 19.99 -2.98 -40.54
C THR B 332 19.01 -2.69 -39.41
N ASN B 333 17.86 -2.12 -39.77
CA ASN B 333 16.82 -1.81 -38.80
C ASN B 333 15.47 -2.35 -39.22
N PHE B 334 15.42 -3.26 -40.19
CA PHE B 334 14.16 -3.84 -40.66
C PHE B 334 14.45 -5.28 -41.07
N GLY B 335 13.59 -6.19 -40.63
CA GLY B 335 13.79 -7.60 -40.87
C GLY B 335 12.63 -8.23 -41.61
N PRO B 336 12.78 -9.51 -42.00
CA PRO B 336 11.66 -10.24 -42.59
C PRO B 336 10.65 -10.58 -41.52
N LEU B 337 9.45 -10.99 -41.95
CA LEU B 337 8.48 -11.51 -41.02
C LEU B 337 8.89 -12.89 -40.51
N VAL B 338 8.27 -13.31 -39.41
CA VAL B 338 8.74 -14.47 -38.68
C VAL B 338 8.64 -15.75 -39.48
N SER B 339 7.74 -15.82 -40.46
CA SER B 339 7.49 -17.04 -41.21
C SER B 339 6.79 -16.67 -42.51
N PHE B 340 6.79 -17.62 -43.44
CA PHE B 340 6.19 -17.42 -44.75
C PHE B 340 4.67 -17.50 -44.69
N PRO B 341 4.10 -18.41 -43.89
CA PRO B 341 2.64 -18.35 -43.71
C PRO B 341 2.15 -17.03 -43.13
N HIS B 342 2.92 -16.44 -42.21
CA HIS B 342 2.53 -15.15 -41.66
C HIS B 342 2.56 -14.07 -42.74
N ARG B 343 3.57 -14.11 -43.62
CA ARG B 343 3.61 -13.14 -44.72
C ARG B 343 2.38 -13.26 -45.60
N GLN B 344 1.91 -14.49 -45.88
CA GLN B 344 0.71 -14.62 -46.70
C GLN B 344 -0.48 -13.93 -46.05
N ASN B 345 -0.64 -14.07 -44.73
CA ASN B 345 -1.74 -13.37 -44.07
C ASN B 345 -1.58 -11.87 -44.21
N VAL B 346 -0.35 -11.36 -44.03
CA VAL B 346 -0.14 -9.92 -44.13
C VAL B 346 -0.41 -9.44 -45.55
N LEU B 347 0.02 -10.22 -46.55
CA LEU B 347 -0.26 -9.86 -47.94
C LEU B 347 -1.76 -9.90 -48.23
N ARG B 348 -2.50 -10.83 -47.63
CA ARG B 348 -3.95 -10.83 -47.77
C ARG B 348 -4.55 -9.53 -47.23
N TYR B 349 -4.06 -9.07 -46.08
CA TYR B 349 -4.57 -7.80 -45.57
C TYR B 349 -4.21 -6.64 -46.50
N ILE B 350 -2.99 -6.63 -47.04
CA ILE B 350 -2.60 -5.54 -47.93
C ILE B 350 -3.49 -5.52 -49.16
N GLU B 351 -3.86 -6.69 -49.69
CA GLU B 351 -4.73 -6.73 -50.86
C GLU B 351 -6.14 -6.27 -50.54
N SER B 352 -6.64 -6.56 -49.33
CA SER B 352 -7.95 -6.05 -48.95
C SER B 352 -7.95 -4.53 -48.86
N GLY B 353 -6.82 -3.95 -48.41
CA GLY B 353 -6.74 -2.49 -48.39
C GLY B 353 -6.84 -1.89 -49.77
N LYS B 354 -6.15 -2.48 -50.74
CA LYS B 354 -6.25 -2.00 -52.11
C LYS B 354 -7.66 -2.19 -52.64
N SER B 355 -8.26 -3.35 -52.38
CA SER B 355 -9.56 -3.69 -52.94
C SER B 355 -10.70 -2.92 -52.28
N GLU B 356 -10.52 -2.52 -51.03
CA GLU B 356 -11.53 -1.73 -50.34
C GLU B 356 -11.37 -0.24 -50.60
N GLY B 357 -10.40 0.14 -51.42
CA GLY B 357 -10.29 1.51 -51.88
C GLY B 357 -9.37 2.39 -51.07
N ALA B 358 -8.61 1.83 -50.14
CA ALA B 358 -7.58 2.60 -49.46
C ALA B 358 -6.43 2.88 -50.43
N ARG B 359 -5.82 4.04 -50.26
CA ARG B 359 -4.75 4.48 -51.16
C ARG B 359 -3.40 4.04 -50.63
N LEU B 360 -2.71 3.21 -51.43
CA LEU B 360 -1.37 2.76 -51.10
C LEU B 360 -0.41 3.91 -51.33
N LEU B 361 0.30 4.31 -50.27
CA LEU B 361 1.27 5.39 -50.34
C LEU B 361 2.69 4.91 -50.57
N CYS B 362 3.01 3.69 -50.12
CA CYS B 362 4.32 3.09 -50.35
C CYS B 362 4.23 1.62 -49.98
N GLY B 363 5.20 0.84 -50.47
CA GLY B 363 5.23 -0.56 -50.11
C GLY B 363 4.14 -1.35 -50.80
N GLY B 364 3.56 -2.29 -50.06
CA GLY B 364 2.47 -3.09 -50.55
C GLY B 364 2.86 -4.36 -51.26
N ASP B 365 4.15 -4.72 -51.27
CA ASP B 365 4.60 -5.91 -51.96
C ASP B 365 5.73 -6.55 -51.16
N VAL B 366 6.03 -7.80 -51.51
CA VAL B 366 7.21 -8.45 -50.96
C VAL B 366 8.46 -7.74 -51.46
N LEU B 367 9.56 -7.92 -50.74
CA LEU B 367 10.86 -7.48 -51.23
C LEU B 367 11.51 -8.60 -52.02
N LYS B 368 12.25 -8.23 -53.07
CA LYS B 368 12.87 -9.17 -54.00
C LYS B 368 14.30 -8.74 -54.29
N GLY B 369 15.10 -9.69 -54.75
CA GLY B 369 16.48 -9.49 -55.12
C GLY B 369 17.39 -10.33 -54.25
N GLU B 370 18.69 -10.25 -54.55
CA GLU B 370 19.66 -10.99 -53.76
C GLU B 370 19.56 -10.60 -52.29
N GLY B 371 19.48 -11.62 -51.43
CA GLY B 371 19.37 -11.43 -50.01
C GLY B 371 17.95 -11.41 -49.48
N PHE B 372 16.96 -11.19 -50.35
CA PHE B 372 15.57 -11.12 -49.95
C PHE B 372 14.71 -12.25 -50.49
N ASP B 373 15.09 -12.82 -51.64
CA ASP B 373 14.23 -13.81 -52.28
C ASP B 373 13.97 -15.01 -51.37
N ASN B 374 14.92 -15.35 -50.50
CA ASN B 374 14.75 -16.50 -49.62
C ASN B 374 14.19 -16.13 -48.25
N GLY B 375 13.96 -14.84 -47.97
CA GLY B 375 13.39 -14.41 -46.72
C GLY B 375 11.91 -14.03 -46.84
N ALA B 376 11.24 -14.00 -45.69
CA ALA B 376 9.80 -13.70 -45.67
C ALA B 376 9.57 -12.19 -45.56
N TRP B 377 10.12 -11.47 -46.52
CA TRP B 377 10.17 -10.01 -46.43
C TRP B 377 8.90 -9.39 -46.99
N VAL B 378 8.44 -8.34 -46.31
CA VAL B 378 7.37 -7.47 -46.78
C VAL B 378 7.87 -6.03 -46.68
N ALA B 379 7.67 -5.26 -47.74
CA ALA B 379 8.08 -3.87 -47.74
C ALA B 379 7.29 -3.06 -46.71
N PRO B 380 7.91 -2.06 -46.08
CA PRO B 380 7.13 -1.17 -45.21
C PRO B 380 6.00 -0.51 -46.00
N THR B 381 4.78 -0.65 -45.50
CA THR B 381 3.57 -0.30 -46.24
C THR B 381 2.78 0.74 -45.47
N VAL B 382 2.31 1.76 -46.19
CA VAL B 382 1.48 2.80 -45.62
C VAL B 382 0.26 2.99 -46.50
N PHE B 383 -0.92 2.94 -45.89
CA PHE B 383 -2.17 3.31 -46.54
C PHE B 383 -2.65 4.63 -45.97
N THR B 384 -3.25 5.46 -46.82
CA THR B 384 -3.92 6.67 -46.36
C THR B 384 -5.32 6.71 -46.98
N ASP B 385 -6.08 7.76 -46.63
CA ASP B 385 -7.47 7.88 -47.02
C ASP B 385 -8.27 6.67 -46.50
N CYS B 386 -7.90 6.19 -45.32
CA CYS B 386 -8.56 5.04 -44.74
C CYS B 386 -9.83 5.46 -44.01
N THR B 387 -10.80 4.55 -43.97
CA THR B 387 -12.06 4.77 -43.28
C THR B 387 -12.29 3.66 -42.27
N ASP B 388 -13.15 3.95 -41.27
CA ASP B 388 -13.25 3.08 -40.11
C ASP B 388 -13.85 1.71 -40.43
N ASP B 389 -14.50 1.56 -41.58
CA ASP B 389 -15.11 0.30 -41.94
C ASP B 389 -14.17 -0.63 -42.71
N MET B 390 -12.99 -0.16 -43.08
CA MET B 390 -12.06 -0.99 -43.85
C MET B 390 -11.46 -2.09 -42.99
N THR B 391 -11.18 -3.22 -43.65
CA THR B 391 -10.64 -4.37 -42.93
C THR B 391 -9.27 -4.07 -42.33
N ILE B 392 -8.43 -3.33 -43.07
CA ILE B 392 -7.08 -3.05 -42.56
C ILE B 392 -7.14 -2.09 -41.37
N VAL B 393 -8.26 -1.39 -41.18
CA VAL B 393 -8.41 -0.49 -40.05
C VAL B 393 -9.03 -1.20 -38.86
N ARG B 394 -9.84 -2.23 -39.10
CA ARG B 394 -10.59 -2.87 -38.04
C ARG B 394 -9.87 -4.05 -37.43
N GLU B 395 -8.96 -4.69 -38.16
CA GLU B 395 -8.33 -5.93 -37.72
C GLU B 395 -6.83 -5.78 -37.55
N GLU B 396 -6.29 -6.53 -36.59
CA GLU B 396 -4.86 -6.52 -36.36
C GLU B 396 -4.16 -7.31 -37.46
N ILE B 397 -3.12 -6.72 -38.03
CA ILE B 397 -2.40 -7.31 -39.13
C ILE B 397 -1.10 -7.96 -38.67
N PHE B 398 -0.44 -7.36 -37.68
CA PHE B 398 0.82 -7.88 -37.17
C PHE B 398 1.89 -7.90 -38.27
N GLY B 399 1.83 -6.90 -39.13
CA GLY B 399 2.86 -6.69 -40.11
C GLY B 399 3.14 -5.20 -40.25
N PRO B 400 4.06 -4.87 -41.14
CA PRO B 400 4.46 -3.46 -41.30
C PRO B 400 3.52 -2.69 -42.21
N VAL B 401 2.35 -2.35 -41.67
CA VAL B 401 1.27 -1.73 -42.43
C VAL B 401 0.63 -0.65 -41.55
N MET B 402 0.88 0.61 -41.90
CA MET B 402 0.31 1.76 -41.21
C MET B 402 -0.93 2.24 -41.96
N SER B 403 -1.98 2.57 -41.21
CA SER B 403 -3.19 3.17 -41.74
C SER B 403 -3.31 4.59 -41.20
N ILE B 404 -3.36 5.56 -42.11
CA ILE B 404 -3.50 6.97 -41.75
C ILE B 404 -4.95 7.38 -41.97
N LEU B 405 -5.58 7.89 -40.91
CA LEU B 405 -6.98 8.30 -40.92
C LEU B 405 -7.06 9.78 -40.57
N SER B 406 -7.85 10.52 -41.34
CA SER B 406 -8.04 11.94 -41.10
CA SER B 406 -8.04 11.94 -41.10
C SER B 406 -9.20 12.16 -40.14
N TYR B 407 -9.12 13.26 -39.40
CA TYR B 407 -10.19 13.63 -38.47
C TYR B 407 -10.27 15.15 -38.38
N ASP B 408 -11.41 15.62 -37.86
CA ASP B 408 -11.72 17.04 -37.82
C ASP B 408 -11.75 17.64 -36.41
N ASP B 409 -12.15 16.88 -35.39
CA ASP B 409 -12.19 17.47 -34.05
C ASP B 409 -11.93 16.43 -32.96
N GLU B 410 -11.67 16.94 -31.76
CA GLU B 410 -11.18 16.09 -30.66
C GLU B 410 -12.23 15.08 -30.23
N ALA B 411 -13.48 15.52 -30.07
CA ALA B 411 -14.53 14.58 -29.66
C ALA B 411 -14.66 13.45 -30.68
N GLU B 412 -14.54 13.78 -31.97
CA GLU B 412 -14.66 12.77 -33.02
C GLU B 412 -13.53 11.76 -32.92
N VAL B 413 -12.29 12.23 -32.76
CA VAL B 413 -11.18 11.28 -32.78
C VAL B 413 -11.21 10.39 -31.57
N ILE B 414 -11.69 10.88 -30.43
CA ILE B 414 -11.82 10.05 -29.24
C ILE B 414 -12.84 8.96 -29.49
N ARG B 415 -14.01 9.32 -30.03
CA ARG B 415 -15.03 8.31 -30.33
C ARG B 415 -14.46 7.22 -31.24
N ARG B 416 -13.79 7.64 -32.31
CA ARG B 416 -13.28 6.69 -33.31
C ARG B 416 -12.13 5.87 -32.75
N ALA B 417 -11.26 6.49 -31.96
CA ALA B 417 -10.18 5.73 -31.32
C ALA B 417 -10.74 4.61 -30.45
N ASN B 418 -11.84 4.89 -29.74
CA ASN B 418 -12.43 3.96 -28.80
C ASN B 418 -13.39 2.97 -29.46
N ALA B 419 -13.75 3.20 -30.72
CA ALA B 419 -14.80 2.40 -31.38
C ALA B 419 -14.18 1.13 -31.95
N THR B 420 -13.78 0.24 -31.03
CA THR B 420 -13.09 -0.98 -31.38
C THR B 420 -13.25 -1.95 -30.21
N GLU B 421 -13.17 -3.24 -30.51
CA GLU B 421 -13.15 -4.24 -29.47
C GLU B 421 -11.78 -4.37 -28.81
N TYR B 422 -10.72 -3.93 -29.49
CA TYR B 422 -9.39 -3.94 -28.92
C TYR B 422 -9.22 -2.80 -27.93
N GLY B 423 -8.24 -2.97 -27.04
CA GLY B 423 -8.01 -2.01 -25.98
C GLY B 423 -6.61 -2.01 -25.40
N LEU B 424 -5.59 -2.37 -26.18
CA LEU B 424 -4.28 -2.62 -25.58
C LEU B 424 -3.52 -1.33 -25.28
N ALA B 425 -3.22 -0.54 -26.32
CA ALA B 425 -2.39 0.64 -26.17
C ALA B 425 -3.04 1.84 -26.86
N ALA B 426 -2.49 3.02 -26.59
CA ALA B 426 -2.88 4.24 -27.26
C ALA B 426 -1.83 5.31 -27.01
N GLY B 427 -1.90 6.37 -27.79
CA GLY B 427 -0.99 7.48 -27.59
C GLY B 427 -1.50 8.77 -28.17
N VAL B 428 -0.96 9.87 -27.65
CA VAL B 428 -1.30 11.21 -28.12
C VAL B 428 -0.01 12.00 -28.29
N VAL B 429 0.05 12.80 -29.35
CA VAL B 429 1.17 13.70 -29.60
C VAL B 429 0.63 15.12 -29.50
N THR B 430 1.09 15.86 -28.49
CA THR B 430 0.66 17.23 -28.26
C THR B 430 1.57 17.88 -27.22
N PRO B 431 1.97 19.14 -27.40
CA PRO B 431 2.72 19.84 -26.35
C PRO B 431 1.84 20.47 -25.29
N ASP B 432 0.51 20.38 -25.42
CA ASP B 432 -0.41 21.07 -24.54
C ASP B 432 -0.73 20.22 -23.31
N LEU B 433 -0.54 20.81 -22.14
CA LEU B 433 -0.77 20.09 -20.88
C LEU B 433 -2.19 19.56 -20.80
N ASN B 434 -3.18 20.42 -20.98
CA ASN B 434 -4.56 20.00 -20.78
C ASN B 434 -4.96 18.97 -21.82
N ARG B 435 -4.59 19.20 -23.07
CA ARG B 435 -4.97 18.28 -24.13
C ARG B 435 -4.41 16.90 -23.88
N ALA B 436 -3.14 16.81 -23.46
CA ALA B 436 -2.53 15.50 -23.33
C ALA B 436 -3.24 14.64 -22.30
N HIS B 437 -3.41 15.17 -21.08
CA HIS B 437 -4.08 14.40 -20.04
C HIS B 437 -5.55 14.20 -20.34
N ARG B 438 -6.22 15.24 -20.84
CA ARG B 438 -7.66 15.17 -21.08
C ARG B 438 -7.98 14.07 -22.10
N ILE B 439 -7.24 14.03 -23.20
CA ILE B 439 -7.49 12.99 -24.20
C ILE B 439 -7.16 11.62 -23.64
N ILE B 440 -5.99 11.48 -23.01
CA ILE B 440 -5.54 10.17 -22.56
C ILE B 440 -6.54 9.58 -21.56
N HIS B 441 -7.08 10.43 -20.69
CA HIS B 441 -8.02 9.95 -19.68
C HIS B 441 -9.29 9.38 -20.30
N GLN B 442 -9.59 9.74 -21.55
CA GLN B 442 -10.82 9.28 -22.18
C GLN B 442 -10.59 8.09 -23.10
N LEU B 443 -9.34 7.69 -23.31
CA LEU B 443 -9.07 6.57 -24.22
C LEU B 443 -9.21 5.26 -23.47
N GLU B 444 -9.80 4.26 -24.12
CA GLU B 444 -10.10 2.97 -23.51
C GLU B 444 -8.98 1.99 -23.86
N ALA B 445 -7.85 2.15 -23.18
CA ALA B 445 -6.68 1.31 -23.40
C ALA B 445 -5.86 1.27 -22.11
N GLY B 446 -5.12 0.18 -21.92
CA GLY B 446 -4.37 -0.02 -20.70
C GLY B 446 -2.98 0.60 -20.67
N ILE B 447 -2.43 0.88 -21.84
CA ILE B 447 -1.06 1.36 -22.03
C ILE B 447 -1.14 2.63 -22.86
N CYS B 448 -0.82 3.78 -22.25
CA CYS B 448 -0.97 5.05 -22.93
C CYS B 448 0.34 5.83 -22.91
N TRP B 449 0.75 6.32 -24.07
CA TRP B 449 2.02 7.03 -24.21
C TRP B 449 1.74 8.46 -24.67
N ILE B 450 2.35 9.42 -23.98
CA ILE B 450 2.26 10.83 -24.35
C ILE B 450 3.60 11.24 -24.94
N ASN B 451 3.59 11.64 -26.21
CA ASN B 451 4.79 12.14 -26.89
C ASN B 451 5.90 11.09 -26.90
N SER B 452 5.51 9.83 -27.05
CA SER B 452 6.46 8.72 -27.14
CA SER B 452 6.47 8.73 -27.17
C SER B 452 5.68 7.51 -27.62
N TRP B 453 6.39 6.38 -27.76
CA TRP B 453 5.76 5.10 -28.03
C TRP B 453 6.72 4.00 -27.62
N GLY B 454 6.18 2.91 -27.08
CA GLY B 454 6.86 1.64 -26.97
C GLY B 454 7.59 1.34 -25.67
N GLU B 455 7.92 2.33 -24.85
CA GLU B 455 8.69 2.04 -23.65
C GLU B 455 7.80 1.37 -22.61
N SER B 456 8.28 0.26 -22.04
CA SER B 456 7.50 -0.57 -21.13
C SER B 456 8.31 -0.87 -19.88
N PRO B 457 8.47 0.10 -18.99
CA PRO B 457 9.32 -0.10 -17.81
C PRO B 457 8.81 -1.23 -16.92
N ALA B 458 9.76 -1.90 -16.26
CA ALA B 458 9.39 -3.02 -15.39
C ALA B 458 8.37 -2.59 -14.34
N GLU B 459 8.44 -1.33 -13.90
CA GLU B 459 7.56 -0.84 -12.85
C GLU B 459 6.13 -0.58 -13.31
N MET B 460 5.89 -0.56 -14.63
CA MET B 460 4.66 -0.07 -15.21
C MET B 460 3.75 -1.24 -15.57
N PRO B 461 2.62 -1.43 -14.90
CA PRO B 461 1.70 -2.50 -15.32
C PRO B 461 1.21 -2.27 -16.74
N VAL B 462 1.18 -3.35 -17.53
CA VAL B 462 0.77 -3.27 -18.93
C VAL B 462 -0.20 -4.41 -19.22
N GLY B 463 -1.26 -4.08 -19.96
CA GLY B 463 -2.21 -5.07 -20.39
C GLY B 463 -3.37 -4.37 -21.07
N GLY B 464 -4.33 -5.18 -21.52
CA GLY B 464 -5.38 -4.70 -22.40
C GLY B 464 -6.72 -4.48 -21.73
N TYR B 465 -7.39 -3.41 -22.17
CA TYR B 465 -8.84 -3.28 -21.98
C TYR B 465 -9.59 -4.20 -22.92
N LYS B 466 -10.84 -4.49 -22.56
CA LYS B 466 -11.83 -5.12 -23.47
C LYS B 466 -11.24 -6.41 -24.03
N HIS B 467 -11.22 -6.61 -25.34
CA HIS B 467 -10.82 -7.90 -25.89
C HIS B 467 -9.32 -8.05 -26.06
N SER B 468 -8.53 -7.04 -25.69
CA SER B 468 -7.09 -7.14 -25.86
C SER B 468 -6.40 -7.84 -24.71
N GLY B 469 -7.10 -8.14 -23.61
CA GLY B 469 -6.45 -8.93 -22.59
C GLY B 469 -7.27 -9.06 -21.32
N ILE B 470 -6.77 -9.95 -20.46
CA ILE B 470 -7.27 -10.15 -19.10
C ILE B 470 -6.07 -10.06 -18.18
N GLY B 471 -6.15 -9.21 -17.17
CA GLY B 471 -5.06 -9.06 -16.23
C GLY B 471 -3.96 -8.16 -16.76
N ARG B 472 -2.82 -8.22 -16.07
CA ARG B 472 -1.71 -7.32 -16.35
C ARG B 472 -0.40 -8.08 -16.15
N GLU B 473 0.66 -7.54 -16.76
CA GLU B 473 2.03 -7.95 -16.52
C GLU B 473 2.85 -6.76 -16.05
N ASN B 474 3.95 -7.07 -15.35
CA ASN B 474 4.87 -6.07 -14.79
C ASN B 474 4.23 -5.27 -13.65
N GLY B 475 5.01 -4.41 -13.01
CA GLY B 475 4.54 -3.73 -11.81
C GLY B 475 4.42 -4.61 -10.58
N VAL B 476 4.26 -4.00 -9.41
CA VAL B 476 4.14 -4.78 -8.17
CA VAL B 476 4.15 -4.78 -8.18
C VAL B 476 2.88 -5.64 -8.19
N MET B 477 1.80 -5.13 -8.78
CA MET B 477 0.54 -5.86 -8.77
C MET B 477 0.67 -7.22 -9.42
N THR B 478 1.57 -7.36 -10.40
CA THR B 478 1.68 -8.66 -11.07
C THR B 478 2.41 -9.68 -10.19
N LEU B 479 3.32 -9.23 -9.33
CA LEU B 479 3.89 -10.14 -8.34
C LEU B 479 2.81 -10.67 -7.40
N GLN B 480 1.92 -9.80 -6.93
CA GLN B 480 0.82 -10.23 -6.06
C GLN B 480 -0.16 -11.15 -6.77
N SER B 481 -0.37 -10.95 -8.07
CA SER B 481 -1.31 -11.78 -8.80
C SER B 481 -0.80 -13.21 -9.00
N TYR B 482 0.47 -13.47 -8.74
CA TYR B 482 1.00 -14.83 -8.73
C TYR B 482 1.02 -15.40 -7.31
N THR B 483 0.32 -14.78 -6.37
CA THR B 483 0.03 -15.37 -5.07
C THR B 483 -1.47 -15.48 -4.91
N GLN B 484 -1.88 -16.27 -3.91
CA GLN B 484 -3.27 -16.34 -3.49
C GLN B 484 -3.37 -15.96 -2.02
N VAL B 485 -4.45 -15.27 -1.66
CA VAL B 485 -4.64 -14.77 -0.31
C VAL B 485 -5.31 -15.83 0.56
N LYS B 486 -4.73 -16.08 1.73
CA LYS B 486 -5.37 -16.88 2.78
C LYS B 486 -5.68 -15.95 3.95
N SER B 487 -6.96 -15.87 4.32
CA SER B 487 -7.38 -15.08 5.47
C SER B 487 -7.51 -15.98 6.68
N ILE B 488 -6.95 -15.54 7.81
CA ILE B 488 -6.93 -16.32 9.03
C ILE B 488 -7.47 -15.47 10.17
N GLN B 489 -8.55 -15.92 10.79
CA GLN B 489 -9.10 -15.25 11.97
C GLN B 489 -8.69 -15.98 13.23
N VAL B 490 -8.10 -15.26 14.16
CA VAL B 490 -7.78 -15.76 15.49
C VAL B 490 -8.83 -15.23 16.45
N GLU B 491 -9.67 -16.12 16.97
CA GLU B 491 -10.70 -15.76 17.92
C GLU B 491 -10.22 -16.15 19.31
N MET B 492 -9.92 -15.15 20.15
CA MET B 492 -9.44 -15.39 21.50
C MET B 492 -10.56 -15.31 22.53
N GLY B 493 -11.77 -14.96 22.11
CA GLY B 493 -12.90 -14.95 23.01
C GLY B 493 -13.70 -16.25 22.95
N PRO B 494 -14.68 -16.38 23.84
CA PRO B 494 -15.52 -17.58 23.84
C PRO B 494 -16.44 -17.61 22.63
N PHE B 495 -16.54 -18.78 22.00
CA PHE B 495 -17.42 -18.97 20.86
C PHE B 495 -18.85 -19.25 21.33
N GLN B 496 -19.82 -18.56 20.74
CA GLN B 496 -21.21 -18.62 21.13
C GLN B 496 -22.01 -19.26 20.02
N SER B 497 -22.61 -20.43 20.30
CA SER B 497 -23.46 -21.12 19.35
C SER B 497 -24.93 -20.82 19.62
N ILE B 498 -25.70 -20.62 18.55
CA ILE B 498 -27.14 -20.44 18.68
C ILE B 498 -27.88 -21.78 18.78
N PHE B 499 -27.18 -22.90 18.58
CA PHE B 499 -27.79 -24.21 18.68
C PHE B 499 -27.47 -24.80 20.05
N ARG C 12 49.30 0.12 16.75
CA ARG C 12 48.47 1.31 16.67
C ARG C 12 48.43 1.83 15.25
N MET C 13 47.28 2.33 14.84
CA MET C 13 47.02 2.72 13.48
C MET C 13 47.47 4.16 13.23
N ALA C 14 47.70 4.47 11.95
CA ALA C 14 47.96 5.84 11.54
C ALA C 14 46.77 6.71 11.91
N GLU C 15 47.05 7.98 12.21
CA GLU C 15 45.97 8.89 12.57
C GLU C 15 44.86 8.85 11.53
N GLN C 16 43.65 8.52 11.98
CA GLN C 16 42.51 8.37 11.07
C GLN C 16 41.92 9.73 10.77
N GLN C 17 41.56 9.92 9.51
CA GLN C 17 41.11 11.20 9.00
C GLN C 17 39.61 11.17 8.76
N LEU C 18 39.08 12.33 8.42
CA LEU C 18 37.70 12.42 7.99
C LEU C 18 37.58 11.82 6.59
N TYR C 19 36.37 11.38 6.25
CA TYR C 19 36.08 10.87 4.90
C TYR C 19 35.03 11.79 4.28
N ILE C 20 35.46 12.60 3.32
CA ILE C 20 34.59 13.56 2.64
C ILE C 20 34.82 13.46 1.14
N HIS C 21 33.73 13.29 0.39
CA HIS C 21 33.76 13.29 -1.07
C HIS C 21 34.70 12.23 -1.64
N GLY C 22 34.55 11.00 -1.17
CA GLY C 22 35.24 9.89 -1.79
C GLY C 22 36.69 9.74 -1.42
N LYS C 23 37.15 10.46 -0.41
CA LYS C 23 38.55 10.38 -0.01
C LYS C 23 38.69 10.73 1.44
N PHE C 24 39.74 10.19 2.05
CA PHE C 24 40.15 10.62 3.37
C PHE C 24 40.78 12.00 3.27
N VAL C 25 40.46 12.85 4.23
CA VAL C 25 40.92 14.23 4.23
C VAL C 25 41.15 14.66 5.68
N ALA C 26 42.17 15.49 5.87
CA ALA C 26 42.52 15.92 7.21
C ALA C 26 41.47 16.89 7.74
N ALA C 27 41.15 16.75 9.04
CA ALA C 27 40.32 17.73 9.69
C ALA C 27 41.06 19.06 9.80
N THR C 28 40.29 20.15 9.73
CA THR C 28 40.80 21.49 9.96
C THR C 28 40.50 21.99 11.37
N SER C 29 40.04 21.11 12.25
CA SER C 29 39.73 21.53 13.62
C SER C 29 40.97 21.67 14.49
N GLY C 30 42.04 20.94 14.17
CA GLY C 30 43.19 20.90 15.04
C GLY C 30 43.01 20.04 16.27
N LYS C 31 41.90 19.32 16.36
CA LYS C 31 41.55 18.51 17.51
C LYS C 31 41.57 17.02 17.15
N THR C 32 41.92 16.19 18.12
CA THR C 32 41.95 14.75 17.94
C THR C 32 41.43 14.09 19.22
N PHE C 33 41.09 12.80 19.11
CA PHE C 33 40.72 11.98 20.25
C PHE C 33 41.21 10.55 20.02
N GLU C 34 41.10 9.72 21.05
CA GLU C 34 41.60 8.36 21.03
C GLU C 34 40.50 7.35 21.31
N THR C 35 40.62 6.19 20.66
CA THR C 35 39.75 5.05 20.93
C THR C 35 40.58 3.90 21.50
N ILE C 36 40.04 3.25 22.52
CA ILE C 36 40.76 2.26 23.32
C ILE C 36 40.24 0.86 23.00
N ASN C 37 41.13 -0.12 23.08
CA ASN C 37 40.72 -1.53 23.11
C ASN C 37 40.27 -1.88 24.52
N PRO C 38 38.97 -2.16 24.74
CA PRO C 38 38.51 -2.41 26.13
C PRO C 38 38.97 -3.74 26.69
N ALA C 39 39.58 -4.62 25.88
CA ALA C 39 40.11 -5.86 26.41
C ALA C 39 41.51 -5.70 27.00
N THR C 40 42.23 -4.65 26.64
CA THR C 40 43.62 -4.48 27.04
C THR C 40 43.95 -3.09 27.59
N GLY C 41 43.09 -2.09 27.40
CA GLY C 41 43.40 -0.74 27.77
C GLY C 41 44.27 0.00 26.79
N GLU C 42 44.73 -0.67 25.74
CA GLU C 42 45.61 -0.06 24.77
C GLU C 42 44.88 0.95 23.87
N VAL C 43 45.63 1.94 23.39
CA VAL C 43 45.10 2.88 22.42
C VAL C 43 45.03 2.15 21.07
N LEU C 44 43.83 2.05 20.51
CA LEU C 44 43.69 1.44 19.20
C LEU C 44 44.13 2.39 18.09
N ALA C 45 43.79 3.67 18.21
CA ALA C 45 44.15 4.64 17.19
C ALA C 45 43.81 6.04 17.68
N THR C 46 44.55 7.02 17.18
CA THR C 46 44.17 8.42 17.25
C THR C 46 43.26 8.75 16.09
N VAL C 47 42.22 9.55 16.35
CA VAL C 47 41.19 9.87 15.37
C VAL C 47 40.99 11.38 15.34
N GLN C 48 41.03 11.96 14.15
CA GLN C 48 40.79 13.38 13.99
C GLN C 48 39.31 13.71 14.18
N ALA C 49 39.04 14.91 14.69
CA ALA C 49 37.68 15.34 15.02
C ALA C 49 37.23 16.41 14.03
N ALA C 50 36.03 16.25 13.49
CA ALA C 50 35.54 17.19 12.48
C ALA C 50 35.10 18.49 13.13
N GLY C 51 35.61 19.60 12.64
CA GLY C 51 35.21 20.90 13.14
C GLY C 51 33.99 21.43 12.40
N ARG C 52 33.55 22.62 12.83
CA ARG C 52 32.35 23.20 12.26
C ARG C 52 32.53 23.48 10.77
N GLU C 53 33.73 23.92 10.39
CA GLU C 53 34.00 24.14 8.97
C GLU C 53 34.06 22.81 8.21
N ASP C 54 34.56 21.76 8.84
CA ASP C 54 34.58 20.45 8.18
C ASP C 54 33.15 19.97 7.93
N VAL C 55 32.23 20.22 8.88
CA VAL C 55 30.84 19.83 8.69
C VAL C 55 30.25 20.57 7.51
N ASP C 56 30.55 21.86 7.38
CA ASP C 56 30.04 22.62 6.25
C ASP C 56 30.59 22.07 4.96
N ARG C 57 31.84 21.64 4.98
CA ARG C 57 32.45 21.03 3.76
C ARG C 57 31.72 19.73 3.43
N ALA C 58 31.44 18.93 4.43
CA ALA C 58 30.75 17.67 4.19
C ALA C 58 29.37 17.91 3.63
N VAL C 59 28.67 18.94 4.11
CA VAL C 59 27.34 19.25 3.61
C VAL C 59 27.41 19.68 2.16
N LYS C 60 28.43 20.45 1.80
CA LYS C 60 28.53 20.92 0.42
C LYS C 60 28.88 19.77 -0.50
N SER C 61 29.76 18.87 -0.03
CA SER C 61 30.03 17.63 -0.74
C SER C 61 28.78 16.77 -0.87
N ALA C 62 28.02 16.63 0.21
CA ALA C 62 26.84 15.78 0.17
C ALA C 62 25.79 16.35 -0.76
N GLN C 63 25.68 17.68 -0.83
CA GLN C 63 24.71 18.28 -1.74
C GLN C 63 25.07 17.97 -3.18
N GLN C 64 26.36 18.03 -3.52
CA GLN C 64 26.78 17.71 -4.88
C GLN C 64 26.59 16.23 -5.20
N GLY C 65 26.97 15.34 -4.28
CA GLY C 65 26.82 13.92 -4.55
C GLY C 65 25.37 13.49 -4.66
N GLN C 66 24.51 14.05 -3.82
CA GLN C 66 23.11 13.65 -3.82
C GLN C 66 22.46 13.92 -5.18
N LYS C 67 22.82 15.03 -5.82
CA LYS C 67 22.23 15.37 -7.11
C LYS C 67 22.55 14.31 -8.15
N VAL C 68 23.82 13.86 -8.18
CA VAL C 68 24.23 12.79 -9.07
C VAL C 68 23.46 11.51 -8.74
N TRP C 69 23.40 11.18 -7.46
CA TRP C 69 22.81 9.92 -7.01
C TRP C 69 21.34 9.86 -7.35
N ALA C 70 20.62 10.96 -7.09
CA ALA C 70 19.19 11.01 -7.37
C ALA C 70 18.89 11.03 -8.87
N ALA C 71 19.84 11.54 -9.68
CA ALA C 71 19.60 11.59 -11.12
C ALA C 71 19.71 10.24 -11.78
N MET C 72 20.40 9.29 -11.15
CA MET C 72 20.51 7.94 -11.66
C MET C 72 19.14 7.25 -11.67
N SER C 73 19.06 6.17 -12.44
CA SER C 73 17.87 5.33 -12.42
C SER C 73 17.79 4.60 -11.08
N ALA C 74 16.57 4.19 -10.74
CA ALA C 74 16.37 3.40 -9.53
C ALA C 74 17.22 2.14 -9.53
N MET C 75 17.24 1.42 -10.66
CA MET C 75 17.98 0.16 -10.69
C MET C 75 19.48 0.40 -10.65
N ALA C 76 19.95 1.53 -11.20
CA ALA C 76 21.38 1.84 -11.09
C ALA C 76 21.79 2.03 -9.63
N ARG C 77 20.95 2.71 -8.84
CA ARG C 77 21.24 2.84 -7.41
C ARG C 77 21.18 1.49 -6.72
N SER C 78 20.21 0.66 -7.12
CA SER C 78 20.11 -0.68 -6.56
CA SER C 78 20.11 -0.68 -6.54
C SER C 78 21.37 -1.50 -6.81
N ARG C 79 21.90 -1.45 -8.04
CA ARG C 79 23.07 -2.27 -8.35
C ARG C 79 24.27 -1.85 -7.52
N ILE C 80 24.43 -0.54 -7.30
CA ILE C 80 25.57 -0.06 -6.54
C ILE C 80 25.49 -0.52 -5.09
N LEU C 81 24.31 -0.39 -4.47
CA LEU C 81 24.16 -0.85 -3.09
C LEU C 81 24.36 -2.36 -2.97
N ARG C 82 23.92 -3.14 -3.97
CA ARG C 82 24.12 -4.59 -3.92
C ARG C 82 25.58 -4.96 -4.08
N LYS C 83 26.36 -4.16 -4.84
CA LYS C 83 27.81 -4.35 -4.88
C LYS C 83 28.42 -4.12 -3.51
N ALA C 84 27.97 -3.08 -2.80
CA ALA C 84 28.49 -2.86 -1.44
C ALA C 84 28.18 -4.06 -0.56
N VAL C 85 26.97 -4.60 -0.68
CA VAL C 85 26.61 -5.81 0.06
C VAL C 85 27.62 -6.93 -0.24
N ASP C 86 27.93 -7.14 -1.52
CA ASP C 86 28.87 -8.22 -1.86
C ASP C 86 30.23 -8.01 -1.24
N ILE C 87 30.72 -6.77 -1.22
CA ILE C 87 32.00 -6.50 -0.57
C ILE C 87 31.91 -6.77 0.92
N LEU C 88 30.79 -6.39 1.55
CA LEU C 88 30.64 -6.60 2.98
C LEU C 88 30.63 -8.08 3.34
N ARG C 89 29.96 -8.90 2.52
CA ARG C 89 29.97 -10.34 2.77
C ARG C 89 31.39 -10.90 2.66
N GLU C 90 32.12 -10.48 1.63
CA GLU C 90 33.48 -10.97 1.43
C GLU C 90 34.40 -10.56 2.57
N ARG C 91 34.23 -9.35 3.10
N ARG C 91 34.24 -9.34 3.09
CA ARG C 91 35.10 -8.83 4.14
CA ARG C 91 35.10 -8.83 4.14
C ARG C 91 34.50 -8.96 5.53
C ARG C 91 34.45 -8.92 5.52
N ASN C 92 33.50 -9.84 5.70
CA ASN C 92 32.83 -9.98 6.98
C ASN C 92 33.82 -10.26 8.11
N ASP C 93 34.72 -11.23 7.91
CA ASP C 93 35.59 -11.65 8.99
C ASP C 93 36.60 -10.55 9.35
N GLU C 94 37.18 -9.89 8.34
CA GLU C 94 38.08 -8.78 8.59
C GLU C 94 37.39 -7.65 9.33
N LEU C 95 36.17 -7.31 8.93
CA LEU C 95 35.43 -6.25 9.59
C LEU C 95 35.06 -6.65 11.02
N ALA C 96 34.67 -7.91 11.22
CA ALA C 96 34.30 -8.37 12.55
C ALA C 96 35.46 -8.24 13.52
N ARG C 97 36.67 -8.58 13.09
CA ARG C 97 37.83 -8.45 13.97
C ARG C 97 38.06 -7.00 14.37
N LEU C 98 38.00 -6.07 13.43
CA LEU C 98 38.16 -4.67 13.80
C LEU C 98 37.07 -4.26 14.79
N GLU C 99 35.83 -4.73 14.55
CA GLU C 99 34.73 -4.41 15.48
C GLU C 99 35.00 -4.98 16.87
N THR C 100 35.51 -6.22 16.94
CA THR C 100 35.84 -6.81 18.23
C THR C 100 36.90 -6.01 18.95
N LEU C 101 37.94 -5.58 18.23
CA LEU C 101 38.99 -4.78 18.85
C LEU C 101 38.44 -3.48 19.39
N ASP C 102 37.50 -2.86 18.68
CA ASP C 102 37.01 -1.54 19.03
C ASP C 102 35.93 -1.59 20.10
N THR C 103 35.09 -2.63 20.08
CA THR C 103 33.94 -2.71 20.97
C THR C 103 34.14 -3.65 22.14
N GLY C 104 35.03 -4.63 22.01
CA GLY C 104 35.15 -5.66 23.03
C GLY C 104 34.18 -6.80 22.91
N LYS C 105 33.31 -6.79 21.90
CA LYS C 105 32.38 -7.89 21.72
C LYS C 105 33.12 -9.11 21.17
N PRO C 106 32.75 -10.31 21.61
CA PRO C 106 33.45 -11.51 21.11
C PRO C 106 33.31 -11.63 19.60
N LEU C 107 34.35 -12.18 18.97
CA LEU C 107 34.30 -12.47 17.54
C LEU C 107 33.15 -13.42 17.20
N SER C 108 32.81 -14.31 18.13
CA SER C 108 31.66 -15.20 17.92
C SER C 108 30.38 -14.40 17.68
N GLU C 109 30.30 -13.18 18.20
CA GLU C 109 29.17 -12.29 17.92
C GLU C 109 29.39 -11.45 16.66
N THR C 110 30.53 -10.75 16.58
CA THR C 110 30.70 -9.77 15.53
C THR C 110 30.76 -10.43 14.16
N ALA C 111 31.35 -11.63 14.08
CA ALA C 111 31.47 -12.33 12.82
C ALA C 111 30.16 -12.96 12.36
N ALA C 112 29.21 -13.16 13.27
CA ALA C 112 27.97 -13.82 12.92
C ALA C 112 26.76 -12.89 12.87
N VAL C 113 26.86 -11.69 13.44
CA VAL C 113 25.70 -10.82 13.58
C VAL C 113 25.94 -9.43 12.99
N ASP C 114 26.99 -8.75 13.45
CA ASP C 114 27.08 -7.31 13.24
C ASP C 114 27.05 -6.95 11.76
N ILE C 115 28.00 -7.47 10.98
CA ILE C 115 28.03 -7.15 9.55
C ILE C 115 26.96 -7.93 8.79
N VAL C 116 26.67 -9.16 9.20
CA VAL C 116 25.68 -9.97 8.50
C VAL C 116 24.32 -9.28 8.50
N THR C 117 23.87 -8.83 9.68
CA THR C 117 22.57 -8.18 9.77
C THR C 117 22.61 -6.74 9.26
N GLY C 118 23.75 -6.08 9.36
CA GLY C 118 23.90 -4.79 8.70
C GLY C 118 23.81 -4.92 7.20
N ALA C 119 24.52 -5.90 6.64
CA ALA C 119 24.46 -6.11 5.20
C ALA C 119 23.09 -6.64 4.78
N ASP C 120 22.43 -7.39 5.65
CA ASP C 120 21.07 -7.84 5.33
C ASP C 120 20.14 -6.67 5.07
N VAL C 121 20.26 -5.59 5.86
CA VAL C 121 19.36 -4.46 5.71
C VAL C 121 19.69 -3.69 4.44
N LEU C 122 20.98 -3.51 4.15
CA LEU C 122 21.35 -2.84 2.90
C LEU C 122 20.85 -3.64 1.69
N GLU C 123 20.94 -4.96 1.75
CA GLU C 123 20.49 -5.80 0.65
C GLU C 123 18.98 -5.70 0.50
N TYR C 124 18.26 -5.67 1.61
CA TYR C 124 16.81 -5.50 1.58
C TYR C 124 16.41 -4.20 0.89
N TYR C 125 16.99 -3.08 1.33
CA TYR C 125 16.62 -1.80 0.75
C TYR C 125 17.08 -1.64 -0.69
N ALA C 126 18.24 -2.20 -1.05
CA ALA C 126 18.68 -2.13 -2.44
C ALA C 126 17.60 -2.62 -3.39
N GLY C 127 16.92 -3.71 -3.02
CA GLY C 127 15.89 -4.26 -3.88
C GLY C 127 14.59 -3.50 -3.89
N LEU C 128 14.30 -2.73 -2.85
CA LEU C 128 13.05 -1.98 -2.80
C LEU C 128 13.08 -0.64 -3.51
N ILE C 129 14.25 -0.14 -3.89
CA ILE C 129 14.33 1.19 -4.53
C ILE C 129 13.34 1.31 -5.69
N PRO C 130 13.26 0.35 -6.61
CA PRO C 130 12.36 0.53 -7.76
C PRO C 130 10.89 0.50 -7.40
N ALA C 131 10.54 -0.01 -6.22
CA ALA C 131 9.15 -0.03 -5.79
C ALA C 131 8.74 1.21 -4.99
N LEU C 132 9.64 2.17 -4.80
CA LEU C 132 9.31 3.43 -4.16
C LEU C 132 8.46 4.27 -5.10
N GLU C 133 7.17 4.37 -4.80
CA GLU C 133 6.22 4.99 -5.71
C GLU C 133 5.42 6.06 -5.01
N GLY C 134 5.00 7.06 -5.78
CA GLY C 134 3.99 8.01 -5.36
C GLY C 134 2.60 7.52 -5.66
N SER C 135 1.64 8.44 -5.56
CA SER C 135 0.24 8.13 -5.75
CA SER C 135 0.24 8.13 -5.75
C SER C 135 -0.37 9.09 -6.77
N GLN C 136 -1.53 8.70 -7.29
CA GLN C 136 -2.32 9.53 -8.20
C GLN C 136 -3.74 9.49 -7.71
N ILE C 137 -4.37 10.65 -7.69
CA ILE C 137 -5.70 10.79 -7.10
C ILE C 137 -6.56 11.60 -8.04
N PRO C 138 -7.61 11.03 -8.62
CA PRO C 138 -8.52 11.86 -9.43
C PRO C 138 -9.46 12.65 -8.52
N LEU C 139 -9.56 13.94 -8.80
CA LEU C 139 -10.49 14.82 -8.12
C LEU C 139 -11.77 14.99 -8.91
N ARG C 140 -11.65 15.15 -10.21
CA ARG C 140 -12.76 15.37 -11.14
C ARG C 140 -12.17 15.20 -12.53
N ASP C 141 -13.04 15.16 -13.52
CA ASP C 141 -12.59 14.99 -14.90
C ASP C 141 -11.52 16.01 -15.25
N SER C 142 -11.65 17.23 -14.74
CA SER C 142 -10.79 18.33 -15.13
C SER C 142 -9.61 18.55 -14.18
N SER C 143 -9.40 17.70 -13.18
CA SER C 143 -8.24 17.94 -12.31
C SER C 143 -7.83 16.65 -11.62
N PHE C 144 -6.53 16.48 -11.42
CA PHE C 144 -6.07 15.35 -10.66
C PHE C 144 -4.82 15.74 -9.87
N VAL C 145 -4.49 14.91 -8.89
CA VAL C 145 -3.32 15.09 -8.05
C VAL C 145 -2.42 13.88 -8.24
N TYR C 146 -1.12 14.11 -8.28
CA TYR C 146 -0.15 13.04 -8.11
C TYR C 146 0.93 13.49 -7.12
N THR C 147 1.53 12.50 -6.47
CA THR C 147 2.56 12.78 -5.48
C THR C 147 3.89 12.17 -5.92
N ARG C 148 4.97 12.82 -5.52
CA ARG C 148 6.33 12.31 -5.66
C ARG C 148 6.91 12.09 -4.28
N ARG C 149 7.61 10.97 -4.11
CA ARG C 149 8.39 10.71 -2.90
C ARG C 149 9.80 11.15 -3.21
N GLU C 150 10.13 12.37 -2.82
CA GLU C 150 11.40 12.98 -3.18
C GLU C 150 12.42 12.78 -2.07
N PRO C 151 13.71 12.73 -2.41
CA PRO C 151 14.73 12.69 -1.37
C PRO C 151 14.61 13.91 -0.46
N LEU C 152 14.95 13.71 0.81
CA LEU C 152 15.09 14.83 1.73
C LEU C 152 16.27 15.70 1.34
N GLY C 153 17.28 15.12 0.72
CA GLY C 153 18.48 15.86 0.38
C GLY C 153 19.68 15.32 1.13
N VAL C 154 20.21 16.11 2.06
CA VAL C 154 21.30 15.70 2.93
C VAL C 154 20.74 15.37 4.31
N VAL C 155 21.05 14.17 4.78
CA VAL C 155 20.61 13.74 6.10
C VAL C 155 21.84 13.40 6.94
N ALA C 156 21.64 13.37 8.26
CA ALA C 156 22.74 13.09 9.17
C ALA C 156 22.34 11.94 10.08
N GLY C 157 23.26 11.00 10.26
CA GLY C 157 23.10 9.89 11.17
C GLY C 157 24.13 10.00 12.28
N ILE C 158 23.70 9.81 13.52
CA ILE C 158 24.59 9.84 14.68
C ILE C 158 24.53 8.46 15.33
N GLY C 159 25.67 7.78 15.36
CA GLY C 159 25.72 6.39 15.77
C GLY C 159 26.11 6.20 17.22
N ALA C 160 25.75 5.04 17.76
CA ALA C 160 26.10 4.63 19.11
C ALA C 160 27.25 3.62 19.04
N TRP C 161 27.75 3.22 20.21
CA TRP C 161 28.98 2.44 20.24
C TRP C 161 28.74 0.94 20.40
N ASN C 162 27.51 0.49 20.66
CA ASN C 162 27.34 -0.93 20.96
C ASN C 162 27.32 -1.78 19.70
N TYR C 163 26.72 -1.29 18.61
CA TYR C 163 26.72 -1.99 17.31
C TYR C 163 27.15 -1.02 16.23
N PRO C 164 28.45 -0.68 16.18
CA PRO C 164 28.88 0.46 15.35
C PRO C 164 28.58 0.30 13.87
N ILE C 165 29.03 -0.79 13.25
CA ILE C 165 28.86 -0.88 11.81
C ILE C 165 27.42 -1.27 11.46
N GLN C 166 26.74 -2.03 12.32
CA GLN C 166 25.34 -2.37 12.06
C GLN C 166 24.46 -1.13 12.07
N ILE C 167 24.69 -0.24 13.04
CA ILE C 167 23.94 1.02 13.10
C ILE C 167 24.22 1.87 11.87
N ALA C 168 25.50 1.98 11.51
CA ALA C 168 25.84 2.77 10.32
C ALA C 168 25.13 2.25 9.08
N LEU C 169 24.98 0.92 8.96
CA LEU C 169 24.28 0.36 7.81
C LEU C 169 22.78 0.55 7.91
N TRP C 170 22.22 0.40 9.11
CA TRP C 170 20.77 0.52 9.29
C TRP C 170 20.30 1.95 9.08
N LYS C 171 21.18 2.94 9.31
CA LYS C 171 20.82 4.32 9.03
C LYS C 171 21.10 4.67 7.57
N SER C 172 22.27 4.27 7.06
CA SER C 172 22.66 4.70 5.72
C SER C 172 21.93 3.94 4.63
N ALA C 173 21.56 2.68 4.85
CA ALA C 173 20.89 1.91 3.81
C ALA C 173 19.56 2.52 3.38
N PRO C 174 18.61 2.81 4.29
CA PRO C 174 17.37 3.46 3.82
C PRO C 174 17.61 4.87 3.30
N ALA C 175 18.54 5.60 3.91
CA ALA C 175 18.79 6.97 3.48
C ALA C 175 19.30 7.00 2.04
N LEU C 176 20.30 6.16 1.74
CA LEU C 176 20.82 6.11 0.38
C LEU C 176 19.83 5.50 -0.59
N ALA C 177 19.10 4.46 -0.16
CA ALA C 177 18.11 3.84 -1.04
C ALA C 177 17.04 4.82 -1.46
N ALA C 178 16.73 5.80 -0.59
CA ALA C 178 15.70 6.80 -0.87
C ALA C 178 16.20 7.96 -1.71
N GLY C 179 17.48 7.96 -2.08
CA GLY C 179 18.03 9.01 -2.91
C GLY C 179 18.76 10.11 -2.19
N ASN C 180 19.00 9.96 -0.88
CA ASN C 180 19.70 10.98 -0.12
C ASN C 180 21.21 10.74 -0.07
N ALA C 181 21.91 11.75 0.41
CA ALA C 181 23.28 11.60 0.92
C ALA C 181 23.22 11.66 2.44
N MET C 182 24.04 10.85 3.09
CA MET C 182 24.13 10.85 4.55
C MET C 182 25.52 11.26 4.99
N ILE C 183 25.59 12.17 5.97
CA ILE C 183 26.79 12.42 6.75
C ILE C 183 26.63 11.67 8.06
N PHE C 184 27.53 10.72 8.32
CA PHE C 184 27.42 9.85 9.49
C PHE C 184 28.52 10.22 10.48
N LYS C 185 28.14 10.43 11.73
CA LYS C 185 29.10 10.67 12.81
C LYS C 185 29.10 9.45 13.72
N PRO C 186 30.12 8.62 13.69
CA PRO C 186 30.19 7.48 14.61
C PRO C 186 30.43 7.94 16.03
N SER C 187 30.16 7.05 16.98
CA SER C 187 30.49 7.32 18.37
C SER C 187 32.01 7.42 18.53
N GLU C 188 32.45 8.39 19.34
CA GLU C 188 33.88 8.54 19.59
C GLU C 188 34.49 7.30 20.24
N VAL C 189 33.68 6.49 20.93
CA VAL C 189 34.20 5.27 21.53
C VAL C 189 34.56 4.23 20.47
N THR C 190 33.86 4.23 19.33
CA THR C 190 34.00 3.16 18.33
C THR C 190 33.87 3.75 16.94
N PRO C 191 34.85 4.55 16.51
CA PRO C 191 34.74 5.22 15.21
C PRO C 191 35.27 4.45 14.00
N LEU C 192 35.92 3.31 14.20
CA LEU C 192 36.77 2.77 13.14
C LEU C 192 35.99 2.10 12.02
N THR C 193 34.97 1.29 12.34
CA THR C 193 34.32 0.52 11.28
C THR C 193 33.54 1.41 10.32
N ALA C 194 33.04 2.57 10.78
CA ALA C 194 32.29 3.45 9.89
C ALA C 194 33.19 4.02 8.80
N LEU C 195 34.45 4.28 9.11
CA LEU C 195 35.38 4.75 8.09
C LEU C 195 35.67 3.67 7.06
N LYS C 196 35.77 2.41 7.50
CA LYS C 196 35.91 1.31 6.54
C LYS C 196 34.68 1.20 5.65
N LEU C 197 33.49 1.41 6.23
CA LEU C 197 32.26 1.32 5.45
C LEU C 197 32.27 2.34 4.33
N ALA C 198 32.77 3.55 4.61
CA ALA C 198 32.78 4.60 3.59
C ALA C 198 33.61 4.20 2.38
N GLU C 199 34.78 3.57 2.61
CA GLU C 199 35.60 3.11 1.48
C GLU C 199 34.89 2.03 0.69
N ILE C 200 34.16 1.15 1.39
CA ILE C 200 33.45 0.07 0.72
C ILE C 200 32.38 0.64 -0.19
N TYR C 201 31.62 1.62 0.31
CA TYR C 201 30.59 2.26 -0.51
C TYR C 201 31.20 2.89 -1.76
N ARG C 202 32.33 3.57 -1.63
CA ARG C 202 32.94 4.18 -2.80
C ARG C 202 33.42 3.12 -3.77
N GLU C 203 34.05 2.06 -3.24
CA GLU C 203 34.51 0.96 -4.09
C GLU C 203 33.35 0.33 -4.84
N ALA C 204 32.14 0.38 -4.27
CA ALA C 204 30.98 -0.18 -4.93
C ALA C 204 30.43 0.72 -6.03
N GLY C 205 30.85 1.97 -6.09
CA GLY C 205 30.37 2.89 -7.09
C GLY C 205 29.51 4.01 -6.56
N LEU C 206 29.36 4.13 -5.25
CA LEU C 206 28.58 5.24 -4.69
C LEU C 206 29.23 6.55 -5.12
N PRO C 207 28.46 7.52 -5.64
CA PRO C 207 29.07 8.78 -6.06
C PRO C 207 29.72 9.48 -4.87
N ASP C 208 30.80 10.22 -5.16
CA ASP C 208 31.48 10.97 -4.11
C ASP C 208 30.52 11.94 -3.43
N GLY C 209 30.56 11.97 -2.10
CA GLY C 209 29.73 12.83 -1.29
C GLY C 209 28.48 12.19 -0.73
N VAL C 210 28.07 11.05 -1.25
CA VAL C 210 26.78 10.50 -0.84
C VAL C 210 26.88 9.89 0.57
N PHE C 211 28.05 9.38 0.95
CA PHE C 211 28.25 8.88 2.31
C PHE C 211 29.59 9.41 2.82
N ASN C 212 29.51 10.44 3.66
CA ASN C 212 30.65 11.04 4.32
C ASN C 212 30.65 10.67 5.80
N VAL C 213 31.83 10.42 6.36
CA VAL C 213 31.96 10.05 7.75
C VAL C 213 32.81 11.11 8.44
N LEU C 214 32.28 11.70 9.51
CA LEU C 214 32.95 12.75 10.27
C LEU C 214 33.05 12.28 11.71
N PRO C 215 34.14 11.63 12.10
CA PRO C 215 34.35 11.32 13.52
C PRO C 215 34.45 12.61 14.34
N GLY C 216 34.11 12.50 15.61
CA GLY C 216 34.24 13.64 16.50
C GLY C 216 33.49 13.39 17.80
N ILE C 217 33.34 14.44 18.57
CA ILE C 217 32.67 14.34 19.86
C ILE C 217 31.24 14.83 19.69
N GLY C 218 30.34 14.28 20.52
CA GLY C 218 28.95 14.67 20.43
C GLY C 218 28.71 16.13 20.75
N ALA C 219 29.42 16.65 21.76
CA ALA C 219 29.24 18.04 22.16
C ALA C 219 29.63 18.99 21.04
N GLU C 220 30.64 18.63 20.25
CA GLU C 220 31.08 19.53 19.18
C GLU C 220 30.61 19.07 17.80
N THR C 221 31.15 17.94 17.32
CA THR C 221 30.85 17.52 15.96
C THR C 221 29.37 17.19 15.81
N GLY C 222 28.82 16.42 16.76
CA GLY C 222 27.42 16.10 16.70
C GLY C 222 26.53 17.33 16.68
N GLN C 223 26.89 18.34 17.47
CA GLN C 223 26.08 19.55 17.53
C GLN C 223 26.16 20.34 16.24
N TYR C 224 27.33 20.39 15.62
CA TYR C 224 27.46 21.14 14.37
C TYR C 224 26.56 20.55 13.30
N LEU C 225 26.45 19.22 13.27
CA LEU C 225 25.54 18.57 12.33
C LEU C 225 24.09 18.87 12.65
N THR C 226 23.70 18.83 13.92
CA THR C 226 22.31 19.06 14.27
C THR C 226 21.92 20.51 14.04
N GLU C 227 22.90 21.40 13.96
CA GLU C 227 22.63 22.83 13.82
C GLU C 227 22.65 23.30 12.37
N HIS C 228 23.20 22.51 11.46
CA HIS C 228 23.44 23.01 10.11
C HIS C 228 22.13 23.26 9.38
N PRO C 229 21.95 24.43 8.77
CA PRO C 229 20.64 24.74 8.17
C PRO C 229 20.30 23.88 6.96
N ASP C 230 21.27 23.24 6.31
CA ASP C 230 21.03 22.53 5.05
C ASP C 230 20.93 21.02 5.22
N ILE C 231 20.86 20.53 6.46
CA ILE C 231 20.58 19.13 6.74
C ILE C 231 19.10 18.98 7.04
N ALA C 232 18.43 18.08 6.34
CA ALA C 232 16.97 18.00 6.38
C ALA C 232 16.44 17.04 7.42
N LYS C 233 17.27 16.12 7.92
CA LYS C 233 16.82 15.08 8.84
C LYS C 233 18.01 14.62 9.67
N ILE C 234 17.75 14.30 10.94
CA ILE C 234 18.73 13.72 11.85
C ILE C 234 18.17 12.38 12.31
N SER C 235 19.00 11.33 12.24
CA SER C 235 18.67 10.04 12.83
C SER C 235 19.70 9.73 13.90
N PHE C 236 19.23 9.54 15.14
CA PHE C 236 20.08 9.40 16.30
C PHE C 236 19.81 8.10 17.03
N THR C 237 20.88 7.42 17.43
CA THR C 237 20.80 6.24 18.28
C THR C 237 21.74 6.47 19.44
N GLY C 238 21.24 6.32 20.67
CA GLY C 238 22.04 6.64 21.83
C GLY C 238 21.24 6.61 23.11
N GLY C 239 21.78 7.26 24.12
CA GLY C 239 21.11 7.36 25.39
C GLY C 239 20.05 8.44 25.42
N VAL C 240 19.13 8.30 26.38
CA VAL C 240 18.02 9.23 26.50
C VAL C 240 18.52 10.66 26.69
N ALA C 241 19.54 10.84 27.54
CA ALA C 241 20.02 12.19 27.83
C ALA C 241 20.50 12.90 26.58
N SER C 242 21.42 12.26 25.84
CA SER C 242 21.94 12.88 24.63
C SER C 242 20.85 13.10 23.60
N GLY C 243 19.82 12.25 23.58
CA GLY C 243 18.74 12.43 22.62
C GLY C 243 17.94 13.70 22.82
N LYS C 244 17.64 14.04 24.08
CA LYS C 244 16.95 15.31 24.33
C LYS C 244 17.77 16.51 23.90
N LYS C 245 19.09 16.48 24.15
CA LYS C 245 19.91 17.58 23.66
C LYS C 245 19.82 17.66 22.15
N VAL C 246 19.95 16.52 21.47
CA VAL C 246 19.91 16.53 20.01
C VAL C 246 18.58 17.14 19.56
N MET C 247 17.48 16.69 20.15
CA MET C 247 16.19 17.24 19.75
C MET C 247 16.10 18.73 20.11
N ALA C 248 16.75 19.15 21.20
CA ALA C 248 16.67 20.55 21.62
C ALA C 248 17.50 21.42 20.69
N ASN C 249 18.74 20.99 20.42
CA ASN C 249 19.61 21.75 19.52
C ASN C 249 19.03 21.77 18.12
N SER C 250 18.42 20.65 17.71
CA SER C 250 17.76 20.60 16.40
C SER C 250 16.52 21.49 16.37
N ALA C 251 15.79 21.56 17.48
CA ALA C 251 14.66 22.49 17.56
C ALA C 251 15.11 23.95 17.44
N ALA C 252 16.09 24.36 18.25
CA ALA C 252 16.50 25.77 18.22
C ALA C 252 17.06 26.16 16.86
N SER C 253 17.54 25.19 16.11
CA SER C 253 18.14 25.36 14.81
C SER C 253 17.13 24.99 13.73
N SER C 254 17.61 24.82 12.51
CA SER C 254 16.75 24.48 11.38
C SER C 254 15.81 23.34 11.72
N LEU C 255 14.57 23.46 11.25
CA LEU C 255 13.45 22.62 11.64
C LEU C 255 13.57 21.29 10.92
N LYS C 256 14.24 20.33 11.55
CA LYS C 256 14.57 19.08 10.88
C LYS C 256 13.69 17.92 11.32
N GLU C 257 13.41 17.03 10.36
CA GLU C 257 12.82 15.73 10.68
C GLU C 257 13.78 14.98 11.60
N VAL C 258 13.24 14.27 12.57
CA VAL C 258 14.07 13.56 13.55
C VAL C 258 13.62 12.12 13.69
N THR C 259 14.58 11.21 13.81
CA THR C 259 14.35 9.83 14.21
C THR C 259 15.28 9.52 15.38
N MET C 260 14.75 8.84 16.40
CA MET C 260 15.53 8.53 17.59
C MET C 260 15.29 7.10 18.02
N GLU C 261 16.38 6.36 18.23
CA GLU C 261 16.35 5.03 18.84
C GLU C 261 17.11 5.12 20.16
N LEU C 262 16.39 5.19 21.28
CA LEU C 262 17.00 5.36 22.58
C LEU C 262 16.96 4.03 23.34
N GLY C 263 17.30 4.07 24.63
CA GLY C 263 17.36 2.89 25.44
C GLY C 263 16.00 2.37 25.84
N GLY C 264 16.01 1.32 26.66
CA GLY C 264 14.80 0.76 27.20
C GLY C 264 15.01 0.08 28.53
N LYS C 265 13.90 -0.37 29.12
CA LYS C 265 13.91 -1.23 30.30
C LYS C 265 12.89 -2.33 30.02
N SER C 266 13.13 -3.11 28.98
CA SER C 266 12.07 -3.92 28.38
C SER C 266 11.72 -5.11 29.28
N PRO C 267 10.44 -5.43 29.41
CA PRO C 267 10.05 -6.57 30.25
C PRO C 267 9.93 -7.88 29.50
N LEU C 268 10.40 -8.95 30.15
CA LEU C 268 10.20 -10.32 29.70
C LEU C 268 9.24 -10.98 30.68
N ILE C 269 8.05 -11.30 30.21
CA ILE C 269 6.99 -11.87 31.05
C ILE C 269 6.99 -13.37 30.85
N ILE C 270 7.45 -14.10 31.86
N ILE C 270 7.46 -14.09 31.86
CA ILE C 270 7.37 -15.55 31.87
CA ILE C 270 7.36 -15.54 31.89
C ILE C 270 6.02 -15.94 32.44
C ILE C 270 5.99 -15.91 32.44
N ALA C 271 5.24 -16.69 31.67
CA ALA C 271 3.91 -17.13 32.11
C ALA C 271 4.02 -18.41 32.91
N GLU C 272 2.95 -18.69 33.68
CA GLU C 272 2.89 -19.88 34.53
C GLU C 272 2.88 -21.18 33.72
N ASP C 273 2.51 -21.14 32.44
CA ASP C 273 2.51 -22.36 31.65
C ASP C 273 3.76 -22.48 30.80
N ALA C 274 4.75 -21.62 31.04
CA ALA C 274 5.98 -21.62 30.27
C ALA C 274 6.92 -22.73 30.71
N ASN C 275 7.58 -23.36 29.74
CA ASN C 275 8.74 -24.19 30.03
C ASN C 275 9.84 -23.32 30.62
N LEU C 276 10.31 -23.66 31.82
CA LEU C 276 11.26 -22.78 32.48
C LEU C 276 12.65 -22.92 31.88
N ASP C 277 12.94 -24.03 31.21
CA ASP C 277 14.19 -24.15 30.47
C ASP C 277 14.20 -23.20 29.27
N LEU C 278 13.09 -23.17 28.52
CA LEU C 278 12.98 -22.20 27.44
C LEU C 278 13.03 -20.77 27.97
N ALA C 279 12.31 -20.52 29.07
CA ALA C 279 12.28 -19.19 29.65
C ALA C 279 13.66 -18.74 30.11
N ALA C 280 14.41 -19.63 30.75
CA ALA C 280 15.76 -19.27 31.17
C ALA C 280 16.65 -18.99 29.97
N ASP C 281 16.53 -19.79 28.91
CA ASP C 281 17.33 -19.54 27.72
C ASP C 281 16.99 -18.19 27.10
N ILE C 282 15.70 -17.87 27.03
CA ILE C 282 15.32 -16.56 26.50
C ILE C 282 15.82 -15.45 27.39
N ALA C 283 15.68 -15.60 28.71
CA ALA C 283 16.16 -14.59 29.65
C ALA C 283 17.66 -14.39 29.52
N MET C 284 18.41 -15.48 29.36
CA MET C 284 19.86 -15.35 29.19
C MET C 284 20.20 -14.53 27.95
N MET C 285 19.60 -14.87 26.81
CA MET C 285 19.90 -14.17 25.56
C MET C 285 19.42 -12.72 25.61
N ALA C 286 18.40 -12.43 26.39
CA ALA C 286 17.88 -11.08 26.48
C ALA C 286 18.69 -10.22 27.43
N ASN C 287 19.66 -10.78 28.14
CA ASN C 287 20.37 -9.98 29.15
C ASN C 287 21.88 -9.96 28.97
N PHE C 288 22.47 -11.02 28.42
CA PHE C 288 23.92 -11.18 28.48
C PHE C 288 24.59 -11.27 27.13
N TYR C 289 23.84 -11.21 26.03
CA TYR C 289 24.46 -11.04 24.72
C TYR C 289 25.13 -9.68 24.69
N SER C 290 26.29 -9.62 24.03
CA SER C 290 27.06 -8.37 23.95
C SER C 290 27.28 -7.79 25.34
N SER C 291 27.42 -8.66 26.34
CA SER C 291 27.64 -8.25 27.73
C SER C 291 26.56 -7.30 28.24
N GLY C 292 25.32 -7.50 27.76
CA GLY C 292 24.19 -6.74 28.23
C GLY C 292 24.10 -5.34 27.68
N GLN C 293 24.97 -4.98 26.74
CA GLN C 293 25.00 -3.65 26.15
C GLN C 293 24.12 -3.61 24.89
N VAL C 294 22.81 -3.80 25.08
CA VAL C 294 21.86 -3.88 23.97
C VAL C 294 20.58 -3.17 24.38
N CYS C 295 20.14 -2.21 23.57
CA CYS C 295 19.00 -1.38 23.95
C CYS C 295 17.73 -2.20 24.17
N THR C 296 17.57 -3.30 23.44
CA THR C 296 16.37 -4.13 23.47
C THR C 296 16.38 -5.17 24.58
N ASN C 297 17.38 -5.16 25.47
CA ASN C 297 17.51 -6.26 26.41
C ASN C 297 16.34 -6.31 27.37
N GLY C 298 15.93 -7.53 27.70
CA GLY C 298 14.85 -7.76 28.63
C GLY C 298 15.36 -7.78 30.06
N THR C 299 15.67 -6.60 30.60
CA THR C 299 16.37 -6.48 31.87
C THR C 299 15.44 -6.56 33.08
N ARG C 300 14.13 -6.59 32.86
CA ARG C 300 13.16 -6.87 33.92
C ARG C 300 12.50 -8.20 33.59
N VAL C 301 12.85 -9.25 34.32
CA VAL C 301 12.34 -10.59 34.06
C VAL C 301 11.26 -10.88 35.09
N PHE C 302 10.02 -10.96 34.61
CA PHE C 302 8.88 -11.21 35.49
C PHE C 302 8.61 -12.71 35.51
N VAL C 303 8.63 -13.29 36.70
CA VAL C 303 8.45 -14.73 36.86
C VAL C 303 7.34 -14.97 37.86
N PRO C 304 6.45 -15.94 37.62
CA PRO C 304 5.41 -16.23 38.61
C PRO C 304 6.05 -16.63 39.93
N ALA C 305 5.42 -16.23 41.04
CA ALA C 305 5.98 -16.53 42.35
C ALA C 305 6.21 -18.03 42.50
N LYS C 306 5.24 -18.82 42.06
CA LYS C 306 5.29 -20.28 42.21
C LYS C 306 6.44 -20.93 41.47
N PHE C 307 7.07 -20.21 40.53
CA PHE C 307 8.18 -20.77 39.77
C PHE C 307 9.50 -20.07 40.04
N LYS C 308 9.49 -19.05 40.90
CA LYS C 308 10.66 -18.18 41.02
C LYS C 308 11.90 -18.95 41.45
N ALA C 309 11.76 -19.80 42.47
CA ALA C 309 12.94 -20.52 42.97
C ALA C 309 13.51 -21.44 41.90
N GLU C 310 12.65 -22.21 41.23
CA GLU C 310 13.13 -23.09 40.16
C GLU C 310 13.76 -22.28 39.04
N PHE C 311 13.14 -21.17 38.65
CA PHE C 311 13.71 -20.33 37.60
C PHE C 311 15.08 -19.81 37.99
N GLU C 312 15.22 -19.33 39.24
CA GLU C 312 16.51 -18.87 39.72
C GLU C 312 17.58 -19.95 39.60
N HIS C 313 17.21 -21.20 39.87
CA HIS C 313 18.16 -22.31 39.72
C HIS C 313 18.57 -22.48 38.26
N LYS C 314 17.58 -22.47 37.36
CA LYS C 314 17.90 -22.64 35.94
C LYS C 314 18.76 -21.49 35.44
N ILE C 315 18.48 -20.27 35.91
CA ILE C 315 19.34 -19.14 35.52
C ILE C 315 20.75 -19.38 36.00
N LEU C 316 20.90 -19.85 37.25
CA LEU C 316 22.23 -20.09 37.79
C LEU C 316 23.00 -21.10 36.95
N GLU C 317 22.32 -22.14 36.48
CA GLU C 317 22.95 -23.12 35.59
C GLU C 317 23.45 -22.46 34.30
N ARG C 318 22.65 -21.58 33.69
CA ARG C 318 23.07 -20.98 32.43
C ARG C 318 24.20 -19.97 32.61
N VAL C 319 24.20 -19.23 33.72
CA VAL C 319 25.31 -18.33 33.99
C VAL C 319 26.60 -19.13 34.15
N GLY C 320 26.51 -20.32 34.73
CA GLY C 320 27.69 -21.17 34.87
C GLY C 320 28.31 -21.57 33.54
N ARG C 321 27.51 -21.66 32.48
CA ARG C 321 27.99 -22.04 31.16
C ARG C 321 28.61 -20.88 30.41
N ILE C 322 28.40 -19.64 30.86
CA ILE C 322 28.98 -18.50 30.18
C ILE C 322 30.50 -18.62 30.17
N ARG C 323 31.11 -18.36 29.02
CA ARG C 323 32.54 -18.60 28.79
C ARG C 323 33.17 -17.25 28.42
N ALA C 324 33.72 -16.56 29.41
CA ALA C 324 34.51 -15.37 29.20
C ALA C 324 35.98 -15.73 28.93
N GLY C 325 36.65 -14.88 28.17
CA GLY C 325 38.05 -15.10 27.84
C GLY C 325 38.44 -14.32 26.59
N ASP C 326 39.48 -14.81 25.94
CA ASP C 326 40.00 -14.20 24.71
C ASP C 326 38.88 -13.99 23.71
N LEU C 327 38.71 -12.74 23.26
CA LEU C 327 37.60 -12.40 22.39
C LEU C 327 37.68 -13.04 21.00
N PHE C 328 38.85 -13.52 20.59
CA PHE C 328 38.98 -14.19 19.30
C PHE C 328 38.88 -15.71 19.39
N ALA C 329 38.66 -16.28 20.58
CA ALA C 329 38.46 -17.71 20.70
C ALA C 329 37.03 -18.08 20.30
N ASP C 330 36.89 -19.26 19.68
CA ASP C 330 35.58 -19.68 19.19
C ASP C 330 34.59 -19.89 20.33
N ASP C 331 35.06 -20.43 21.45
CA ASP C 331 34.17 -20.79 22.54
C ASP C 331 33.80 -19.59 23.42
N THR C 332 34.50 -18.47 23.29
CA THR C 332 34.18 -17.30 24.10
C THR C 332 32.84 -16.73 23.66
N ASN C 333 31.95 -16.47 24.61
CA ASN C 333 30.64 -15.90 24.32
C ASN C 333 30.29 -14.75 25.25
N PHE C 334 31.28 -14.17 25.93
CA PHE C 334 31.07 -13.05 26.83
C PHE C 334 32.30 -12.17 26.78
N GLY C 335 32.11 -10.87 26.67
CA GLY C 335 33.20 -9.94 26.58
C GLY C 335 33.17 -8.85 27.63
N PRO C 336 34.19 -8.00 27.61
CA PRO C 336 34.20 -6.83 28.50
C PRO C 336 33.22 -5.80 28.00
N LEU C 337 32.95 -4.82 28.86
CA LEU C 337 32.18 -3.66 28.44
C LEU C 337 33.02 -2.78 27.52
N VAL C 338 32.34 -1.84 26.86
CA VAL C 338 32.96 -1.12 25.77
C VAL C 338 34.06 -0.18 26.26
N SER C 339 34.03 0.21 27.53
CA SER C 339 35.01 1.14 28.06
C SER C 339 35.05 1.01 29.58
N PHE C 340 36.08 1.58 30.17
CA PHE C 340 36.26 1.50 31.62
C PHE C 340 35.33 2.49 32.33
N PRO C 341 35.14 3.71 31.79
CA PRO C 341 34.11 4.58 32.37
C PRO C 341 32.72 3.98 32.37
N HIS C 342 32.38 3.21 31.34
CA HIS C 342 31.07 2.57 31.30
C HIS C 342 30.98 1.47 32.37
N ARG C 343 32.08 0.75 32.60
CA ARG C 343 32.07 -0.24 33.68
C ARG C 343 31.81 0.42 35.03
N GLN C 344 32.41 1.60 35.26
CA GLN C 344 32.18 2.30 36.53
C GLN C 344 30.71 2.64 36.72
N ASN C 345 30.05 3.08 35.64
CA ASN C 345 28.62 3.36 35.74
C ASN C 345 27.84 2.08 36.07
N VAL C 346 28.21 0.96 35.44
CA VAL C 346 27.51 -0.28 35.70
C VAL C 346 27.75 -0.76 37.12
N LEU C 347 28.96 -0.54 37.64
CA LEU C 347 29.25 -0.94 39.03
C LEU C 347 28.44 -0.11 40.02
N ARG C 348 28.23 1.17 39.72
CA ARG C 348 27.42 2.01 40.60
C ARG C 348 25.98 1.54 40.62
N TYR C 349 25.47 1.02 39.51
CA TYR C 349 24.13 0.43 39.54
C TYR C 349 24.11 -0.82 40.38
N ILE C 350 25.16 -1.64 40.28
CA ILE C 350 25.22 -2.88 41.05
C ILE C 350 25.23 -2.56 42.54
N GLU C 351 25.98 -1.53 42.93
CA GLU C 351 26.01 -1.15 44.35
C GLU C 351 24.67 -0.60 44.79
N SER C 352 23.95 0.09 43.89
CA SER C 352 22.62 0.55 44.24
C SER C 352 21.67 -0.63 44.46
N GLY C 353 21.86 -1.72 43.71
CA GLY C 353 21.04 -2.91 43.92
C GLY C 353 21.28 -3.56 45.27
N LYS C 354 22.55 -3.66 45.68
CA LYS C 354 22.82 -4.21 47.00
C LYS C 354 22.27 -3.32 48.11
N SER C 355 22.41 -2.00 47.96
CA SER C 355 22.03 -1.07 49.02
C SER C 355 20.52 -0.92 49.17
N GLU C 356 19.74 -1.22 48.13
CA GLU C 356 18.29 -1.21 48.23
C GLU C 356 17.72 -2.57 48.58
N GLY C 357 18.56 -3.57 48.78
CA GLY C 357 18.14 -4.84 49.30
C GLY C 357 17.80 -5.91 48.30
N ALA C 358 18.08 -5.68 47.01
CA ALA C 358 17.98 -6.76 46.04
C ALA C 358 18.93 -7.88 46.43
N ARG C 359 18.49 -9.12 46.24
CA ARG C 359 19.31 -10.29 46.54
C ARG C 359 20.22 -10.59 45.37
N LEU C 360 21.52 -10.59 45.60
CA LEU C 360 22.49 -10.93 44.56
C LEU C 360 22.54 -12.45 44.38
N LEU C 361 22.10 -12.92 43.21
CA LEU C 361 22.12 -14.35 42.94
C LEU C 361 23.48 -14.81 42.41
N CYS C 362 24.12 -14.02 41.56
CA CYS C 362 25.47 -14.33 41.11
C CYS C 362 26.11 -13.07 40.55
N GLY C 363 27.41 -13.13 40.36
CA GLY C 363 28.14 -12.00 39.82
C GLY C 363 28.23 -10.86 40.81
N GLY C 364 28.17 -9.64 40.29
CA GLY C 364 28.19 -8.47 41.12
C GLY C 364 29.55 -7.85 41.31
N ASP C 365 30.55 -8.29 40.55
CA ASP C 365 31.92 -7.84 40.74
C ASP C 365 32.64 -7.84 39.40
N VAL C 366 33.79 -7.19 39.36
CA VAL C 366 34.62 -7.29 38.18
C VAL C 366 35.24 -8.68 38.13
N LEU C 367 35.65 -9.08 36.94
CA LEU C 367 36.42 -10.29 36.78
C LEU C 367 37.92 -10.07 36.92
N LYS C 368 38.60 -11.00 37.60
CA LYS C 368 40.06 -10.84 37.82
C LYS C 368 40.79 -12.13 37.39
N GLY C 369 42.08 -11.93 37.18
CA GLY C 369 43.04 -12.94 36.82
C GLY C 369 43.72 -12.56 35.51
N GLU C 370 44.68 -13.41 35.10
CA GLU C 370 45.39 -13.16 33.85
C GLU C 370 44.39 -13.03 32.71
N GLY C 371 44.54 -11.97 31.92
CA GLY C 371 43.68 -11.73 30.78
C GLY C 371 42.34 -11.11 31.12
N PHE C 372 42.10 -10.75 32.38
CA PHE C 372 40.86 -10.09 32.76
C PHE C 372 41.18 -8.81 33.53
N ASP C 373 42.31 -8.79 34.24
CA ASP C 373 42.63 -7.65 35.09
C ASP C 373 42.86 -6.38 34.28
N ASN C 374 43.11 -6.50 32.98
CA ASN C 374 43.33 -5.36 32.10
C ASN C 374 42.12 -5.00 31.26
N GLY C 375 41.01 -5.74 31.38
CA GLY C 375 39.84 -5.47 30.59
C GLY C 375 38.68 -4.95 31.41
N ALA C 376 37.73 -4.28 30.77
CA ALA C 376 36.58 -3.71 31.45
C ALA C 376 35.50 -4.76 31.69
N TRP C 377 35.90 -5.82 32.38
CA TRP C 377 35.04 -6.97 32.60
C TRP C 377 34.14 -6.77 33.81
N VAL C 378 32.87 -7.15 33.65
CA VAL C 378 31.95 -7.32 34.76
C VAL C 378 31.38 -8.73 34.68
N ALA C 379 31.30 -9.40 35.82
CA ALA C 379 30.74 -10.73 35.85
C ALA C 379 29.25 -10.69 35.48
N PRO C 380 28.75 -11.71 34.80
CA PRO C 380 27.29 -11.79 34.61
C PRO C 380 26.61 -11.73 35.97
N THR C 381 25.67 -10.80 36.10
CA THR C 381 25.11 -10.46 37.40
C THR C 381 23.60 -10.62 37.33
N VAL C 382 23.02 -11.25 38.35
CA VAL C 382 21.59 -11.43 38.45
C VAL C 382 21.16 -10.97 39.84
N PHE C 383 20.22 -10.04 39.89
CA PHE C 383 19.54 -9.66 41.12
C PHE C 383 18.16 -10.30 41.10
N THR C 384 17.71 -10.77 42.24
CA THR C 384 16.35 -11.28 42.38
C THR C 384 15.72 -10.64 43.62
N ASP C 385 14.47 -11.01 43.89
CA ASP C 385 13.67 -10.34 44.91
C ASP C 385 13.57 -8.85 44.62
N CYS C 386 13.54 -8.49 43.34
CA CYS C 386 13.58 -7.10 42.92
C CYS C 386 12.17 -6.52 42.94
N THR C 387 12.10 -5.19 43.11
CA THR C 387 10.83 -4.49 43.21
C THR C 387 10.82 -3.31 42.26
N ASP C 388 9.61 -2.85 41.93
CA ASP C 388 9.48 -1.90 40.83
C ASP C 388 10.14 -0.56 41.13
N ASP C 389 10.26 -0.20 42.41
CA ASP C 389 10.80 1.11 42.78
CA ASP C 389 10.80 1.12 42.75
C ASP C 389 12.32 1.12 42.86
N MET C 390 12.99 -0.02 42.74
CA MET C 390 14.44 -0.03 42.83
C MET C 390 15.07 0.70 41.64
N THR C 391 16.23 1.30 41.90
CA THR C 391 16.96 2.00 40.84
C THR C 391 17.37 1.03 39.73
N ILE C 392 17.84 -0.16 40.09
CA ILE C 392 18.29 -1.09 39.06
C ILE C 392 17.12 -1.60 38.22
N VAL C 393 15.89 -1.47 38.71
CA VAL C 393 14.73 -1.89 37.95
C VAL C 393 14.16 -0.74 37.12
N ARG C 394 14.34 0.49 37.58
CA ARG C 394 13.76 1.67 36.96
C ARG C 394 14.62 2.27 35.86
N GLU C 395 15.94 2.10 35.94
CA GLU C 395 16.86 2.79 35.05
C GLU C 395 17.60 1.78 34.17
N GLU C 396 17.90 2.19 32.94
CA GLU C 396 18.67 1.33 32.04
C GLU C 396 20.12 1.30 32.47
N ILE C 397 20.65 0.09 32.65
CA ILE C 397 22.03 -0.08 33.10
C ILE C 397 22.98 -0.25 31.93
N PHE C 398 22.55 -0.98 30.90
CA PHE C 398 23.36 -1.21 29.70
C PHE C 398 24.61 -2.04 30.05
N GLY C 399 24.42 -2.96 30.97
CA GLY C 399 25.45 -3.88 31.36
C GLY C 399 24.86 -5.25 31.62
N PRO C 400 25.70 -6.20 32.01
CA PRO C 400 25.23 -7.58 32.22
C PRO C 400 24.56 -7.76 33.56
N VAL C 401 23.39 -7.14 33.73
CA VAL C 401 22.68 -7.13 35.00
C VAL C 401 21.22 -7.46 34.74
N MET C 402 20.81 -8.66 35.12
CA MET C 402 19.44 -9.11 35.01
C MET C 402 18.73 -8.88 36.34
N SER C 403 17.50 -8.39 36.28
CA SER C 403 16.65 -8.23 37.46
C SER C 403 15.45 -9.16 37.36
N ILE C 404 15.22 -9.96 38.39
CA ILE C 404 14.12 -10.91 38.41
C ILE C 404 13.07 -10.41 39.39
N LEU C 405 11.82 -10.29 38.91
CA LEU C 405 10.72 -9.77 39.68
C LEU C 405 9.59 -10.79 39.73
N SER C 406 9.08 -11.02 40.94
CA SER C 406 7.96 -11.97 41.11
C SER C 406 6.62 -11.28 40.85
N TYR C 407 5.68 -12.01 40.28
CA TYR C 407 4.33 -11.50 40.08
C TYR C 407 3.34 -12.62 40.36
N ASP C 408 2.09 -12.22 40.61
CA ASP C 408 1.03 -13.16 40.97
C ASP C 408 0.02 -13.39 39.86
N ASP C 409 -0.38 -12.38 39.10
CA ASP C 409 -1.46 -12.54 38.13
C ASP C 409 -1.22 -11.67 36.90
N GLU C 410 -1.95 -12.00 35.83
CA GLU C 410 -1.67 -11.41 34.52
C GLU C 410 -1.93 -9.91 34.50
N ALA C 411 -3.06 -9.46 35.05
CA ALA C 411 -3.34 -8.04 35.06
C ALA C 411 -2.23 -7.27 35.74
N GLU C 412 -1.72 -7.78 36.87
CA GLU C 412 -0.66 -7.10 37.60
C GLU C 412 0.60 -6.97 36.74
N VAL C 413 1.01 -8.07 36.10
CA VAL C 413 2.27 -8.04 35.37
C VAL C 413 2.17 -7.11 34.17
N ILE C 414 0.98 -7.00 33.55
CA ILE C 414 0.81 -6.05 32.46
C ILE C 414 0.95 -4.61 32.95
N ARG C 415 0.32 -4.30 34.08
CA ARG C 415 0.44 -2.94 34.62
C ARG C 415 1.88 -2.61 34.96
N ARG C 416 2.58 -3.54 35.62
CA ARG C 416 3.95 -3.28 36.03
C ARG C 416 4.90 -3.25 34.85
N ALA C 417 4.70 -4.14 33.86
CA ALA C 417 5.50 -4.09 32.64
C ALA C 417 5.36 -2.73 31.97
N ASN C 418 4.15 -2.20 31.93
CA ASN C 418 3.88 -0.94 31.24
C ASN C 418 4.20 0.30 32.07
N ALA C 419 4.46 0.16 33.36
CA ALA C 419 4.60 1.32 34.25
C ALA C 419 6.04 1.81 34.22
N THR C 420 6.37 2.48 33.13
CA THR C 420 7.73 2.95 32.88
C THR C 420 7.64 4.00 31.78
N GLU C 421 8.62 4.88 31.74
CA GLU C 421 8.72 5.85 30.66
C GLU C 421 9.33 5.21 29.41
N TYR C 422 10.01 4.08 29.57
CA TYR C 422 10.58 3.36 28.44
C TYR C 422 9.50 2.56 27.70
N GLY C 423 9.80 2.26 26.44
CA GLY C 423 8.83 1.62 25.58
C GLY C 423 9.43 0.83 24.42
N LEU C 424 10.66 0.34 24.54
CA LEU C 424 11.35 -0.16 23.35
C LEU C 424 10.87 -1.56 22.96
N ALA C 425 11.09 -2.55 23.82
CA ALA C 425 10.83 -3.93 23.49
C ALA C 425 10.02 -4.60 24.61
N ALA C 426 9.53 -5.80 24.34
CA ALA C 426 8.86 -6.61 25.34
C ALA C 426 8.77 -8.04 24.81
N GLY C 427 8.50 -8.98 25.71
CA GLY C 427 8.32 -10.36 25.30
C GLY C 427 7.51 -11.14 26.31
N VAL C 428 6.95 -12.25 25.82
CA VAL C 428 6.18 -13.17 26.64
C VAL C 428 6.60 -14.58 26.27
N VAL C 429 6.68 -15.47 27.27
CA VAL C 429 6.95 -16.89 27.09
C VAL C 429 5.70 -17.64 27.54
N THR C 430 5.02 -18.29 26.61
CA THR C 430 3.81 -19.03 26.91
C THR C 430 3.44 -19.91 25.72
N PRO C 431 3.01 -21.16 25.93
CA PRO C 431 2.53 -21.99 24.81
C PRO C 431 1.08 -21.73 24.45
N ASP C 432 0.39 -20.86 25.20
CA ASP C 432 -1.05 -20.65 25.04
C ASP C 432 -1.28 -19.59 23.97
N LEU C 433 -2.11 -19.93 22.98
CA LEU C 433 -2.41 -19.01 21.89
C LEU C 433 -2.99 -17.70 22.43
N ASN C 434 -4.06 -17.80 23.23
CA ASN C 434 -4.74 -16.61 23.70
C ASN C 434 -3.86 -15.76 24.60
N ARG C 435 -3.11 -16.42 25.51
CA ARG C 435 -2.29 -15.65 26.43
C ARG C 435 -1.21 -14.87 25.69
N ALA C 436 -0.60 -15.48 24.68
CA ALA C 436 0.51 -14.82 23.99
C ALA C 436 0.05 -13.54 23.32
N HIS C 437 -0.99 -13.62 22.49
CA HIS C 437 -1.47 -12.44 21.78
C HIS C 437 -2.13 -11.45 22.74
N ARG C 438 -2.93 -11.95 23.68
CA ARG C 438 -3.65 -11.05 24.58
C ARG C 438 -2.68 -10.18 25.38
N ILE C 439 -1.60 -10.78 25.89
CA ILE C 439 -0.63 -9.99 26.64
C ILE C 439 0.10 -9.03 25.72
N ILE C 440 0.60 -9.53 24.59
CA ILE C 440 1.42 -8.70 23.72
C ILE C 440 0.63 -7.49 23.23
N HIS C 441 -0.66 -7.66 22.96
CA HIS C 441 -1.45 -6.55 22.46
C HIS C 441 -1.63 -5.45 23.50
N GLN C 442 -1.45 -5.76 24.79
CA GLN C 442 -1.62 -4.77 25.85
C GLN C 442 -0.32 -4.14 26.31
N LEU C 443 0.82 -4.60 25.81
CA LEU C 443 2.10 -4.07 26.23
C LEU C 443 2.45 -2.82 25.42
N GLU C 444 3.05 -1.84 26.08
CA GLU C 444 3.38 -0.57 25.45
C GLU C 444 4.83 -0.61 25.00
N ALA C 445 5.06 -1.27 23.87
CA ALA C 445 6.40 -1.43 23.31
C ALA C 445 6.29 -1.66 21.81
N GLY C 446 7.30 -1.19 21.09
CA GLY C 446 7.30 -1.27 19.63
C GLY C 446 7.81 -2.56 19.05
N ILE C 447 8.53 -3.33 19.85
CA ILE C 447 9.19 -4.56 19.43
C ILE C 447 8.79 -5.66 20.41
N CYS C 448 8.07 -6.67 19.93
CA CYS C 448 7.51 -7.69 20.81
C CYS C 448 7.86 -9.07 20.30
N TRP C 449 8.45 -9.88 21.18
CA TRP C 449 8.86 -11.24 20.84
C TRP C 449 8.02 -12.23 21.64
N ILE C 450 7.47 -13.23 20.95
CA ILE C 450 6.75 -14.32 21.58
C ILE C 450 7.62 -15.56 21.52
N ASN C 451 7.98 -16.08 22.69
CA ASN C 451 8.78 -17.29 22.83
C ASN C 451 10.12 -17.15 22.12
N SER C 452 10.73 -15.97 22.23
CA SER C 452 12.04 -15.72 21.63
CA SER C 452 12.05 -15.74 21.64
C SER C 452 12.52 -14.37 22.13
N TRP C 453 13.68 -13.96 21.64
CA TRP C 453 14.17 -12.61 21.92
C TRP C 453 15.25 -12.24 20.92
N GLY C 454 15.26 -10.97 20.51
CA GLY C 454 16.42 -10.36 19.90
C GLY C 454 16.45 -10.36 18.39
N GLU C 455 15.63 -11.17 17.71
CA GLU C 455 15.70 -11.24 16.26
C GLU C 455 15.03 -10.01 15.66
N SER C 456 15.73 -9.35 14.72
CA SER C 456 15.29 -8.08 14.15
C SER C 456 15.40 -8.12 12.63
N PRO C 457 14.48 -8.82 11.96
CA PRO C 457 14.57 -8.96 10.49
C PRO C 457 14.53 -7.63 9.77
N ALA C 458 15.18 -7.58 8.61
CA ALA C 458 15.17 -6.36 7.83
C ALA C 458 13.77 -5.91 7.49
N GLU C 459 12.83 -6.85 7.35
CA GLU C 459 11.45 -6.53 7.00
C GLU C 459 10.65 -5.92 8.16
N MET C 460 11.15 -5.99 9.39
CA MET C 460 10.34 -5.72 10.57
C MET C 460 10.66 -4.34 11.11
N PRO C 461 9.73 -3.39 11.06
CA PRO C 461 10.00 -2.08 11.65
C PRO C 461 10.25 -2.19 13.15
N VAL C 462 11.27 -1.46 13.63
CA VAL C 462 11.67 -1.49 15.03
C VAL C 462 11.87 -0.07 15.54
N GLY C 463 11.40 0.16 16.76
CA GLY C 463 11.60 1.42 17.43
C GLY C 463 10.73 1.47 18.68
N GLY C 464 10.85 2.58 19.40
CA GLY C 464 10.33 2.68 20.75
C GLY C 464 9.03 3.45 20.87
N TYR C 465 8.23 3.03 21.85
CA TYR C 465 7.15 3.84 22.43
C TYR C 465 7.72 4.84 23.43
N LYS C 466 6.89 5.83 23.79
CA LYS C 466 7.12 6.74 24.92
C LYS C 466 8.54 7.30 24.80
N HIS C 467 9.36 7.23 25.85
CA HIS C 467 10.66 7.90 25.83
C HIS C 467 11.74 7.08 25.15
N SER C 468 11.41 5.89 24.64
CA SER C 468 12.43 5.07 24.01
C SER C 468 12.69 5.42 22.56
N GLY C 469 11.91 6.30 21.96
CA GLY C 469 12.33 6.79 20.66
C GLY C 469 11.25 7.51 19.89
N ILE C 470 11.66 7.98 18.71
N ILE C 470 11.65 7.98 18.72
CA ILE C 470 10.82 8.64 17.74
CA ILE C 470 10.78 8.63 17.75
C ILE C 470 11.04 7.96 16.40
C ILE C 470 11.02 7.98 16.40
N GLY C 471 9.95 7.52 15.77
CA GLY C 471 10.07 6.87 14.48
C GLY C 471 10.52 5.42 14.54
N ARG C 472 10.87 4.89 13.37
CA ARG C 472 11.20 3.48 13.25
C ARG C 472 12.41 3.32 12.34
N GLU C 473 13.04 2.15 12.44
CA GLU C 473 14.06 1.71 11.49
C GLU C 473 13.65 0.36 10.92
N ASN C 474 14.19 0.07 9.74
CA ASN C 474 13.92 -1.16 8.98
C ASN C 474 12.48 -1.21 8.50
N GLY C 475 12.15 -2.22 7.71
CA GLY C 475 10.84 -2.28 7.09
C GLY C 475 10.66 -1.33 5.93
N VAL C 476 9.61 -1.54 5.14
CA VAL C 476 9.34 -0.65 4.01
CA VAL C 476 9.37 -0.65 4.02
C VAL C 476 9.07 0.77 4.49
N MET C 477 8.43 0.92 5.65
CA MET C 477 8.05 2.26 6.09
C MET C 477 9.27 3.15 6.31
N THR C 478 10.42 2.57 6.67
CA THR C 478 11.58 3.41 6.93
C THR C 478 12.20 3.94 5.64
N LEU C 479 12.09 3.19 4.54
CA LEU C 479 12.48 3.75 3.26
C LEU C 479 11.65 4.98 2.93
N GLN C 480 10.35 4.89 3.17
CA GLN C 480 9.47 6.02 2.88
C GLN C 480 9.74 7.19 3.80
N SER C 481 10.15 6.92 5.04
CA SER C 481 10.42 7.99 5.98
C SER C 481 11.70 8.75 5.65
N TYR C 482 12.52 8.24 4.75
CA TYR C 482 13.65 9.01 4.22
C TYR C 482 13.32 9.71 2.91
N THR C 483 12.05 9.78 2.54
CA THR C 483 11.59 10.66 1.47
C THR C 483 10.63 11.67 2.08
N GLN C 484 10.38 12.73 1.34
CA GLN C 484 9.35 13.70 1.68
C GLN C 484 8.34 13.78 0.54
N VAL C 485 7.08 13.95 0.89
CA VAL C 485 6.00 13.90 -0.09
C VAL C 485 5.79 15.29 -0.69
N LYS C 486 5.77 15.34 -2.02
CA LYS C 486 5.39 16.53 -2.75
C LYS C 486 4.08 16.21 -3.45
N SER C 487 3.03 16.97 -3.13
CA SER C 487 1.72 16.85 -3.76
C SER C 487 1.61 17.87 -4.88
N ILE C 488 1.16 17.41 -6.05
CA ILE C 488 1.08 18.23 -7.26
C ILE C 488 -0.35 18.14 -7.80
N GLN C 489 -1.03 19.27 -7.88
CA GLN C 489 -2.35 19.32 -8.49
C GLN C 489 -2.28 19.86 -9.90
N VAL C 490 -2.81 19.11 -10.86
CA VAL C 490 -2.94 19.55 -12.24
C VAL C 490 -4.37 20.01 -12.43
N GLU C 491 -4.56 21.31 -12.63
CA GLU C 491 -5.88 21.89 -12.89
C GLU C 491 -6.00 22.15 -14.38
N MET C 492 -6.87 21.38 -15.04
CA MET C 492 -7.12 21.51 -16.47
C MET C 492 -8.39 22.28 -16.78
N GLY C 493 -9.17 22.64 -15.76
CA GLY C 493 -10.34 23.46 -15.93
C GLY C 493 -10.02 24.94 -15.79
N PRO C 494 -10.99 25.79 -16.10
CA PRO C 494 -10.77 27.24 -15.94
C PRO C 494 -10.68 27.62 -14.46
N PHE C 495 -9.62 28.37 -14.12
CA PHE C 495 -9.46 28.85 -12.77
C PHE C 495 -10.37 30.03 -12.50
N GLN C 496 -11.09 29.99 -11.38
CA GLN C 496 -12.05 31.02 -11.01
C GLN C 496 -11.48 31.82 -9.84
N SER C 497 -11.31 33.12 -10.05
CA SER C 497 -10.92 34.05 -9.00
C SER C 497 -12.16 34.76 -8.49
N ILE C 498 -12.24 34.96 -7.17
CA ILE C 498 -13.35 35.73 -6.60
C ILE C 498 -13.09 37.22 -6.62
N PHE C 499 -11.92 37.65 -7.09
CA PHE C 499 -11.59 39.07 -7.16
C PHE C 499 -11.77 39.55 -8.61
N ALA D 14 -47.65 -10.02 -6.05
CA ALA D 14 -48.07 -9.61 -7.40
C ALA D 14 -46.93 -9.83 -8.39
N GLU D 15 -47.28 -10.23 -9.63
CA GLU D 15 -46.28 -10.52 -10.64
C GLU D 15 -45.10 -9.57 -10.57
N GLN D 16 -43.97 -10.06 -10.07
CA GLN D 16 -42.77 -9.25 -9.91
C GLN D 16 -42.13 -9.04 -11.28
N GLN D 17 -41.68 -7.82 -11.53
CA GLN D 17 -41.15 -7.45 -12.83
C GLN D 17 -39.63 -7.25 -12.78
N LEU D 18 -39.06 -6.93 -13.93
CA LEU D 18 -37.65 -6.56 -14.01
C LEU D 18 -37.50 -5.13 -13.50
N TYR D 19 -36.26 -4.78 -13.13
CA TYR D 19 -35.93 -3.42 -12.69
C TYR D 19 -34.82 -2.91 -13.61
N ILE D 20 -35.15 -1.96 -14.48
CA ILE D 20 -34.20 -1.41 -15.43
C ILE D 20 -34.33 0.10 -15.46
N HIS D 21 -33.20 0.79 -15.31
CA HIS D 21 -33.13 2.25 -15.34
C HIS D 21 -34.06 2.90 -14.33
N GLY D 22 -34.02 2.39 -13.10
CA GLY D 22 -34.67 3.08 -11.99
C GLY D 22 -36.17 2.94 -11.93
N LYS D 23 -36.72 1.94 -12.61
CA LYS D 23 -38.15 1.65 -12.54
C LYS D 23 -38.37 0.18 -12.83
N PHE D 24 -39.50 -0.34 -12.33
CA PHE D 24 -39.93 -1.67 -12.71
C PHE D 24 -40.49 -1.65 -14.12
N VAL D 25 -40.11 -2.65 -14.91
CA VAL D 25 -40.49 -2.72 -16.31
C VAL D 25 -40.87 -4.15 -16.65
N ALA D 26 -41.83 -4.30 -17.57
CA ALA D 26 -42.24 -5.61 -18.03
C ALA D 26 -41.14 -6.26 -18.86
N ALA D 27 -40.93 -7.55 -18.63
CA ALA D 27 -40.04 -8.35 -19.46
C ALA D 27 -40.59 -8.49 -20.87
N THR D 28 -39.70 -8.49 -21.86
CA THR D 28 -40.08 -8.72 -23.24
C THR D 28 -39.84 -10.17 -23.67
N SER D 29 -39.80 -11.09 -22.72
CA SER D 29 -39.64 -12.51 -23.02
C SER D 29 -40.98 -13.23 -23.08
N GLY D 30 -41.99 -12.70 -22.42
CA GLY D 30 -43.19 -13.49 -22.31
C GLY D 30 -43.04 -14.70 -21.43
N LYS D 31 -41.97 -14.80 -20.67
CA LYS D 31 -41.78 -15.96 -19.80
C LYS D 31 -41.87 -15.58 -18.34
N THR D 32 -42.29 -16.53 -17.52
CA THR D 32 -42.35 -16.30 -16.08
C THR D 32 -41.96 -17.56 -15.31
N PHE D 33 -41.72 -17.38 -14.01
CA PHE D 33 -41.48 -18.50 -13.10
C PHE D 33 -42.03 -18.16 -11.72
N GLU D 34 -42.13 -19.18 -10.88
CA GLU D 34 -42.67 -19.06 -9.53
C GLU D 34 -41.62 -19.33 -8.47
N THR D 35 -41.74 -18.65 -7.34
CA THR D 35 -40.93 -18.92 -6.15
C THR D 35 -41.83 -19.41 -5.02
N ILE D 36 -41.41 -20.51 -4.39
CA ILE D 36 -42.23 -21.22 -3.42
C ILE D 36 -41.78 -20.84 -2.01
N ASN D 37 -42.75 -20.68 -1.10
CA ASN D 37 -42.41 -20.56 0.31
C ASN D 37 -42.07 -21.96 0.79
N PRO D 38 -40.81 -22.24 1.15
CA PRO D 38 -40.45 -23.63 1.49
C PRO D 38 -41.07 -24.12 2.78
N ALA D 39 -41.67 -23.24 3.57
CA ALA D 39 -42.32 -23.66 4.80
C ALA D 39 -43.75 -24.14 4.57
N THR D 40 -44.38 -23.75 3.46
CA THR D 40 -45.77 -24.09 3.21
C THR D 40 -46.02 -24.80 1.88
N GLY D 41 -45.08 -24.73 0.94
CA GLY D 41 -45.29 -25.27 -0.38
C GLY D 41 -46.08 -24.35 -1.29
N GLU D 42 -46.69 -23.31 -0.75
CA GLU D 42 -47.48 -22.37 -1.53
C GLU D 42 -46.57 -21.52 -2.40
N VAL D 43 -47.15 -20.96 -3.45
CA VAL D 43 -46.41 -20.02 -4.30
C VAL D 43 -46.35 -18.68 -3.59
N LEU D 44 -45.14 -18.15 -3.45
CA LEU D 44 -44.95 -16.83 -2.84
C LEU D 44 -45.28 -15.71 -3.82
N ALA D 45 -44.85 -15.84 -5.07
CA ALA D 45 -45.03 -14.81 -6.08
C ALA D 45 -44.68 -15.40 -7.44
N THR D 46 -45.27 -14.84 -8.49
CA THR D 46 -44.88 -15.11 -9.87
C THR D 46 -43.92 -14.02 -10.32
N VAL D 47 -42.83 -14.41 -10.96
CA VAL D 47 -41.76 -13.48 -11.30
C VAL D 47 -41.49 -13.56 -12.80
N GLN D 48 -41.42 -12.40 -13.45
CA GLN D 48 -41.09 -12.35 -14.86
C GLN D 48 -39.60 -12.63 -15.07
N ALA D 49 -39.28 -13.25 -16.20
CA ALA D 49 -37.94 -13.71 -16.51
C ALA D 49 -37.37 -12.86 -17.64
N ALA D 50 -36.17 -12.33 -17.42
CA ALA D 50 -35.54 -11.47 -18.42
C ALA D 50 -35.04 -12.28 -19.60
N GLY D 51 -35.38 -11.85 -20.82
CA GLY D 51 -34.90 -12.47 -22.03
C GLY D 51 -33.70 -11.75 -22.61
N ARG D 52 -33.34 -12.16 -23.83
CA ARG D 52 -32.16 -11.59 -24.49
C ARG D 52 -32.32 -10.11 -24.79
N GLU D 53 -33.51 -9.69 -25.22
CA GLU D 53 -33.71 -8.26 -25.44
C GLU D 53 -33.67 -7.52 -24.11
N ASP D 54 -34.17 -8.14 -23.04
CA ASP D 54 -34.11 -7.51 -21.73
C ASP D 54 -32.67 -7.33 -21.26
N VAL D 55 -31.81 -8.30 -21.55
CA VAL D 55 -30.41 -8.17 -21.16
C VAL D 55 -29.77 -7.03 -21.92
N ASP D 56 -30.03 -6.94 -23.23
CA ASP D 56 -29.48 -5.82 -23.99
C ASP D 56 -30.01 -4.50 -23.46
N ARG D 57 -31.28 -4.46 -23.05
CA ARG D 57 -31.82 -3.26 -22.44
C ARG D 57 -31.08 -2.87 -21.17
N ALA D 58 -30.89 -3.84 -20.26
CA ALA D 58 -30.24 -3.55 -18.98
C ALA D 58 -28.82 -3.05 -19.20
N VAL D 59 -28.13 -3.61 -20.19
CA VAL D 59 -26.75 -3.22 -20.44
C VAL D 59 -26.68 -1.80 -21.00
N LYS D 60 -27.61 -1.47 -21.90
CA LYS D 60 -27.62 -0.15 -22.50
C LYS D 60 -27.98 0.92 -21.46
N SER D 61 -28.93 0.61 -20.58
CA SER D 61 -29.24 1.48 -19.45
C SER D 61 -28.04 1.64 -18.54
N ALA D 62 -27.35 0.52 -18.24
CA ALA D 62 -26.21 0.57 -17.33
C ALA D 62 -25.09 1.41 -17.91
N GLN D 63 -24.88 1.32 -19.22
CA GLN D 63 -23.82 2.11 -19.84
C GLN D 63 -24.06 3.60 -19.67
N GLN D 64 -25.32 4.03 -19.84
CA GLN D 64 -25.66 5.43 -19.66
C GLN D 64 -25.56 5.84 -18.20
N GLY D 65 -26.05 5.01 -17.28
CA GLY D 65 -25.96 5.34 -15.87
C GLY D 65 -24.54 5.37 -15.36
N GLN D 66 -23.69 4.47 -15.87
CA GLN D 66 -22.33 4.37 -15.35
C GLN D 66 -21.55 5.67 -15.57
N LYS D 67 -21.75 6.33 -16.71
CA LYS D 67 -21.07 7.59 -16.95
C LYS D 67 -21.48 8.67 -15.96
N VAL D 68 -22.78 8.78 -15.66
CA VAL D 68 -23.22 9.74 -14.66
C VAL D 68 -22.58 9.39 -13.31
N TRP D 69 -22.61 8.11 -12.95
CA TRP D 69 -22.07 7.66 -11.68
C TRP D 69 -20.58 7.93 -11.60
N ALA D 70 -19.83 7.58 -12.64
CA ALA D 70 -18.38 7.77 -12.64
C ALA D 70 -17.99 9.24 -12.68
N ALA D 71 -18.83 10.10 -13.27
CA ALA D 71 -18.51 11.52 -13.35
C ALA D 71 -18.65 12.23 -12.01
N MET D 72 -19.44 11.68 -11.08
CA MET D 72 -19.56 12.27 -9.76
C MET D 72 -18.22 12.21 -9.03
N SER D 73 -18.12 12.99 -7.95
CA SER D 73 -16.97 12.91 -7.07
C SER D 73 -17.00 11.60 -6.28
N ALA D 74 -15.83 11.23 -5.75
CA ALA D 74 -15.75 10.03 -4.91
C ALA D 74 -16.65 10.16 -3.68
N MET D 75 -16.63 11.33 -3.04
CA MET D 75 -17.46 11.50 -1.84
C MET D 75 -18.94 11.54 -2.19
N ALA D 76 -19.30 12.06 -3.38
CA ALA D 76 -20.69 12.01 -3.79
C ALA D 76 -21.19 10.57 -3.91
N ARG D 77 -20.37 9.69 -4.50
CA ARG D 77 -20.72 8.29 -4.55
C ARG D 77 -20.79 7.70 -3.14
N SER D 78 -19.82 8.04 -2.29
CA SER D 78 -19.81 7.53 -0.93
CA SER D 78 -19.82 7.51 -0.94
C SER D 78 -21.10 7.88 -0.21
N ARG D 79 -21.53 9.14 -0.31
CA ARG D 79 -22.71 9.57 0.43
C ARG D 79 -23.96 8.85 -0.02
N ILE D 80 -24.07 8.57 -1.32
CA ILE D 80 -25.24 7.87 -1.83
C ILE D 80 -25.28 6.44 -1.30
N LEU D 81 -24.13 5.76 -1.32
CA LEU D 81 -24.10 4.39 -0.82
C LEU D 81 -24.40 4.34 0.68
N ARG D 82 -23.94 5.36 1.43
CA ARG D 82 -24.26 5.37 2.86
C ARG D 82 -25.73 5.64 3.12
N LYS D 83 -26.39 6.41 2.24
CA LYS D 83 -27.84 6.60 2.37
C LYS D 83 -28.57 5.29 2.17
N ALA D 84 -28.10 4.47 1.23
CA ALA D 84 -28.67 3.15 1.04
C ALA D 84 -28.47 2.30 2.30
N VAL D 85 -27.30 2.39 2.93
CA VAL D 85 -27.06 1.69 4.19
C VAL D 85 -28.09 2.10 5.23
N ASP D 86 -28.33 3.40 5.38
CA ASP D 86 -29.28 3.87 6.38
C ASP D 86 -30.68 3.34 6.10
N ILE D 87 -31.07 3.27 4.83
CA ILE D 87 -32.38 2.71 4.49
C ILE D 87 -32.42 1.23 4.84
N LEU D 88 -31.33 0.51 4.54
CA LEU D 88 -31.32 -0.92 4.81
C LEU D 88 -31.45 -1.20 6.30
N ARG D 89 -30.76 -0.42 7.13
CA ARG D 89 -30.89 -0.59 8.58
C ARG D 89 -32.33 -0.38 9.02
N GLU D 90 -32.94 0.72 8.58
CA GLU D 90 -34.31 1.03 8.98
C GLU D 90 -35.29 -0.04 8.53
N ARG D 91 -35.04 -0.68 7.39
N ARG D 91 -35.04 -0.68 7.38
CA ARG D 91 -35.93 -1.70 6.85
CA ARG D 91 -35.91 -1.69 6.83
C ARG D 91 -35.39 -3.10 7.07
C ARG D 91 -35.39 -3.10 7.07
N ASN D 92 -34.54 -3.30 8.08
CA ASN D 92 -33.97 -4.61 8.33
C ASN D 92 -35.06 -5.66 8.56
N ASP D 93 -36.04 -5.34 9.42
CA ASP D 93 -37.03 -6.34 9.78
C ASP D 93 -37.95 -6.66 8.61
N GLU D 94 -38.38 -5.65 7.87
CA GLU D 94 -39.21 -5.89 6.69
C GLU D 94 -38.48 -6.77 5.68
N LEU D 95 -37.24 -6.40 5.36
CA LEU D 95 -36.48 -7.18 4.39
C LEU D 95 -36.19 -8.58 4.90
N ALA D 96 -35.92 -8.71 6.21
CA ALA D 96 -35.62 -10.03 6.76
C ALA D 96 -36.82 -10.96 6.64
N ARG D 97 -38.03 -10.44 6.86
CA ARG D 97 -39.22 -11.27 6.76
C ARG D 97 -39.42 -11.77 5.33
N LEU D 98 -39.24 -10.89 4.34
CA LEU D 98 -39.33 -11.34 2.95
C LEU D 98 -38.28 -12.41 2.66
N GLU D 99 -37.07 -12.24 3.22
CA GLU D 99 -36.02 -13.24 3.02
C GLU D 99 -36.43 -14.58 3.64
N THR D 100 -37.04 -14.54 4.82
CA THR D 100 -37.48 -15.78 5.47
C THR D 100 -38.53 -16.50 4.62
N LEU D 101 -39.48 -15.75 4.05
CA LEU D 101 -40.50 -16.37 3.22
C LEU D 101 -39.91 -17.03 1.98
N ASP D 102 -38.91 -16.39 1.38
CA ASP D 102 -38.35 -16.87 0.11
C ASP D 102 -37.36 -18.01 0.31
N THR D 103 -36.59 -18.00 1.39
CA THR D 103 -35.49 -18.95 1.61
C THR D 103 -35.82 -20.05 2.61
N GLY D 104 -36.72 -19.79 3.56
CA GLY D 104 -36.97 -20.72 4.63
C GLY D 104 -36.00 -20.61 5.79
N LYS D 105 -35.10 -19.63 5.76
CA LYS D 105 -34.23 -19.40 6.89
C LYS D 105 -35.02 -18.73 8.02
N PRO D 106 -34.79 -19.15 9.27
CA PRO D 106 -35.53 -18.52 10.38
C PRO D 106 -35.32 -17.02 10.41
N LEU D 107 -36.38 -16.31 10.82
CA LEU D 107 -36.27 -14.86 11.02
C LEU D 107 -35.15 -14.53 12.00
N SER D 108 -34.90 -15.41 12.96
CA SER D 108 -33.81 -15.17 13.89
C SER D 108 -32.48 -15.04 13.16
N GLU D 109 -32.34 -15.68 11.99
CA GLU D 109 -31.16 -15.51 11.16
C GLU D 109 -31.27 -14.27 10.27
N THR D 110 -32.35 -14.16 9.50
CA THR D 110 -32.37 -13.15 8.44
C THR D 110 -32.34 -11.74 9.04
N ALA D 111 -32.99 -11.55 10.18
CA ALA D 111 -33.01 -10.24 10.82
C ALA D 111 -31.70 -9.89 11.50
N ALA D 112 -30.81 -10.87 11.69
CA ALA D 112 -29.57 -10.65 12.42
C ALA D 112 -28.33 -10.74 11.56
N VAL D 113 -28.41 -11.41 10.40
CA VAL D 113 -27.23 -11.65 9.58
C VAL D 113 -27.41 -11.12 8.16
N ASP D 114 -28.48 -11.53 7.48
CA ASP D 114 -28.54 -11.36 6.04
C ASP D 114 -28.42 -9.90 5.65
N ILE D 115 -29.25 -9.03 6.21
CA ILE D 115 -29.16 -7.62 5.85
C ILE D 115 -28.07 -6.93 6.66
N VAL D 116 -27.86 -7.34 7.91
CA VAL D 116 -26.83 -6.73 8.74
C VAL D 116 -25.47 -6.83 8.07
N THR D 117 -25.09 -8.05 7.65
CA THR D 117 -23.78 -8.25 7.07
C THR D 117 -23.70 -7.81 5.61
N GLY D 118 -24.83 -7.81 4.91
CA GLY D 118 -24.87 -7.17 3.61
C GLY D 118 -24.58 -5.69 3.69
N ALA D 119 -25.28 -5.00 4.59
CA ALA D 119 -25.11 -3.56 4.74
C ALA D 119 -23.71 -3.23 5.24
N ASP D 120 -23.15 -4.09 6.09
CA ASP D 120 -21.81 -3.86 6.61
C ASP D 120 -20.80 -3.74 5.47
N VAL D 121 -20.94 -4.57 4.44
CA VAL D 121 -19.99 -4.52 3.34
C VAL D 121 -20.22 -3.28 2.49
N LEU D 122 -21.49 -2.95 2.23
CA LEU D 122 -21.80 -1.70 1.54
C LEU D 122 -21.27 -0.51 2.31
N GLU D 123 -21.48 -0.50 3.63
CA GLU D 123 -20.99 0.60 4.45
C GLU D 123 -19.47 0.66 4.38
N TYR D 124 -18.82 -0.50 4.44
CA TYR D 124 -17.37 -0.56 4.36
C TYR D 124 -16.85 0.02 3.05
N TYR D 125 -17.42 -0.42 1.92
CA TYR D 125 -16.90 0.05 0.65
C TYR D 125 -17.21 1.52 0.41
N ALA D 126 -18.36 1.99 0.90
CA ALA D 126 -18.69 3.41 0.78
C ALA D 126 -17.59 4.29 1.32
N GLY D 127 -17.00 3.90 2.46
CA GLY D 127 -15.97 4.72 3.06
C GLY D 127 -14.65 4.66 2.36
N LEU D 128 -14.39 3.59 1.59
CA LEU D 128 -13.10 3.42 0.92
C LEU D 128 -13.01 4.12 -0.42
N ILE D 129 -14.14 4.55 -1.00
CA ILE D 129 -14.09 5.13 -2.35
C ILE D 129 -13.08 6.25 -2.44
N PRO D 130 -13.00 7.20 -1.51
CA PRO D 130 -12.01 8.29 -1.64
C PRO D 130 -10.57 7.82 -1.52
N ALA D 131 -10.32 6.61 -1.03
CA ALA D 131 -8.96 6.11 -0.90
C ALA D 131 -8.51 5.28 -2.11
N LEU D 132 -9.39 5.09 -3.10
CA LEU D 132 -9.03 4.37 -4.32
C LEU D 132 -8.09 5.24 -5.15
N GLU D 133 -6.83 4.86 -5.22
CA GLU D 133 -5.76 5.70 -5.78
C GLU D 133 -4.93 4.91 -6.77
N GLY D 134 -4.45 5.62 -7.80
CA GLY D 134 -3.40 5.12 -8.66
C GLY D 134 -2.03 5.38 -8.08
N SER D 135 -1.02 5.22 -8.94
CA SER D 135 0.37 5.34 -8.54
CA SER D 135 0.36 5.35 -8.53
C SER D 135 1.11 6.27 -9.48
N GLN D 136 2.30 6.69 -9.03
CA GLN D 136 3.20 7.52 -9.82
C GLN D 136 4.59 6.94 -9.66
N ILE D 137 5.26 6.74 -10.79
CA ILE D 137 6.58 6.13 -10.82
C ILE D 137 7.53 7.05 -11.60
N PRO D 138 8.54 7.64 -10.97
CA PRO D 138 9.54 8.36 -11.76
C PRO D 138 10.45 7.37 -12.49
N LEU D 139 10.69 7.64 -13.76
CA LEU D 139 11.63 6.86 -14.54
C LEU D 139 12.98 7.56 -14.65
N ARG D 140 12.95 8.88 -14.84
CA ARG D 140 14.14 9.71 -15.02
C ARG D 140 13.66 11.15 -14.93
N ASP D 141 14.62 12.07 -14.90
CA ASP D 141 14.22 13.47 -14.77
C ASP D 141 13.23 13.88 -15.85
N SER D 142 13.34 13.28 -17.04
CA SER D 142 12.56 13.73 -18.19
C SER D 142 11.34 12.85 -18.48
N SER D 143 11.07 11.84 -17.65
CA SER D 143 9.91 11.00 -17.90
C SER D 143 9.39 10.42 -16.60
N PHE D 144 8.06 10.31 -16.50
CA PHE D 144 7.46 9.61 -15.38
C PHE D 144 6.19 8.91 -15.84
N VAL D 145 5.73 7.98 -15.02
CA VAL D 145 4.53 7.21 -15.28
C VAL D 145 3.54 7.47 -14.15
N TYR D 146 2.26 7.56 -14.49
CA TYR D 146 1.22 7.53 -13.49
C TYR D 146 0.13 6.58 -13.96
N THR D 147 -0.60 6.03 -13.00
CA THR D 147 -1.64 5.05 -13.28
C THR D 147 -2.98 5.59 -12.79
N ARG D 148 -4.03 5.24 -13.53
CA ARG D 148 -5.40 5.48 -13.11
C ARG D 148 -6.07 4.14 -12.85
N ARG D 149 -6.88 4.08 -11.80
CA ARG D 149 -7.73 2.93 -11.54
C ARG D 149 -9.11 3.29 -12.05
N GLU D 150 -9.41 2.87 -13.27
CA GLU D 150 -10.62 3.25 -13.98
C GLU D 150 -11.71 2.21 -13.81
N PRO D 151 -12.98 2.62 -13.82
CA PRO D 151 -14.06 1.63 -13.81
C PRO D 151 -13.95 0.70 -15.00
N LEU D 152 -14.35 -0.57 -14.76
CA LEU D 152 -14.50 -1.51 -15.86
C LEU D 152 -15.64 -1.12 -16.80
N GLY D 153 -16.69 -0.50 -16.27
CA GLY D 153 -17.87 -0.15 -17.04
C GLY D 153 -19.11 -0.84 -16.54
N VAL D 154 -19.62 -1.78 -17.32
CA VAL D 154 -20.77 -2.60 -16.93
C VAL D 154 -20.28 -3.98 -16.52
N VAL D 155 -20.67 -4.40 -15.32
CA VAL D 155 -20.34 -5.72 -14.80
C VAL D 155 -21.63 -6.45 -14.44
N ALA D 156 -21.55 -7.77 -14.37
CA ALA D 156 -22.70 -8.60 -14.03
C ALA D 156 -22.41 -9.44 -12.81
N GLY D 157 -23.38 -9.53 -11.93
CA GLY D 157 -23.33 -10.45 -10.79
C GLY D 157 -24.42 -11.50 -10.93
N ILE D 158 -24.07 -12.75 -10.66
CA ILE D 158 -25.01 -13.86 -10.65
C ILE D 158 -25.04 -14.43 -9.24
N GLY D 159 -26.19 -14.34 -8.58
CA GLY D 159 -26.29 -14.69 -7.18
C GLY D 159 -26.74 -16.10 -6.93
N ALA D 160 -26.52 -16.56 -5.70
CA ALA D 160 -26.98 -17.87 -5.26
C ALA D 160 -28.22 -17.70 -4.38
N TRP D 161 -28.82 -18.83 -4.00
CA TRP D 161 -30.10 -18.79 -3.32
C TRP D 161 -29.98 -18.89 -1.80
N ASN D 162 -28.80 -19.18 -1.27
CA ASN D 162 -28.70 -19.38 0.17
C ASN D 162 -28.68 -18.06 0.94
N TYR D 163 -28.02 -17.03 0.40
CA TYR D 163 -28.00 -15.71 1.03
C TYR D 163 -28.32 -14.63 0.00
N PRO D 164 -29.58 -14.55 -0.44
CA PRO D 164 -29.88 -13.75 -1.64
C PRO D 164 -29.47 -12.29 -1.53
N ILE D 165 -29.93 -11.59 -0.50
CA ILE D 165 -29.68 -10.15 -0.45
C ILE D 165 -28.23 -9.87 -0.04
N GLN D 166 -27.66 -10.70 0.83
CA GLN D 166 -26.27 -10.51 1.22
C GLN D 166 -25.35 -10.64 0.01
N ILE D 167 -25.58 -11.64 -0.83
CA ILE D 167 -24.76 -11.80 -2.04
C ILE D 167 -24.94 -10.60 -2.96
N ALA D 168 -26.19 -10.15 -3.14
CA ALA D 168 -26.44 -8.97 -3.95
C ALA D 168 -25.67 -7.76 -3.42
N LEU D 169 -25.59 -7.61 -2.10
CA LEU D 169 -24.85 -6.49 -1.53
C LEU D 169 -23.34 -6.71 -1.62
N TRP D 170 -22.88 -7.93 -1.39
CA TRP D 170 -21.44 -8.19 -1.45
C TRP D 170 -20.89 -8.05 -2.86
N LYS D 171 -21.70 -8.31 -3.88
CA LYS D 171 -21.25 -8.11 -5.25
C LYS D 171 -21.44 -6.66 -5.68
N SER D 172 -22.60 -6.07 -5.38
CA SER D 172 -22.89 -4.73 -5.90
C SER D 172 -22.10 -3.65 -5.18
N ALA D 173 -21.78 -3.85 -3.90
CA ALA D 173 -21.11 -2.79 -3.15
C ALA D 173 -19.71 -2.49 -3.71
N PRO D 174 -18.81 -3.46 -3.87
CA PRO D 174 -17.51 -3.10 -4.46
C PRO D 174 -17.63 -2.64 -5.91
N ALA D 175 -18.56 -3.23 -6.66
CA ALA D 175 -18.72 -2.85 -8.06
C ALA D 175 -19.14 -1.40 -8.18
N LEU D 176 -20.20 -1.02 -7.45
CA LEU D 176 -20.64 0.39 -7.46
C LEU D 176 -19.61 1.32 -6.85
N ALA D 177 -18.96 0.90 -5.76
CA ALA D 177 -17.97 1.78 -5.13
C ALA D 177 -16.81 2.08 -6.07
N ALA D 178 -16.47 1.13 -6.95
CA ALA D 178 -15.41 1.32 -7.92
C ALA D 178 -15.85 2.11 -9.14
N GLY D 179 -17.11 2.54 -9.19
CA GLY D 179 -17.59 3.36 -10.28
C GLY D 179 -18.25 2.62 -11.41
N ASN D 180 -18.54 1.33 -11.25
CA ASN D 180 -19.23 0.55 -12.27
C ASN D 180 -20.72 0.56 -12.05
N ALA D 181 -21.45 0.17 -13.09
CA ALA D 181 -22.83 -0.29 -12.97
C ALA D 181 -22.84 -1.80 -12.91
N MET D 182 -23.74 -2.37 -12.12
CA MET D 182 -23.88 -3.81 -12.04
C MET D 182 -25.27 -4.22 -12.51
N ILE D 183 -25.33 -5.27 -13.33
CA ILE D 183 -26.57 -5.98 -13.63
C ILE D 183 -26.56 -7.25 -12.81
N PHE D 184 -27.52 -7.39 -11.90
CA PHE D 184 -27.55 -8.53 -10.99
C PHE D 184 -28.67 -9.47 -11.40
N LYS D 185 -28.34 -10.76 -11.51
CA LYS D 185 -29.30 -11.80 -11.81
C LYS D 185 -29.43 -12.66 -10.57
N PRO D 186 -30.50 -12.50 -9.78
CA PRO D 186 -30.68 -13.37 -8.62
C PRO D 186 -31.03 -14.79 -9.03
N SER D 187 -30.85 -15.72 -8.10
CA SER D 187 -31.27 -17.09 -8.31
C SER D 187 -32.79 -17.15 -8.49
N GLU D 188 -33.22 -18.01 -9.41
CA GLU D 188 -34.66 -18.18 -9.63
C GLU D 188 -35.36 -18.68 -8.37
N VAL D 189 -34.64 -19.38 -7.50
CA VAL D 189 -35.23 -19.85 -6.25
C VAL D 189 -35.61 -18.67 -5.36
N THR D 190 -34.82 -17.60 -5.37
CA THR D 190 -34.94 -16.52 -4.37
C THR D 190 -34.68 -15.17 -5.02
N PRO D 191 -35.60 -14.71 -5.87
CA PRO D 191 -35.39 -13.45 -6.61
C PRO D 191 -35.90 -12.19 -5.94
N LEU D 192 -36.62 -12.30 -4.83
CA LEU D 192 -37.47 -11.19 -4.38
C LEU D 192 -36.69 -10.07 -3.71
N THR D 193 -35.72 -10.41 -2.85
CA THR D 193 -35.05 -9.34 -2.10
C THR D 193 -34.15 -8.50 -3.01
N ALA D 194 -33.66 -9.08 -4.11
CA ALA D 194 -32.83 -8.30 -5.02
C ALA D 194 -33.60 -7.13 -5.60
N LEU D 195 -34.91 -7.30 -5.82
CA LEU D 195 -35.72 -6.24 -6.39
C LEU D 195 -36.01 -5.14 -5.39
N LYS D 196 -36.18 -5.49 -4.10
CA LYS D 196 -36.27 -4.47 -3.06
C LYS D 196 -34.99 -3.64 -2.98
N LEU D 197 -33.84 -4.31 -3.09
CA LEU D 197 -32.56 -3.60 -3.00
C LEU D 197 -32.45 -2.57 -4.12
N ALA D 198 -32.86 -2.95 -5.33
CA ALA D 198 -32.81 -2.01 -6.46
C ALA D 198 -33.63 -0.76 -6.14
N GLU D 199 -34.80 -0.95 -5.54
CA GLU D 199 -35.63 0.18 -5.11
C GLU D 199 -34.91 1.03 -4.06
N ILE D 200 -34.24 0.37 -3.10
CA ILE D 200 -33.55 1.09 -2.04
C ILE D 200 -32.42 1.92 -2.61
N TYR D 201 -31.66 1.36 -3.57
CA TYR D 201 -30.59 2.12 -4.19
C TYR D 201 -31.11 3.37 -4.86
N ARG D 202 -32.22 3.25 -5.61
CA ARG D 202 -32.78 4.42 -6.27
C ARG D 202 -33.23 5.47 -5.26
N GLU D 203 -33.90 5.04 -4.19
CA GLU D 203 -34.31 5.98 -3.15
C GLU D 203 -33.11 6.69 -2.56
N ALA D 204 -31.98 5.98 -2.46
CA ALA D 204 -30.78 6.60 -1.90
C ALA D 204 -30.12 7.59 -2.86
N GLY D 205 -30.54 7.62 -4.12
CA GLY D 205 -29.96 8.53 -5.08
C GLY D 205 -29.03 7.90 -6.09
N LEU D 206 -28.93 6.59 -6.11
CA LEU D 206 -28.12 5.93 -7.13
C LEU D 206 -28.66 6.30 -8.50
N PRO D 207 -27.82 6.73 -9.43
CA PRO D 207 -28.34 7.09 -10.77
C PRO D 207 -29.01 5.89 -11.44
N ASP D 208 -30.04 6.20 -12.23
CA ASP D 208 -30.77 5.16 -12.94
C ASP D 208 -29.83 4.38 -13.84
N GLY D 209 -30.01 3.05 -13.85
CA GLY D 209 -29.17 2.17 -14.63
C GLY D 209 -27.96 1.61 -13.92
N VAL D 210 -27.58 2.18 -12.77
CA VAL D 210 -26.33 1.75 -12.13
C VAL D 210 -26.52 0.39 -11.46
N PHE D 211 -27.72 0.06 -11.00
CA PHE D 211 -28.00 -1.27 -10.47
C PHE D 211 -29.34 -1.75 -11.04
N ASN D 212 -29.27 -2.59 -12.07
CA ASN D 212 -30.43 -3.20 -12.70
C ASN D 212 -30.54 -4.65 -12.26
N VAL D 213 -31.76 -5.12 -12.06
CA VAL D 213 -32.00 -6.48 -11.59
C VAL D 213 -32.84 -7.20 -12.63
N LEU D 214 -32.35 -8.36 -13.09
CA LEU D 214 -32.98 -9.15 -14.14
C LEU D 214 -33.19 -10.55 -13.61
N PRO D 215 -34.31 -10.80 -12.92
CA PRO D 215 -34.64 -12.18 -12.53
C PRO D 215 -34.80 -13.08 -13.75
N GLY D 216 -34.54 -14.37 -13.55
CA GLY D 216 -34.73 -15.32 -14.62
C GLY D 216 -34.14 -16.68 -14.25
N ILE D 217 -34.01 -17.51 -15.28
CA ILE D 217 -33.41 -18.84 -15.16
C ILE D 217 -31.96 -18.74 -15.60
N GLY D 218 -31.10 -19.51 -14.93
CA GLY D 218 -29.69 -19.47 -15.26
C GLY D 218 -29.39 -19.97 -16.66
N ALA D 219 -30.13 -20.98 -17.11
CA ALA D 219 -29.94 -21.49 -18.46
C ALA D 219 -30.20 -20.43 -19.52
N GLU D 220 -31.12 -19.50 -19.25
CA GLU D 220 -31.40 -18.44 -20.21
C GLU D 220 -30.79 -17.11 -19.77
N THR D 221 -31.31 -16.54 -18.67
CA THR D 221 -30.95 -15.17 -18.32
C THR D 221 -29.46 -15.09 -17.99
N GLY D 222 -28.96 -16.05 -17.20
CA GLY D 222 -27.54 -16.05 -16.87
C GLY D 222 -26.66 -16.16 -18.10
N GLN D 223 -27.01 -17.05 -19.03
CA GLN D 223 -26.23 -17.18 -20.25
C GLN D 223 -26.21 -15.91 -21.06
N TYR D 224 -27.34 -15.20 -21.15
CA TYR D 224 -27.38 -14.00 -21.95
C TYR D 224 -26.48 -12.92 -21.37
N LEU D 225 -26.31 -12.90 -20.05
CA LEU D 225 -25.37 -11.97 -19.44
C LEU D 225 -23.93 -12.36 -19.74
N THR D 226 -23.61 -13.64 -19.58
CA THR D 226 -22.24 -14.09 -19.81
C THR D 226 -21.82 -13.94 -21.27
N GLU D 227 -22.76 -13.92 -22.21
CA GLU D 227 -22.45 -13.82 -23.63
C GLU D 227 -22.43 -12.40 -24.15
N HIS D 228 -22.91 -11.43 -23.39
CA HIS D 228 -23.07 -10.09 -23.93
C HIS D 228 -21.69 -9.44 -24.10
N PRO D 229 -21.40 -8.86 -25.26
CA PRO D 229 -20.03 -8.37 -25.51
C PRO D 229 -19.66 -7.14 -24.72
N ASP D 230 -20.61 -6.41 -24.15
CA ASP D 230 -20.35 -5.15 -23.47
C ASP D 230 -20.31 -5.26 -21.96
N ILE D 231 -20.29 -6.48 -21.42
CA ILE D 231 -20.12 -6.73 -19.99
C ILE D 231 -18.65 -7.07 -19.78
N ALA D 232 -17.99 -6.37 -18.87
CA ALA D 232 -16.56 -6.50 -18.75
C ALA D 232 -16.11 -7.54 -17.75
N LYS D 233 -16.95 -7.91 -16.83
CA LYS D 233 -16.62 -8.85 -15.76
C LYS D 233 -17.87 -9.53 -15.21
N ILE D 234 -17.71 -10.82 -14.86
CA ILE D 234 -18.76 -11.60 -14.26
C ILE D 234 -18.31 -12.03 -12.88
N SER D 235 -19.17 -11.82 -11.89
CA SER D 235 -18.94 -12.35 -10.55
C SER D 235 -20.05 -13.35 -10.25
N PHE D 236 -19.68 -14.60 -10.00
CA PHE D 236 -20.63 -15.69 -9.86
C PHE D 236 -20.46 -16.41 -8.53
N THR D 237 -21.58 -16.70 -7.88
CA THR D 237 -21.62 -17.53 -6.68
C THR D 237 -22.65 -18.62 -6.90
N GLY D 238 -22.25 -19.87 -6.69
CA GLY D 238 -23.16 -20.98 -6.93
C GLY D 238 -22.43 -22.31 -6.84
N GLY D 239 -23.01 -23.32 -7.49
CA GLY D 239 -22.43 -24.64 -7.48
C GLY D 239 -21.40 -24.82 -8.58
N VAL D 240 -20.52 -25.80 -8.37
CA VAL D 240 -19.41 -26.02 -9.29
C VAL D 240 -19.90 -26.25 -10.71
N ALA D 241 -20.93 -27.08 -10.87
CA ALA D 241 -21.41 -27.39 -12.21
C ALA D 241 -21.89 -26.14 -12.93
N SER D 242 -22.74 -25.35 -12.27
CA SER D 242 -23.22 -24.13 -12.90
C SER D 242 -22.07 -23.17 -13.18
N GLY D 243 -21.09 -23.10 -12.29
CA GLY D 243 -19.95 -22.22 -12.51
C GLY D 243 -19.17 -22.59 -13.76
N LYS D 244 -18.96 -23.90 -13.98
CA LYS D 244 -18.22 -24.32 -15.16
C LYS D 244 -18.97 -23.94 -16.44
N LYS D 245 -20.30 -24.03 -16.41
CA LYS D 245 -21.08 -23.57 -17.56
C LYS D 245 -20.89 -22.08 -17.76
N VAL D 246 -20.90 -21.30 -16.66
CA VAL D 246 -20.72 -19.86 -16.80
C VAL D 246 -19.36 -19.59 -17.44
N MET D 247 -18.31 -20.25 -16.95
CA MET D 247 -16.97 -19.97 -17.46
C MET D 247 -16.84 -20.38 -18.93
N ALA D 248 -17.47 -21.48 -19.31
CA ALA D 248 -17.43 -21.91 -20.71
C ALA D 248 -18.09 -20.86 -21.60
N ASN D 249 -19.32 -20.46 -21.26
CA ASN D 249 -20.04 -19.50 -22.09
C ASN D 249 -19.33 -18.15 -22.14
N SER D 250 -18.69 -17.76 -21.02
CA SER D 250 -17.91 -16.53 -21.01
C SER D 250 -16.62 -16.68 -21.82
N ALA D 251 -16.02 -17.87 -21.81
CA ALA D 251 -14.90 -18.14 -22.69
C ALA D 251 -15.30 -18.04 -24.15
N ALA D 252 -16.37 -18.74 -24.54
CA ALA D 252 -16.74 -18.78 -25.94
C ALA D 252 -17.13 -17.39 -26.44
N SER D 253 -17.53 -16.51 -25.53
CA SER D 253 -17.97 -15.16 -25.82
C SER D 253 -16.85 -14.16 -25.56
N SER D 254 -17.23 -12.88 -25.53
CA SER D 254 -16.32 -11.78 -25.26
C SER D 254 -15.44 -12.04 -24.04
N LEU D 255 -14.21 -11.52 -24.10
CA LEU D 255 -13.19 -11.84 -23.12
C LEU D 255 -13.46 -11.08 -21.83
N LYS D 256 -14.06 -11.77 -20.87
CA LYS D 256 -14.45 -11.17 -19.60
C LYS D 256 -13.53 -11.67 -18.48
N GLU D 257 -13.22 -10.80 -17.53
CA GLU D 257 -12.73 -11.22 -16.23
C GLU D 257 -13.86 -11.93 -15.51
N VAL D 258 -13.61 -13.14 -15.03
CA VAL D 258 -14.58 -13.90 -14.26
C VAL D 258 -14.10 -14.03 -12.83
N THR D 259 -15.04 -13.94 -11.88
CA THR D 259 -14.81 -14.27 -10.48
C THR D 259 -15.85 -15.27 -10.02
N MET D 260 -15.42 -16.27 -9.25
CA MET D 260 -16.30 -17.36 -8.83
C MET D 260 -16.12 -17.68 -7.35
N GLU D 261 -17.24 -17.86 -6.66
CA GLU D 261 -17.28 -18.32 -5.27
C GLU D 261 -18.13 -19.59 -5.27
N LEU D 262 -17.47 -20.75 -5.26
CA LEU D 262 -18.15 -22.03 -5.38
C LEU D 262 -18.24 -22.72 -4.02
N GLY D 263 -18.64 -23.98 -4.04
CA GLY D 263 -18.80 -24.75 -2.82
C GLY D 263 -17.49 -25.24 -2.26
N GLY D 264 -17.59 -26.02 -1.19
CA GLY D 264 -16.42 -26.65 -0.58
C GLY D 264 -16.81 -27.86 0.23
N LYS D 265 -15.78 -28.56 0.71
CA LYS D 265 -15.92 -29.62 1.71
C LYS D 265 -14.90 -29.27 2.80
N SER D 266 -15.20 -28.20 3.52
CA SER D 266 -14.25 -27.60 4.43
C SER D 266 -13.98 -28.52 5.63
N PRO D 267 -12.73 -28.68 6.03
CA PRO D 267 -12.45 -29.49 7.23
C PRO D 267 -12.43 -28.66 8.50
N LEU D 268 -12.99 -29.24 9.56
CA LEU D 268 -12.90 -28.68 10.91
C LEU D 268 -12.04 -29.66 11.71
N ILE D 269 -10.85 -29.23 12.10
CA ILE D 269 -9.89 -30.11 12.76
C ILE D 269 -9.93 -29.84 14.26
N ILE D 270 -10.29 -30.85 15.04
N ILE D 270 -10.29 -30.85 15.04
CA ILE D 270 -10.32 -30.75 16.49
CA ILE D 270 -10.32 -30.77 16.49
C ILE D 270 -9.02 -31.37 17.01
C ILE D 270 -9.02 -31.38 17.00
N ALA D 271 -8.23 -30.58 17.73
CA ALA D 271 -6.93 -31.02 18.22
C ALA D 271 -7.08 -31.81 19.51
N GLU D 272 -5.97 -32.43 19.95
CA GLU D 272 -5.98 -33.30 21.15
C GLU D 272 -6.08 -32.49 22.45
N ASP D 273 -5.73 -31.22 22.43
CA ASP D 273 -5.87 -30.36 23.59
C ASP D 273 -7.11 -29.49 23.52
N ALA D 274 -8.02 -29.77 22.60
CA ALA D 274 -9.21 -28.95 22.45
C ALA D 274 -10.24 -29.29 23.53
N ASN D 275 -10.91 -28.27 24.04
CA ASN D 275 -12.11 -28.49 24.82
C ASN D 275 -13.23 -28.96 23.91
N LEU D 276 -13.87 -30.08 24.27
CA LEU D 276 -14.84 -30.66 23.36
C LEU D 276 -16.18 -29.92 23.42
N ASP D 277 -16.44 -29.18 24.49
CA ASP D 277 -17.59 -28.29 24.49
C ASP D 277 -17.41 -27.18 23.48
N LEU D 278 -16.23 -26.56 23.42
CA LEU D 278 -15.97 -25.55 22.39
C LEU D 278 -16.03 -26.17 21.00
N ALA D 279 -15.37 -27.32 20.81
CA ALA D 279 -15.35 -27.97 19.51
C ALA D 279 -16.75 -28.35 19.03
N ALA D 280 -17.59 -28.87 19.92
CA ALA D 280 -18.94 -29.25 19.53
C ALA D 280 -19.76 -28.02 19.13
N ASP D 281 -19.62 -26.92 19.86
CA ASP D 281 -20.32 -25.71 19.49
C ASP D 281 -19.87 -25.23 18.12
N ILE D 282 -18.55 -25.23 17.88
CA ILE D 282 -18.04 -24.81 16.58
C ILE D 282 -18.56 -25.73 15.49
N ALA D 283 -18.57 -27.04 15.76
CA ALA D 283 -19.04 -27.99 14.75
C ALA D 283 -20.53 -27.80 14.47
N MET D 284 -21.32 -27.49 15.50
CA MET D 284 -22.74 -27.23 15.29
C MET D 284 -22.96 -26.02 14.39
N MET D 285 -22.26 -24.92 14.67
CA MET D 285 -22.44 -23.73 13.85
C MET D 285 -21.85 -23.91 12.45
N ALA D 286 -20.85 -24.78 12.33
CA ALA D 286 -20.22 -25.02 11.03
C ALA D 286 -21.01 -25.98 10.16
N ASN D 287 -22.09 -26.57 10.68
CA ASN D 287 -22.80 -27.60 9.94
C ASN D 287 -24.30 -27.35 9.81
N PHE D 288 -24.90 -26.73 10.83
CA PHE D 288 -26.35 -26.70 10.93
C PHE D 288 -26.94 -25.29 10.87
N TYR D 289 -26.11 -24.25 10.77
CA TYR D 289 -26.63 -22.92 10.52
C TYR D 289 -27.24 -22.86 9.13
N SER D 290 -28.34 -22.12 8.99
CA SER D 290 -29.06 -22.03 7.72
C SER D 290 -29.39 -23.43 7.20
N SER D 291 -29.67 -24.35 8.12
CA SER D 291 -29.98 -25.74 7.79
C SER D 291 -28.86 -26.38 6.97
N GLY D 292 -27.62 -25.98 7.22
CA GLY D 292 -26.46 -26.55 6.57
C GLY D 292 -26.26 -26.15 5.12
N GLN D 293 -27.03 -25.19 4.61
CA GLN D 293 -26.89 -24.73 3.23
C GLN D 293 -25.97 -23.50 3.17
N VAL D 294 -24.70 -23.74 3.48
CA VAL D 294 -23.70 -22.66 3.52
C VAL D 294 -22.40 -23.20 2.95
N CYS D 295 -21.83 -22.46 2.00
CA CYS D 295 -20.66 -22.96 1.27
C CYS D 295 -19.46 -23.16 2.17
N THR D 296 -19.33 -22.37 3.22
CA THR D 296 -18.17 -22.44 4.10
C THR D 296 -18.34 -23.45 5.22
N ASN D 297 -19.44 -24.19 5.25
CA ASN D 297 -19.70 -25.08 6.37
C ASN D 297 -18.61 -26.14 6.48
N GLY D 298 -18.24 -26.43 7.73
CA GLY D 298 -17.22 -27.43 8.04
C GLY D 298 -17.86 -28.79 8.10
N THR D 299 -18.21 -29.33 6.93
CA THR D 299 -18.98 -30.56 6.85
C THR D 299 -18.15 -31.79 7.21
N ARG D 300 -16.83 -31.69 7.13
CA ARG D 300 -15.95 -32.75 7.60
C ARG D 300 -15.37 -32.34 8.95
N VAL D 301 -15.84 -32.97 10.01
CA VAL D 301 -15.39 -32.67 11.37
C VAL D 301 -14.43 -33.79 11.74
N PHE D 302 -13.15 -33.47 11.83
CA PHE D 302 -12.11 -34.44 12.14
C PHE D 302 -11.93 -34.42 13.65
N VAL D 303 -12.13 -35.56 14.30
CA VAL D 303 -12.04 -35.61 15.76
C VAL D 303 -11.06 -36.71 16.15
N PRO D 304 -10.23 -36.48 17.18
CA PRO D 304 -9.34 -37.56 17.64
C PRO D 304 -10.13 -38.78 18.09
N ALA D 305 -9.61 -39.96 17.74
CA ALA D 305 -10.28 -41.19 18.12
C ALA D 305 -10.46 -41.23 19.64
N LYS D 306 -9.45 -40.77 20.39
CA LYS D 306 -9.48 -40.84 21.84
C LYS D 306 -10.61 -40.01 22.43
N PHE D 307 -11.27 -39.18 21.62
CA PHE D 307 -12.29 -38.27 22.10
C PHE D 307 -13.59 -38.43 21.34
N LYS D 308 -13.60 -39.22 20.26
CA LYS D 308 -14.78 -39.33 19.41
C LYS D 308 -16.03 -39.59 20.23
N ALA D 309 -15.96 -40.55 21.15
CA ALA D 309 -17.15 -40.94 21.89
C ALA D 309 -17.67 -39.78 22.73
N GLU D 310 -16.76 -39.06 23.38
CA GLU D 310 -17.16 -37.91 24.18
C GLU D 310 -17.74 -36.81 23.30
N PHE D 311 -17.07 -36.52 22.18
CA PHE D 311 -17.58 -35.53 21.24
C PHE D 311 -18.94 -35.94 20.69
N GLU D 312 -19.11 -37.22 20.37
CA GLU D 312 -20.40 -37.72 19.91
C GLU D 312 -21.50 -37.47 20.93
N HIS D 313 -21.26 -37.89 22.19
CA HIS D 313 -22.21 -37.54 23.24
C HIS D 313 -22.48 -36.06 23.19
N LYS D 314 -21.41 -35.27 23.15
CA LYS D 314 -21.55 -33.82 23.14
C LYS D 314 -22.30 -33.33 21.91
N ILE D 315 -22.09 -33.97 20.76
CA ILE D 315 -22.88 -33.58 19.59
C ILE D 315 -24.37 -33.88 19.81
N LEU D 316 -24.69 -35.04 20.38
CA LEU D 316 -26.10 -35.40 20.58
C LEU D 316 -26.78 -34.44 21.53
N GLU D 317 -26.08 -34.02 22.58
CA GLU D 317 -26.62 -33.02 23.49
C GLU D 317 -26.94 -31.71 22.72
N ARG D 318 -26.02 -31.29 21.86
CA ARG D 318 -26.22 -30.00 21.17
C ARG D 318 -27.38 -30.14 20.18
N VAL D 319 -27.37 -31.21 19.39
CA VAL D 319 -28.39 -31.44 18.38
C VAL D 319 -29.77 -31.49 19.03
N GLY D 320 -29.84 -31.93 20.29
CA GLY D 320 -31.13 -31.98 20.97
C GLY D 320 -31.73 -30.64 21.29
N ARG D 321 -30.91 -29.59 21.40
CA ARG D 321 -31.49 -28.28 21.65
C ARG D 321 -32.03 -27.62 20.39
N ILE D 322 -31.80 -28.20 19.20
CA ILE D 322 -32.23 -27.53 17.98
C ILE D 322 -33.74 -27.42 17.99
N ARG D 323 -34.24 -26.22 17.66
CA ARG D 323 -35.64 -25.88 17.80
C ARG D 323 -36.13 -25.55 16.39
N ALA D 324 -36.72 -26.54 15.74
CA ALA D 324 -37.41 -26.33 14.49
C ALA D 324 -38.84 -25.88 14.76
N GLY D 325 -39.37 -25.07 13.86
CA GLY D 325 -40.75 -24.63 14.03
C GLY D 325 -41.10 -23.45 13.14
N ASP D 326 -42.12 -22.70 13.60
CA ASP D 326 -42.59 -21.51 12.89
C ASP D 326 -41.40 -20.58 12.63
N LEU D 327 -41.15 -20.25 11.36
CA LEU D 327 -39.94 -19.52 10.99
C LEU D 327 -39.94 -18.08 11.49
N PHE D 328 -41.08 -17.56 11.91
CA PHE D 328 -41.20 -16.23 12.48
C PHE D 328 -41.15 -16.26 14.01
N ALA D 329 -41.05 -17.45 14.60
CA ALA D 329 -40.92 -17.56 16.05
C ALA D 329 -39.51 -17.21 16.52
N ASP D 330 -39.43 -16.59 17.69
CA ASP D 330 -38.16 -16.09 18.20
C ASP D 330 -37.19 -17.22 18.54
N ASP D 331 -37.68 -18.32 19.08
CA ASP D 331 -36.82 -19.41 19.53
C ASP D 331 -36.46 -20.38 18.42
N THR D 332 -37.11 -20.31 17.27
CA THR D 332 -36.75 -21.17 16.15
C THR D 332 -35.33 -20.88 15.68
N ASN D 333 -34.53 -21.93 15.52
CA ASN D 333 -33.16 -21.78 15.03
C ASN D 333 -32.83 -22.78 13.92
N PHE D 334 -33.82 -23.45 13.37
CA PHE D 334 -33.61 -24.40 12.27
C PHE D 334 -34.78 -24.25 11.32
N GLY D 335 -34.50 -24.18 10.03
CA GLY D 335 -35.53 -23.99 9.04
C GLY D 335 -35.55 -25.09 8.00
N PRO D 336 -36.53 -25.06 7.11
CA PRO D 336 -36.54 -26.00 5.98
C PRO D 336 -35.48 -25.64 4.96
N LEU D 337 -35.22 -26.57 4.06
CA LEU D 337 -34.34 -26.30 2.94
C LEU D 337 -35.04 -25.40 1.93
N VAL D 338 -34.24 -24.86 0.99
CA VAL D 338 -34.72 -23.79 0.12
C VAL D 338 -35.82 -24.26 -0.82
N SER D 339 -35.94 -25.56 -1.03
CA SER D 339 -36.92 -26.09 -1.97
C SER D 339 -37.05 -27.58 -1.73
N PHE D 340 -38.20 -28.13 -2.10
CA PHE D 340 -38.45 -29.56 -1.98
C PHE D 340 -37.56 -30.35 -2.93
N PRO D 341 -37.35 -29.88 -4.17
CA PRO D 341 -36.37 -30.56 -5.03
C PRO D 341 -34.98 -30.64 -4.41
N HIS D 342 -34.55 -29.58 -3.72
CA HIS D 342 -33.25 -29.60 -3.05
C HIS D 342 -33.23 -30.62 -1.94
N ARG D 343 -34.33 -30.71 -1.18
CA ARG D 343 -34.45 -31.73 -0.14
C ARG D 343 -34.17 -33.13 -0.65
N GLN D 344 -34.65 -33.46 -1.86
CA GLN D 344 -34.39 -34.81 -2.36
C GLN D 344 -32.89 -35.08 -2.51
N ASN D 345 -32.13 -34.11 -3.00
CA ASN D 345 -30.68 -34.30 -3.11
C ASN D 345 -30.04 -34.49 -1.74
N VAL D 346 -30.51 -33.76 -0.73
CA VAL D 346 -29.92 -33.92 0.59
C VAL D 346 -30.25 -35.31 1.13
N LEU D 347 -31.49 -35.76 0.90
CA LEU D 347 -31.89 -37.10 1.34
C LEU D 347 -31.15 -38.18 0.55
N ARG D 348 -30.82 -37.89 -0.71
CA ARG D 348 -30.09 -38.86 -1.52
C ARG D 348 -28.69 -39.10 -0.97
N TYR D 349 -28.05 -38.04 -0.49
CA TYR D 349 -26.75 -38.17 0.17
C TYR D 349 -26.88 -38.89 1.50
N ILE D 350 -27.94 -38.61 2.26
CA ILE D 350 -28.11 -39.26 3.55
C ILE D 350 -28.26 -40.76 3.38
N GLU D 351 -28.96 -41.19 2.33
CA GLU D 351 -29.14 -42.62 2.09
C GLU D 351 -27.82 -43.28 1.70
N SER D 352 -26.95 -42.55 1.01
CA SER D 352 -25.66 -43.07 0.61
C SER D 352 -24.73 -43.34 1.79
N GLY D 353 -24.86 -42.58 2.89
CA GLY D 353 -24.05 -42.87 4.05
C GLY D 353 -24.38 -44.22 4.67
N LYS D 354 -25.67 -44.55 4.76
CA LYS D 354 -26.10 -45.87 5.20
C LYS D 354 -25.58 -46.95 4.27
N SER D 355 -25.70 -46.70 2.95
CA SER D 355 -25.35 -47.72 1.98
C SER D 355 -23.83 -47.93 2.00
N GLU D 356 -23.09 -46.87 2.32
CA GLU D 356 -21.64 -46.88 2.38
C GLU D 356 -21.12 -47.25 3.77
N GLY D 357 -22.01 -47.53 4.73
CA GLY D 357 -21.63 -48.07 6.02
C GLY D 357 -21.48 -47.11 7.19
N ALA D 358 -21.67 -45.81 6.97
CA ALA D 358 -21.62 -44.85 8.08
C ALA D 358 -22.70 -45.08 9.12
N ARG D 359 -22.34 -44.80 10.38
CA ARG D 359 -23.24 -44.96 11.53
C ARG D 359 -24.04 -43.67 11.69
N LEU D 360 -25.37 -43.78 11.66
CA LEU D 360 -26.24 -42.62 11.80
C LEU D 360 -26.42 -42.27 13.27
N LEU D 361 -25.78 -41.19 13.71
CA LEU D 361 -25.90 -40.78 15.11
C LEU D 361 -27.21 -40.02 15.36
N CYS D 362 -27.77 -39.35 14.35
CA CYS D 362 -29.07 -38.71 14.53
C CYS D 362 -29.58 -38.19 13.19
N GLY D 363 -30.87 -37.84 13.17
CA GLY D 363 -31.50 -37.29 11.99
C GLY D 363 -31.65 -38.32 10.88
N GLY D 364 -31.52 -37.85 9.65
CA GLY D 364 -31.51 -38.70 8.47
C GLY D 364 -32.84 -38.91 7.78
N ASP D 365 -33.91 -38.25 8.24
CA ASP D 365 -35.21 -38.37 7.61
C ASP D 365 -35.83 -36.98 7.52
N VAL D 366 -36.94 -36.87 6.78
CA VAL D 366 -37.69 -35.62 6.83
C VAL D 366 -38.40 -35.51 8.18
N LEU D 367 -38.79 -34.29 8.52
CA LEU D 367 -39.59 -34.04 9.72
C LEU D 367 -41.09 -34.06 9.41
N LYS D 368 -41.86 -34.54 10.38
CA LYS D 368 -43.29 -34.77 10.22
C LYS D 368 -44.04 -34.17 11.40
N GLY D 369 -45.35 -33.98 11.19
CA GLY D 369 -46.26 -33.50 12.20
C GLY D 369 -46.80 -32.13 11.86
N GLU D 370 -47.58 -31.58 12.79
CA GLU D 370 -48.21 -30.28 12.55
C GLU D 370 -47.14 -29.21 12.34
N GLY D 371 -47.21 -28.54 11.19
CA GLY D 371 -46.29 -27.47 10.87
C GLY D 371 -45.05 -27.89 10.12
N PHE D 372 -44.79 -29.19 10.01
CA PHE D 372 -43.62 -29.69 9.30
C PHE D 372 -43.96 -30.50 8.05
N ASP D 373 -45.14 -31.11 7.97
CA ASP D 373 -45.49 -31.92 6.81
C ASP D 373 -45.57 -31.09 5.54
N ASN D 374 -45.86 -29.80 5.66
CA ASN D 374 -46.00 -28.92 4.51
C ASN D 374 -44.72 -28.18 4.16
N GLY D 375 -43.65 -28.36 4.94
CA GLY D 375 -42.39 -27.70 4.68
C GLY D 375 -41.35 -28.67 4.14
N ALA D 376 -40.27 -28.09 3.62
CA ALA D 376 -39.17 -28.86 3.04
C ALA D 376 -38.10 -29.15 4.08
N TRP D 377 -38.54 -29.77 5.18
CA TRP D 377 -37.67 -30.00 6.32
C TRP D 377 -36.83 -31.27 6.12
N VAL D 378 -35.56 -31.20 6.50
CA VAL D 378 -34.70 -32.37 6.66
C VAL D 378 -34.12 -32.30 8.06
N ALA D 379 -34.16 -33.43 8.77
CA ALA D 379 -33.64 -33.44 10.12
C ALA D 379 -32.14 -33.20 10.15
N PRO D 380 -31.64 -32.52 11.19
CA PRO D 380 -30.19 -32.40 11.36
C PRO D 380 -29.54 -33.77 11.46
N THR D 381 -28.53 -34.01 10.64
CA THR D 381 -27.97 -35.34 10.46
C THR D 381 -26.48 -35.33 10.78
N VAL D 382 -26.04 -36.34 11.52
CA VAL D 382 -24.63 -36.53 11.84
C VAL D 382 -24.29 -37.98 11.53
N PHE D 383 -23.24 -38.18 10.74
CA PHE D 383 -22.66 -39.49 10.54
C PHE D 383 -21.32 -39.56 11.26
N THR D 384 -21.01 -40.74 11.79
CA THR D 384 -19.70 -41.01 12.39
C THR D 384 -19.25 -42.35 11.83
N ASP D 385 -18.07 -42.80 12.24
CA ASP D 385 -17.46 -43.96 11.61
C ASP D 385 -17.31 -43.72 10.12
N CYS D 386 -17.09 -42.46 9.75
CA CYS D 386 -17.02 -42.06 8.36
C CYS D 386 -15.62 -42.32 7.84
N THR D 387 -15.53 -42.63 6.54
CA THR D 387 -14.25 -42.87 5.91
C THR D 387 -14.04 -41.94 4.74
N ASP D 388 -12.77 -41.74 4.37
CA ASP D 388 -12.41 -40.71 3.41
C ASP D 388 -12.95 -41.01 2.02
N ASP D 389 -13.45 -42.22 1.81
CA ASP D 389 -13.92 -42.66 0.50
C ASP D 389 -15.42 -42.51 0.30
N MET D 390 -16.19 -42.41 1.37
CA MET D 390 -17.63 -42.28 1.22
C MET D 390 -17.98 -41.03 0.43
N THR D 391 -19.06 -41.12 -0.35
CA THR D 391 -19.50 -39.99 -1.16
C THR D 391 -19.81 -38.80 -0.26
N ILE D 392 -20.47 -39.04 0.87
CA ILE D 392 -20.89 -37.97 1.75
C ILE D 392 -19.71 -37.21 2.34
N VAL D 393 -18.51 -37.79 2.26
CA VAL D 393 -17.32 -37.19 2.85
C VAL D 393 -16.55 -36.42 1.75
N ARG D 394 -16.69 -36.81 0.49
CA ARG D 394 -15.98 -36.25 -0.61
C ARG D 394 -16.71 -35.14 -1.36
N GLU D 395 -18.04 -35.15 -1.30
CA GLU D 395 -18.83 -34.24 -2.14
C GLU D 395 -19.68 -33.31 -1.27
N GLU D 396 -19.92 -32.11 -1.78
CA GLU D 396 -20.71 -31.12 -1.06
C GLU D 396 -22.18 -31.51 -1.12
N ILE D 397 -22.80 -31.64 0.05
CA ILE D 397 -24.21 -32.00 0.16
C ILE D 397 -25.06 -30.73 0.19
N PHE D 398 -24.56 -29.70 0.86
CA PHE D 398 -25.28 -28.43 1.02
C PHE D 398 -26.57 -28.63 1.79
N GLY D 399 -26.51 -29.46 2.82
CA GLY D 399 -27.62 -29.69 3.71
C GLY D 399 -27.14 -29.97 5.11
N PRO D 400 -28.07 -30.19 6.04
CA PRO D 400 -27.67 -30.33 7.45
C PRO D 400 -27.15 -31.73 7.73
N VAL D 401 -25.95 -32.01 7.24
CA VAL D 401 -25.34 -33.33 7.34
C VAL D 401 -23.89 -33.18 7.77
N MET D 402 -23.61 -33.47 9.04
CA MET D 402 -22.25 -33.45 9.54
C MET D 402 -21.64 -34.83 9.39
N SER D 403 -20.40 -34.86 8.92
CA SER D 403 -19.62 -36.09 8.84
C SER D 403 -18.51 -36.01 9.86
N ILE D 404 -18.45 -36.97 10.77
CA ILE D 404 -17.40 -37.03 11.78
C ILE D 404 -16.40 -38.08 11.32
N LEU D 405 -15.12 -37.68 11.30
CA LEU D 405 -14.03 -38.52 10.85
C LEU D 405 -12.97 -38.56 11.93
N SER D 406 -12.40 -39.73 12.15
CA SER D 406 -11.40 -39.95 13.19
C SER D 406 -10.00 -39.89 12.59
N TYR D 407 -9.05 -39.46 13.41
CA TYR D 407 -7.67 -39.37 12.96
C TYR D 407 -6.74 -39.71 14.11
N ASP D 408 -5.49 -39.96 13.77
CA ASP D 408 -4.50 -40.44 14.75
C ASP D 408 -3.32 -39.50 14.92
N ASP D 409 -2.87 -38.83 13.86
CA ASP D 409 -1.72 -37.94 13.95
C ASP D 409 -1.95 -36.69 13.09
N GLU D 410 -1.20 -35.65 13.42
CA GLU D 410 -1.41 -34.33 12.83
C GLU D 410 -1.11 -34.32 11.33
N ALA D 411 -0.04 -34.99 10.90
CA ALA D 411 0.26 -35.01 9.47
C ALA D 411 -0.89 -35.64 8.68
N GLU D 412 -1.46 -36.72 9.21
CA GLU D 412 -2.57 -37.39 8.53
C GLU D 412 -3.74 -36.44 8.34
N VAL D 413 -4.14 -35.73 9.40
CA VAL D 413 -5.33 -34.90 9.30
C VAL D 413 -5.09 -33.76 8.31
N ILE D 414 -3.86 -33.24 8.26
CA ILE D 414 -3.54 -32.18 7.30
C ILE D 414 -3.65 -32.72 5.87
N ARG D 415 -3.00 -33.86 5.60
CA ARG D 415 -3.05 -34.41 4.24
C ARG D 415 -4.48 -34.78 3.87
N ARG D 416 -5.22 -35.40 4.80
CA ARG D 416 -6.62 -35.72 4.53
C ARG D 416 -7.44 -34.46 4.37
N ALA D 417 -7.19 -33.44 5.21
CA ALA D 417 -7.91 -32.18 5.05
C ALA D 417 -7.64 -31.59 3.68
N ASN D 418 -6.39 -31.68 3.23
CA ASN D 418 -5.96 -31.12 1.95
C ASN D 418 -6.26 -32.05 0.77
N ALA D 419 -6.62 -33.31 1.02
CA ALA D 419 -6.78 -34.31 -0.04
C ALA D 419 -8.17 -34.15 -0.66
N THR D 420 -8.34 -33.02 -1.37
CA THR D 420 -9.61 -32.66 -1.97
C THR D 420 -9.33 -31.68 -3.10
N GLU D 421 -10.26 -31.62 -4.05
CA GLU D 421 -10.16 -30.57 -5.06
C GLU D 421 -10.75 -29.25 -4.57
N TYR D 422 -11.61 -29.29 -3.55
CA TYR D 422 -12.15 -28.09 -2.93
C TYR D 422 -11.09 -27.38 -2.07
N GLY D 423 -11.31 -26.08 -1.87
CA GLY D 423 -10.36 -25.26 -1.15
C GLY D 423 -10.94 -24.05 -0.44
N LEU D 424 -12.20 -24.10 -0.02
CA LEU D 424 -12.88 -22.85 0.36
C LEU D 424 -12.52 -22.41 1.76
N ALA D 425 -12.86 -23.21 2.76
CA ALA D 425 -12.67 -22.83 4.15
C ALA D 425 -12.00 -23.97 4.91
N ALA D 426 -11.62 -23.66 6.14
CA ALA D 426 -10.98 -24.64 7.02
C ALA D 426 -10.93 -24.04 8.42
N GLY D 427 -10.76 -24.91 9.40
CA GLY D 427 -10.68 -24.44 10.77
C GLY D 427 -9.96 -25.43 11.64
N VAL D 428 -9.44 -24.92 12.76
CA VAL D 428 -8.74 -25.72 13.74
C VAL D 428 -9.21 -25.27 15.11
N VAL D 429 -9.39 -26.22 16.03
CA VAL D 429 -9.74 -25.94 17.41
C VAL D 429 -8.58 -26.39 18.28
N THR D 430 -7.86 -25.43 18.88
CA THR D 430 -6.76 -25.77 19.77
C THR D 430 -6.37 -24.56 20.60
N PRO D 431 -6.02 -24.75 21.87
CA PRO D 431 -5.49 -23.64 22.67
C PRO D 431 -3.99 -23.42 22.48
N ASP D 432 -3.32 -24.26 21.71
CA ASP D 432 -1.86 -24.19 21.59
C ASP D 432 -1.48 -23.21 20.49
N LEU D 433 -0.55 -22.30 20.82
CA LEU D 433 -0.14 -21.28 19.87
C LEU D 433 0.40 -21.89 18.58
N ASN D 434 1.36 -22.81 18.71
CA ASN D 434 2.06 -23.32 17.54
C ASN D 434 1.14 -24.16 16.67
N ARG D 435 0.28 -24.97 17.28
CA ARG D 435 -0.58 -25.87 16.52
C ARG D 435 -1.56 -25.09 15.65
N ALA D 436 -2.10 -23.99 16.16
CA ALA D 436 -3.09 -23.24 15.40
C ALA D 436 -2.46 -22.66 14.14
N HIS D 437 -1.38 -21.89 14.32
CA HIS D 437 -0.72 -21.28 13.17
C HIS D 437 -0.06 -22.34 12.29
N ARG D 438 0.60 -23.32 12.89
CA ARG D 438 1.30 -24.33 12.10
C ARG D 438 0.35 -25.12 11.22
N ILE D 439 -0.77 -25.59 11.79
CA ILE D 439 -1.74 -26.34 11.00
C ILE D 439 -2.37 -25.45 9.94
N ILE D 440 -2.78 -24.24 10.33
CA ILE D 440 -3.50 -23.39 9.39
C ILE D 440 -2.62 -23.02 8.22
N HIS D 441 -1.33 -22.78 8.47
CA HIS D 441 -0.45 -22.39 7.38
C HIS D 441 -0.27 -23.48 6.33
N GLN D 442 -0.50 -24.76 6.69
CA GLN D 442 -0.36 -25.85 5.73
C GLN D 442 -1.69 -26.28 5.09
N LEU D 443 -2.81 -25.74 5.53
CA LEU D 443 -4.09 -26.11 4.93
C LEU D 443 -4.29 -25.30 3.66
N GLU D 444 -4.84 -25.96 2.63
CA GLU D 444 -5.02 -25.33 1.32
C GLU D 444 -6.44 -24.79 1.25
N ALA D 445 -6.67 -23.66 1.90
CA ALA D 445 -7.97 -23.02 1.93
C ALA D 445 -7.79 -21.52 2.09
N GLY D 446 -8.73 -20.77 1.54
CA GLY D 446 -8.64 -19.32 1.56
C GLY D 446 -9.21 -18.66 2.81
N ILE D 447 -10.06 -19.39 3.53
CA ILE D 447 -10.77 -18.86 4.69
C ILE D 447 -10.51 -19.82 5.86
N CYS D 448 -9.73 -19.36 6.82
CA CYS D 448 -9.31 -20.20 7.94
C CYS D 448 -9.73 -19.56 9.26
N TRP D 449 -10.39 -20.35 10.09
CA TRP D 449 -10.85 -19.90 11.41
C TRP D 449 -10.13 -20.69 12.50
N ILE D 450 -9.61 -19.99 13.50
CA ILE D 450 -9.00 -20.61 14.67
C ILE D 450 -9.93 -20.41 15.85
N ASN D 451 -10.41 -21.52 16.42
CA ASN D 451 -11.28 -21.50 17.60
C ASN D 451 -12.57 -20.73 17.35
N SER D 452 -13.09 -20.83 16.13
CA SER D 452 -14.35 -20.20 15.78
CA SER D 452 -14.36 -20.21 15.78
C SER D 452 -14.77 -20.72 14.40
N TRP D 453 -15.87 -20.18 13.89
CA TRP D 453 -16.31 -20.52 12.55
C TRP D 453 -17.32 -19.47 12.08
N GLY D 454 -17.26 -19.16 10.78
CA GLY D 454 -18.33 -18.48 10.09
C GLY D 454 -18.24 -16.96 10.03
N GLU D 455 -17.46 -16.33 10.89
CA GLU D 455 -17.41 -14.87 10.88
C GLU D 455 -16.66 -14.40 9.64
N SER D 456 -17.24 -13.43 8.93
CA SER D 456 -16.74 -13.00 7.62
C SER D 456 -16.74 -11.48 7.57
N PRO D 457 -15.80 -10.83 8.27
CA PRO D 457 -15.81 -9.37 8.33
C PRO D 457 -15.64 -8.74 6.95
N ALA D 458 -16.25 -7.57 6.77
CA ALA D 458 -16.10 -6.86 5.51
C ALA D 458 -14.64 -6.64 5.13
N GLU D 459 -13.77 -6.50 6.14
CA GLU D 459 -12.36 -6.22 5.90
C GLU D 459 -11.59 -7.44 5.39
N MET D 460 -12.16 -8.62 5.49
CA MET D 460 -11.40 -9.87 5.32
C MET D 460 -11.65 -10.47 3.94
N PRO D 461 -10.65 -10.54 3.07
CA PRO D 461 -10.87 -11.19 1.78
C PRO D 461 -11.24 -12.65 1.96
N VAL D 462 -12.22 -13.10 1.16
CA VAL D 462 -12.74 -14.45 1.25
C VAL D 462 -12.89 -15.04 -0.14
N GLY D 463 -12.54 -16.30 -0.28
CA GLY D 463 -12.63 -17.01 -1.54
C GLY D 463 -11.83 -18.30 -1.43
N GLY D 464 -11.91 -19.08 -2.50
CA GLY D 464 -11.50 -20.47 -2.47
C GLY D 464 -10.14 -20.72 -3.10
N TYR D 465 -9.41 -21.68 -2.55
CA TYR D 465 -8.31 -22.32 -3.27
C TYR D 465 -8.85 -23.36 -4.27
N LYS D 466 -8.02 -23.67 -5.26
CA LYS D 466 -8.21 -24.83 -6.16
C LYS D 466 -9.59 -24.73 -6.80
N HIS D 467 -10.42 -25.77 -6.75
CA HIS D 467 -11.68 -25.79 -7.46
C HIS D 467 -12.80 -25.04 -6.73
N SER D 468 -12.53 -24.44 -5.58
CA SER D 468 -13.60 -23.81 -4.81
C SER D 468 -13.84 -22.36 -5.18
N GLY D 469 -13.01 -21.77 -6.04
CA GLY D 469 -13.31 -20.44 -6.53
C GLY D 469 -12.14 -19.83 -7.26
N ILE D 470 -12.44 -18.69 -7.89
CA ILE D 470 -11.44 -17.85 -8.53
CA ILE D 470 -11.45 -17.85 -8.55
C ILE D 470 -11.64 -16.43 -8.02
N GLY D 471 -10.57 -15.80 -7.56
CA GLY D 471 -10.65 -14.45 -7.03
C GLY D 471 -11.18 -14.40 -5.61
N ARG D 472 -11.51 -13.20 -5.18
CA ARG D 472 -11.85 -12.95 -3.78
C ARG D 472 -12.99 -11.94 -3.72
N GLU D 473 -13.69 -11.96 -2.57
CA GLU D 473 -14.68 -10.94 -2.23
C GLU D 473 -14.30 -10.31 -0.89
N ASN D 474 -14.81 -9.09 -0.68
CA ASN D 474 -14.53 -8.32 0.52
C ASN D 474 -13.07 -7.91 0.63
N GLY D 475 -12.75 -7.04 1.60
CA GLY D 475 -11.43 -6.47 1.72
C GLY D 475 -11.18 -5.39 0.68
N VAL D 476 -10.09 -4.64 0.90
CA VAL D 476 -9.73 -3.57 -0.02
CA VAL D 476 -9.75 -3.57 -0.02
C VAL D 476 -9.38 -4.12 -1.39
N MET D 477 -8.78 -5.31 -1.44
CA MET D 477 -8.35 -5.85 -2.74
C MET D 477 -9.54 -6.05 -3.67
N THR D 478 -10.71 -6.37 -3.14
CA THR D 478 -11.86 -6.58 -4.02
C THR D 478 -12.35 -5.29 -4.63
N LEU D 479 -12.25 -4.16 -3.90
CA LEU D 479 -12.53 -2.87 -4.52
C LEU D 479 -11.62 -2.63 -5.73
N GLN D 480 -10.33 -2.93 -5.60
CA GLN D 480 -9.42 -2.72 -6.73
C GLN D 480 -9.72 -3.65 -7.90
N SER D 481 -10.19 -4.87 -7.63
CA SER D 481 -10.43 -5.82 -8.69
C SER D 481 -11.65 -5.46 -9.53
N TYR D 482 -12.45 -4.51 -9.10
CA TYR D 482 -13.53 -3.96 -9.93
C TYR D 482 -13.08 -2.71 -10.64
N THR D 483 -11.79 -2.40 -10.62
CA THR D 483 -11.19 -1.39 -11.48
C THR D 483 -10.18 -2.04 -12.41
N GLN D 484 -9.80 -1.31 -13.46
CA GLN D 484 -8.74 -1.73 -14.36
C GLN D 484 -7.67 -0.65 -14.36
N VAL D 485 -6.41 -1.09 -14.42
CA VAL D 485 -5.30 -0.15 -14.36
C VAL D 485 -5.04 0.39 -15.77
N LYS D 486 -4.92 1.72 -15.87
CA LYS D 486 -4.41 2.37 -17.05
C LYS D 486 -3.08 3.01 -16.68
N SER D 487 -2.01 2.64 -17.40
CA SER D 487 -0.69 3.21 -17.20
C SER D 487 -0.44 4.29 -18.25
N ILE D 488 0.04 5.44 -17.79
CA ILE D 488 0.27 6.59 -18.65
C ILE D 488 1.71 7.06 -18.48
N GLN D 489 2.47 7.05 -19.56
CA GLN D 489 3.83 7.57 -19.56
C GLN D 489 3.85 8.95 -20.17
N VAL D 490 4.38 9.91 -19.43
CA VAL D 490 4.62 11.27 -19.88
C VAL D 490 6.09 11.39 -20.23
N GLU D 491 6.39 11.44 -21.53
CA GLU D 491 7.77 11.58 -22.00
C GLU D 491 8.02 13.05 -22.31
N MET D 492 8.84 13.68 -21.48
CA MET D 492 9.17 15.10 -21.65
C MET D 492 10.49 15.30 -22.34
N GLY D 493 11.26 14.24 -22.57
CA GLY D 493 12.48 14.32 -23.32
C GLY D 493 12.21 14.18 -24.80
N PRO D 494 13.25 14.39 -25.62
CA PRO D 494 13.08 14.22 -27.07
C PRO D 494 12.94 12.75 -27.44
N PHE D 495 11.95 12.43 -28.24
CA PHE D 495 11.73 11.05 -28.66
C PHE D 495 12.66 10.75 -29.82
N GLN D 496 13.34 9.61 -29.73
CA GLN D 496 14.32 9.18 -30.71
C GLN D 496 13.75 8.02 -31.51
N SER D 497 13.70 8.17 -32.83
CA SER D 497 13.34 7.10 -33.72
C SER D 497 14.63 6.53 -34.30
N ILE D 498 14.64 5.21 -34.52
CA ILE D 498 15.77 4.56 -35.17
C ILE D 498 15.58 4.46 -36.68
N PHE D 499 14.48 4.98 -37.21
CA PHE D 499 14.23 4.96 -38.65
C PHE D 499 14.50 6.32 -39.29
PB ADP E . 2.17 34.54 18.53
O1B ADP E . 3.43 34.78 19.34
O2B ADP E . 2.02 35.52 17.40
O3B ADP E . 0.94 34.44 19.39
PA ADP E . 1.38 32.14 16.99
O1A ADP E . 2.24 31.47 15.96
O2A ADP E . 0.18 32.92 16.56
O3A ADP E . 2.36 33.10 17.82
O5' ADP E . 0.92 31.04 18.07
C5' ADP E . 0.10 29.98 17.53
C4' ADP E . -0.42 29.08 18.63
O4' ADP E . 0.67 28.68 19.49
C3' ADP E . -1.45 29.72 19.58
O3' ADP E . -2.37 28.73 20.04
C2' ADP E . -0.58 30.19 20.75
O2' ADP E . -1.28 30.41 21.96
C1' ADP E . 0.37 29.00 20.83
N9 ADP E . 1.62 29.24 21.54
C8 ADP E . 2.34 30.41 21.59
N7 ADP E . 3.41 30.32 22.33
C5 ADP E . 3.39 29.01 22.80
C6 ADP E . 4.26 28.30 23.65
N6 ADP E . 5.37 28.83 24.17
N1 ADP E . 3.96 27.02 23.93
C2 ADP E . 2.84 26.50 23.39
N3 ADP E . 1.95 27.06 22.59
C4 ADP E . 2.29 28.34 22.33
NA NA F . -11.33 37.13 18.17
PB ADP G . -1.59 -19.52 -33.90
O1B ADP G . -1.27 -20.95 -33.51
O2B ADP G . -0.48 -18.85 -34.67
O3B ADP G . -2.94 -19.37 -34.58
PA ADP G . -0.68 -17.80 -31.69
O1A ADP G . 0.52 -17.53 -32.52
O2A ADP G . -1.46 -16.66 -31.10
O3A ADP G . -1.72 -18.68 -32.53
O5' ADP G . -0.28 -18.81 -30.50
C5' ADP G . 0.57 -18.32 -29.43
C4' ADP G . 0.96 -19.46 -28.51
O4' ADP G . -0.23 -20.21 -28.16
C3' ADP G . 1.91 -20.50 -29.10
O3' ADP G . 2.73 -21.05 -28.07
C2' ADP G . 0.95 -21.58 -29.62
O2' ADP G . 1.55 -22.83 -29.85
C1' ADP G . -0.05 -21.57 -28.48
N9 ADP G . -1.35 -22.16 -28.81
C8 ADP G . -2.00 -22.10 -30.02
N7 ADP G . -3.14 -22.74 -30.02
C5 ADP G . -3.26 -23.24 -28.74
C6 ADP G . -4.26 -24.01 -28.11
N6 ADP G . -5.36 -24.41 -28.73
N1 ADP G . -4.06 -24.35 -26.81
C2 ADP G . -2.95 -23.94 -26.20
N3 ADP G . -1.94 -23.22 -26.68
C4 ADP G . -2.16 -22.89 -27.98
NA NA H . 12.18 -19.74 -36.26
PB ADP I . 27.84 10.46 25.10
O1B ADP I . 28.12 9.77 26.42
O2B ADP I . 28.64 9.88 23.96
O3B ADP I . 27.95 11.96 25.17
PA ADP I . 25.69 8.86 24.00
O1A ADP I . 26.61 7.71 24.19
O2A ADP I . 24.25 8.65 24.37
O3A ADP I . 26.30 10.14 24.73
O5' ADP I . 25.82 9.39 22.48
C5' ADP I . 25.49 8.63 21.30
C4' ADP I . 25.99 9.42 20.11
O4' ADP I . 25.47 10.78 20.23
C3' ADP I . 27.51 9.59 20.02
O3' ADP I . 27.93 9.68 18.66
C2' ADP I . 27.74 10.94 20.72
O2' ADP I . 28.98 11.55 20.44
C1' ADP I . 26.54 11.71 20.19
N9 ADP I . 26.17 12.89 20.95
C8 ADP I . 26.28 13.06 22.31
N7 ADP I . 25.89 14.25 22.71
C5 ADP I . 25.50 14.90 21.54
C6 ADP I . 25.00 16.19 21.31
N6 ADP I . 24.79 17.08 22.27
N1 ADP I . 24.72 16.53 20.02
C2 ADP I . 24.93 15.62 19.07
N3 ADP I . 25.41 14.39 19.17
C4 ADP I . 25.68 14.08 20.45
NA NA J . 37.19 1.72 21.14
PB ADP K . -28.48 -24.84 -10.29
O1B ADP K . -29.21 -24.99 -8.98
O2B ADP K . -28.06 -26.17 -10.87
O3B ADP K . -29.22 -23.96 -11.28
PA ADP K . -26.69 -23.06 -8.77
O1A ADP K . -25.25 -23.31 -8.45
O2A ADP K . -27.72 -23.12 -7.69
O3A ADP K . -27.11 -24.07 -9.95
O5' ADP K . -26.83 -21.66 -9.55
C5' ADP K . -26.48 -20.42 -8.89
C4' ADP K . -26.85 -19.26 -9.79
O4' ADP K . -26.32 -19.52 -11.11
C3' ADP K . -28.35 -19.03 -10.01
O3' ADP K . -28.60 -17.65 -10.25
C2' ADP K . -28.62 -19.82 -11.30
O2' ADP K . -29.82 -19.45 -11.94
C1' ADP K . -27.35 -19.46 -12.07
N9 ADP K . -27.05 -20.37 -13.17
C8 ADP K . -27.30 -21.73 -13.21
N7 ADP K . -26.92 -22.28 -14.33
C5 ADP K . -26.40 -21.23 -15.08
C6 ADP K . -25.83 -21.18 -16.36
N6 ADP K . -25.70 -22.24 -17.15
N1 ADP K . -25.41 -19.97 -16.82
C2 ADP K . -25.55 -18.91 -16.02
N3 ADP K . -26.06 -18.84 -14.80
C4 ADP K . -26.48 -20.05 -14.37
NA NA L . -37.99 -19.58 -2.74
#